data_9KD1
#
_entry.id   9KD1
#
_cell.length_a   71.640
_cell.length_b   75.446
_cell.length_c   102.068
_cell.angle_alpha   97.69
_cell.angle_beta   96.42
_cell.angle_gamma   95.33
#
_symmetry.space_group_name_H-M   'P 1'
#
loop_
_entity.id
_entity.type
_entity.pdbx_description
1 polymer 'Oxidoreductase, short chain dehydrogenase/reductase family protein'
2 non-polymer 'ACETATE ION'
3 water water
#
_entity_poly.entity_id   1
_entity_poly.type   'polypeptide(L)'
_entity_poly.pdbx_seq_one_letter_code
;MNQFLNFSLEGKVALVTGASYGIGFAIASAFAEQGAKVCFNDINQELVDKGMAAYAAKGIKAHGYVCDVTDEPAVQAMVA
TIAKEVGTIDILVNNAGIIRRVPMHEMDAADFRRVIDIDLNAPFIVAKAVLPAMMEKRAGKIINICSMMSELGRETVSAY
AAAKGGLKMLTRNICSEYGEYNIQCNGIGPGYIATPQTAPLREPQADGSRHPFDSFICAKTPAGRWLDPEELTGPAVFLA
SEASNAVNGHILYVDGGILAYIGKQPKLEHHHHHH
;
_entity_poly.pdbx_strand_id   A,B,C,D,E,F,G,H
#
# COMPACT_ATOMS: atom_id res chain seq x y z
N MET A 1 13.55 -32.06 8.15
CA MET A 1 14.66 -32.07 9.14
C MET A 1 14.45 -30.95 10.16
N ASN A 2 15.41 -30.81 11.07
CA ASN A 2 15.34 -29.84 12.15
C ASN A 2 15.46 -28.43 11.58
N GLN A 3 14.32 -27.73 11.47
CA GLN A 3 14.26 -26.38 10.91
C GLN A 3 14.98 -25.39 11.83
N PHE A 4 15.07 -25.71 13.13
CA PHE A 4 15.66 -24.79 14.10
C PHE A 4 17.18 -24.71 13.93
N LEU A 5 17.78 -25.76 13.36
CA LEU A 5 19.21 -25.81 13.14
C LEU A 5 19.50 -25.90 11.64
N ASN A 6 18.59 -25.35 10.82
CA ASN A 6 18.72 -25.38 9.37
C ASN A 6 19.47 -24.13 8.91
N PHE A 7 20.76 -24.30 8.60
CA PHE A 7 21.61 -23.20 8.15
C PHE A 7 21.72 -23.20 6.62
N SER A 8 21.03 -24.11 5.93
CA SER A 8 21.13 -24.19 4.48
C SER A 8 20.20 -23.17 3.83
N LEU A 9 20.55 -22.75 2.61
CA LEU A 9 19.77 -21.76 1.86
C LEU A 9 19.29 -22.34 0.53
N GLU A 10 19.21 -23.67 0.43
CA GLU A 10 18.93 -24.34 -0.83
C GLU A 10 17.66 -23.78 -1.45
N GLY A 11 17.77 -23.27 -2.69
CA GLY A 11 16.62 -22.88 -3.48
C GLY A 11 16.31 -21.38 -3.37
N LYS A 12 16.75 -20.76 -2.27
CA LYS A 12 16.41 -19.37 -1.98
C LYS A 12 17.10 -18.46 -2.99
N VAL A 13 16.34 -17.50 -3.54
CA VAL A 13 16.92 -16.50 -4.43
C VAL A 13 17.42 -15.33 -3.59
N ALA A 14 18.71 -15.02 -3.75
CA ALA A 14 19.37 -13.96 -3.01
C ALA A 14 19.86 -12.87 -3.95
N LEU A 15 19.57 -11.62 -3.61
CA LEU A 15 20.19 -10.46 -4.22
C LEU A 15 21.14 -9.82 -3.20
N VAL A 16 22.42 -9.71 -3.57
CA VAL A 16 23.39 -8.96 -2.80
C VAL A 16 23.84 -7.79 -3.67
N THR A 17 23.53 -6.55 -3.25
CA THR A 17 23.82 -5.38 -4.06
C THR A 17 25.31 -5.05 -3.96
N GLY A 18 25.83 -4.52 -5.07
CA GLY A 18 27.24 -4.15 -5.20
C GLY A 18 28.21 -5.32 -4.98
N ALA A 19 27.81 -6.55 -5.31
CA ALA A 19 28.57 -7.73 -4.91
C ALA A 19 29.46 -8.25 -6.04
N SER A 20 30.10 -7.31 -6.77
CA SER A 20 31.08 -7.69 -7.77
C SER A 20 32.43 -8.01 -7.11
N TYR A 21 32.66 -7.50 -5.89
CA TYR A 21 33.90 -7.78 -5.17
C TYR A 21 33.71 -7.53 -3.66
N GLY A 22 34.79 -7.75 -2.90
CA GLY A 22 34.84 -7.40 -1.49
C GLY A 22 33.87 -8.23 -0.65
N ILE A 23 33.31 -7.58 0.38
CA ILE A 23 32.46 -8.21 1.37
C ILE A 23 31.20 -8.79 0.72
N GLY A 24 30.57 -8.00 -0.16
CA GLY A 24 29.41 -8.46 -0.91
C GLY A 24 29.69 -9.78 -1.61
N PHE A 25 30.83 -9.86 -2.30
CA PHE A 25 31.20 -11.04 -3.09
C PHE A 25 31.42 -12.24 -2.17
N ALA A 26 32.09 -11.99 -1.04
CA ALA A 26 32.34 -13.02 -0.05
C ALA A 26 31.02 -13.60 0.47
N ILE A 27 30.04 -12.73 0.73
CA ILE A 27 28.75 -13.13 1.28
C ILE A 27 27.97 -13.89 0.22
N ALA A 28 27.86 -13.32 -0.98
CA ALA A 28 27.16 -13.96 -2.09
C ALA A 28 27.73 -15.34 -2.39
N SER A 29 29.06 -15.47 -2.33
CA SER A 29 29.71 -16.75 -2.59
C SER A 29 29.36 -17.77 -1.50
N ALA A 30 29.27 -17.33 -0.25
CA ALA A 30 28.87 -18.21 0.85
C ALA A 30 27.41 -18.63 0.69
N PHE A 31 26.56 -17.71 0.21
CA PHE A 31 25.17 -18.02 -0.04
C PHE A 31 25.10 -19.16 -1.05
N ALA A 32 25.90 -19.07 -2.13
CA ALA A 32 25.92 -20.09 -3.17
C ALA A 32 26.34 -21.45 -2.60
N GLU A 33 27.42 -21.48 -1.81
CA GLU A 33 27.89 -22.71 -1.18
C GLU A 33 26.77 -23.35 -0.33
N GLN A 34 25.84 -22.53 0.18
CA GLN A 34 24.74 -23.02 1.01
C GLN A 34 23.48 -23.31 0.17
N GLY A 35 23.60 -23.27 -1.16
CA GLY A 35 22.56 -23.76 -2.05
C GLY A 35 21.69 -22.65 -2.64
N ALA A 36 22.09 -21.39 -2.45
CA ALA A 36 21.29 -20.25 -2.87
C ALA A 36 21.53 -19.94 -4.35
N LYS A 37 20.49 -19.40 -5.01
CA LYS A 37 20.62 -18.83 -6.34
C LYS A 37 20.93 -17.34 -6.18
N VAL A 38 22.12 -16.93 -6.63
CA VAL A 38 22.67 -15.66 -6.23
C VAL A 38 22.67 -14.71 -7.41
N CYS A 39 22.22 -13.48 -7.12
CA CYS A 39 22.22 -12.37 -8.05
C CYS A 39 22.95 -11.20 -7.41
N PHE A 40 23.57 -10.34 -8.23
CA PHE A 40 24.18 -9.11 -7.75
C PHE A 40 24.00 -8.03 -8.81
N ASN A 41 24.24 -6.78 -8.40
CA ASN A 41 24.28 -5.67 -9.32
C ASN A 41 25.59 -4.91 -9.12
N ASP A 42 26.01 -4.18 -10.16
CA ASP A 42 26.94 -3.08 -9.99
C ASP A 42 26.53 -1.95 -10.93
N ILE A 43 27.38 -0.92 -11.04
CA ILE A 43 26.97 0.38 -11.58
C ILE A 43 27.23 0.45 -13.09
N ASN A 44 28.13 -0.38 -13.61
CA ASN A 44 28.43 -0.39 -15.03
C ASN A 44 28.74 -1.81 -15.47
N GLN A 45 28.76 -2.03 -16.80
CA GLN A 45 28.91 -3.36 -17.38
C GLN A 45 30.28 -3.96 -17.08
N GLU A 46 31.30 -3.12 -16.96
CA GLU A 46 32.66 -3.59 -16.77
C GLU A 46 32.76 -4.31 -15.42
N LEU A 47 32.13 -3.73 -14.38
CA LEU A 47 32.11 -4.33 -13.05
C LEU A 47 31.27 -5.60 -13.03
N VAL A 48 30.09 -5.55 -13.64
CA VAL A 48 29.23 -6.72 -13.70
C VAL A 48 30.02 -7.89 -14.30
N ASP A 49 30.68 -7.65 -15.45
CA ASP A 49 31.36 -8.70 -16.20
C ASP A 49 32.49 -9.31 -15.38
N LYS A 50 33.29 -8.45 -14.74
CA LYS A 50 34.39 -8.94 -13.91
C LYS A 50 33.78 -9.73 -12.73
N GLY A 51 32.69 -9.23 -12.17
CA GLY A 51 31.99 -9.92 -11.10
C GLY A 51 31.63 -11.34 -11.54
N MET A 52 30.92 -11.42 -12.67
CA MET A 52 30.43 -12.68 -13.21
C MET A 52 31.58 -13.68 -13.38
N ALA A 53 32.72 -13.19 -13.88
CA ALA A 53 33.87 -14.04 -14.16
C ALA A 53 34.45 -14.57 -12.84
N ALA A 54 34.49 -13.72 -11.80
CA ALA A 54 35.03 -14.13 -10.52
C ALA A 54 34.15 -15.22 -9.90
N TYR A 55 32.83 -15.10 -10.04
CA TYR A 55 31.92 -16.14 -9.59
C TYR A 55 32.14 -17.42 -10.39
N ALA A 56 32.37 -17.28 -11.70
CA ALA A 56 32.47 -18.42 -12.60
C ALA A 56 33.72 -19.24 -12.30
N ALA A 57 34.81 -18.55 -11.95
CA ALA A 57 36.07 -19.21 -11.60
C ALA A 57 35.95 -20.00 -10.29
N LYS A 58 35.00 -19.61 -9.43
CA LYS A 58 34.81 -20.28 -8.14
C LYS A 58 33.73 -21.36 -8.26
N GLY A 59 33.26 -21.60 -9.50
CA GLY A 59 32.27 -22.63 -9.77
C GLY A 59 30.86 -22.18 -9.42
N ILE A 60 30.66 -20.85 -9.40
CA ILE A 60 29.39 -20.25 -9.00
C ILE A 60 28.77 -19.60 -10.24
N LYS A 61 27.57 -20.05 -10.61
CA LYS A 61 26.80 -19.40 -11.67
C LYS A 61 25.92 -18.31 -11.05
N ALA A 62 26.32 -17.06 -11.21
CA ALA A 62 25.57 -15.93 -10.68
C ALA A 62 24.80 -15.23 -11.79
N HIS A 63 23.86 -14.38 -11.37
CA HIS A 63 23.18 -13.46 -12.26
C HIS A 63 23.58 -12.04 -11.90
N GLY A 64 24.21 -11.34 -12.85
CA GLY A 64 24.70 -10.00 -12.63
C GLY A 64 23.94 -8.98 -13.48
N TYR A 65 23.67 -7.81 -12.87
CA TYR A 65 22.83 -6.79 -13.48
C TYR A 65 23.48 -5.41 -13.31
N VAL A 66 23.41 -4.62 -14.39
CA VAL A 66 23.81 -3.22 -14.35
C VAL A 66 22.64 -2.45 -13.74
N CYS A 67 22.85 -1.81 -12.59
CA CYS A 67 21.75 -1.11 -11.95
C CYS A 67 22.25 -0.06 -10.95
N ASP A 68 21.60 1.11 -11.00
CA ASP A 68 21.79 2.18 -10.04
C ASP A 68 20.71 2.08 -8.96
N VAL A 69 21.13 1.74 -7.74
CA VAL A 69 20.22 1.44 -6.65
C VAL A 69 19.49 2.70 -6.14
N THR A 70 19.90 3.89 -6.60
CA THR A 70 19.20 5.13 -6.27
C THR A 70 18.09 5.42 -7.29
N ASP A 71 18.07 4.69 -8.41
CA ASP A 71 17.09 4.87 -9.48
C ASP A 71 15.93 3.88 -9.27
N GLU A 72 14.85 4.31 -8.59
CA GLU A 72 13.77 3.41 -8.21
C GLU A 72 13.26 2.63 -9.42
N PRO A 73 12.87 3.28 -10.55
CA PRO A 73 12.36 2.54 -11.71
C PRO A 73 13.29 1.45 -12.21
N ALA A 74 14.61 1.71 -12.18
CA ALA A 74 15.59 0.72 -12.57
C ALA A 74 15.63 -0.44 -11.57
N VAL A 75 15.54 -0.13 -10.26
CA VAL A 75 15.55 -1.17 -9.25
C VAL A 75 14.36 -2.10 -9.50
N GLN A 76 13.20 -1.51 -9.78
CA GLN A 76 11.98 -2.28 -10.03
C GLN A 76 12.14 -3.19 -11.24
N ALA A 77 12.74 -2.68 -12.32
CA ALA A 77 12.96 -3.47 -13.53
C ALA A 77 13.91 -4.62 -13.25
N MET A 78 14.99 -4.33 -12.49
CA MET A 78 15.94 -5.36 -12.10
C MET A 78 15.24 -6.43 -11.24
N VAL A 79 14.49 -6.00 -10.23
CA VAL A 79 13.85 -6.97 -9.35
C VAL A 79 12.89 -7.83 -10.17
N ALA A 80 12.21 -7.22 -11.16
CA ALA A 80 11.26 -7.94 -12.00
C ALA A 80 11.96 -8.89 -12.96
N THR A 81 13.12 -8.49 -13.50
CA THR A 81 13.88 -9.37 -14.38
C THR A 81 14.40 -10.56 -13.57
N ILE A 82 14.92 -10.30 -12.36
CA ILE A 82 15.32 -11.38 -11.46
C ILE A 82 14.16 -12.34 -11.24
N ALA A 83 12.94 -11.81 -11.09
CA ALA A 83 11.80 -12.66 -10.83
C ALA A 83 11.55 -13.58 -12.02
N LYS A 84 11.79 -13.09 -13.24
CA LYS A 84 11.55 -13.86 -14.46
C LYS A 84 12.66 -14.88 -14.70
N GLU A 85 13.91 -14.48 -14.48
CA GLU A 85 15.06 -15.30 -14.85
C GLU A 85 15.40 -16.32 -13.76
N VAL A 86 15.20 -15.95 -12.48
CA VAL A 86 15.72 -16.75 -11.38
C VAL A 86 14.57 -17.14 -10.44
N GLY A 87 13.77 -16.16 -10.03
CA GLY A 87 12.68 -16.34 -9.08
C GLY A 87 12.57 -15.13 -8.17
N THR A 88 11.40 -14.93 -7.54
CA THR A 88 11.20 -13.77 -6.68
C THR A 88 12.21 -13.82 -5.53
N ILE A 89 12.72 -12.64 -5.16
CA ILE A 89 13.83 -12.52 -4.23
C ILE A 89 13.36 -12.92 -2.84
N ASP A 90 14.09 -13.85 -2.22
CA ASP A 90 13.77 -14.41 -0.92
C ASP A 90 14.69 -13.80 0.15
N ILE A 91 15.94 -13.51 -0.25
CA ILE A 91 16.96 -12.91 0.60
C ILE A 91 17.56 -11.69 -0.11
N LEU A 92 17.44 -10.52 0.52
CA LEU A 92 18.09 -9.30 0.09
C LEU A 92 19.21 -8.97 1.08
N VAL A 93 20.40 -8.65 0.55
CA VAL A 93 21.46 -8.05 1.34
C VAL A 93 21.78 -6.68 0.75
N ASN A 94 21.47 -5.62 1.51
CA ASN A 94 21.79 -4.26 1.16
C ASN A 94 23.24 -3.98 1.54
N ASN A 95 24.11 -3.99 0.52
CA ASN A 95 25.55 -4.02 0.74
C ASN A 95 26.24 -2.89 -0.02
N ALA A 96 25.71 -2.53 -1.20
CA ALA A 96 26.31 -1.48 -2.00
C ALA A 96 26.29 -0.17 -1.23
N GLY A 97 27.39 0.59 -1.33
CA GLY A 97 27.51 1.84 -0.61
C GLY A 97 28.81 2.53 -0.93
N ILE A 98 28.93 3.77 -0.45
CA ILE A 98 30.12 4.57 -0.65
C ILE A 98 30.50 5.22 0.67
N ILE A 99 31.76 5.68 0.73
CA ILE A 99 32.24 6.48 1.83
C ILE A 99 32.94 7.71 1.25
N ARG A 100 32.67 8.86 1.88
CA ARG A 100 33.40 10.10 1.64
C ARG A 100 34.07 10.49 2.95
N ARG A 101 35.23 11.15 2.83
CA ARG A 101 35.98 11.63 3.97
C ARG A 101 36.26 13.12 3.77
N VAL A 102 35.57 13.94 4.55
CA VAL A 102 35.66 15.38 4.42
C VAL A 102 35.12 15.99 5.71
N PRO A 103 35.81 17.00 6.29
CA PRO A 103 35.28 17.70 7.46
C PRO A 103 33.86 18.21 7.20
N MET A 104 32.97 18.03 8.18
CA MET A 104 31.56 18.26 7.94
C MET A 104 31.31 19.71 7.51
N HIS A 105 31.95 20.67 8.21
CA HIS A 105 31.74 22.07 7.92
C HIS A 105 32.24 22.44 6.53
N GLU A 106 33.05 21.59 5.88
CA GLU A 106 33.56 21.85 4.54
C GLU A 106 32.86 21.02 3.47
N MET A 107 31.96 20.12 3.88
CA MET A 107 31.36 19.17 2.95
C MET A 107 30.24 19.86 2.17
N ASP A 108 30.26 19.69 0.85
CA ASP A 108 29.17 20.19 0.02
C ASP A 108 27.89 19.45 0.38
N ALA A 109 26.77 20.18 0.39
CA ALA A 109 25.45 19.62 0.65
C ALA A 109 25.13 18.51 -0.36
N ALA A 110 25.51 18.72 -1.62
CA ALA A 110 25.33 17.73 -2.67
C ALA A 110 26.01 16.39 -2.31
N ASP A 111 27.21 16.48 -1.73
CA ASP A 111 27.99 15.29 -1.44
C ASP A 111 27.43 14.59 -0.20
N PHE A 112 27.07 15.37 0.82
CA PHE A 112 26.37 14.85 2.00
C PHE A 112 25.13 14.07 1.55
N ARG A 113 24.28 14.72 0.74
CA ARG A 113 23.02 14.16 0.29
C ARG A 113 23.23 12.88 -0.52
N ARG A 114 24.32 12.83 -1.29
CA ARG A 114 24.64 11.68 -2.14
C ARG A 114 25.00 10.47 -1.28
N VAL A 115 25.72 10.70 -0.16
CA VAL A 115 26.12 9.64 0.74
C VAL A 115 24.86 9.04 1.37
N ILE A 116 23.99 9.93 1.87
CA ILE A 116 22.73 9.52 2.45
C ILE A 116 21.90 8.75 1.43
N ASP A 117 21.90 9.21 0.17
CA ASP A 117 21.04 8.61 -0.83
C ASP A 117 21.46 7.17 -1.14
N ILE A 118 22.78 6.91 -1.27
CA ILE A 118 23.25 5.60 -1.66
C ILE A 118 23.20 4.66 -0.46
N ASP A 119 23.55 5.19 0.73
CA ASP A 119 23.79 4.34 1.88
C ASP A 119 22.54 4.22 2.76
N LEU A 120 21.51 5.04 2.53
CA LEU A 120 20.31 4.99 3.36
C LEU A 120 19.05 4.93 2.49
N ASN A 121 18.93 5.82 1.49
CA ASN A 121 17.72 5.87 0.71
C ASN A 121 17.62 4.62 -0.17
N ALA A 122 18.74 4.20 -0.78
CA ALA A 122 18.73 3.05 -1.68
C ALA A 122 18.36 1.75 -0.96
N PRO A 123 18.92 1.43 0.24
CA PRO A 123 18.42 0.29 1.00
C PRO A 123 16.89 0.27 1.17
N PHE A 124 16.27 1.44 1.40
CA PHE A 124 14.82 1.55 1.49
C PHE A 124 14.16 1.20 0.14
N ILE A 125 14.73 1.71 -0.96
CA ILE A 125 14.18 1.50 -2.29
C ILE A 125 14.18 0.02 -2.66
N VAL A 126 15.26 -0.69 -2.32
CA VAL A 126 15.41 -2.08 -2.73
C VAL A 126 14.55 -2.97 -1.84
N ALA A 127 14.50 -2.69 -0.53
CA ALA A 127 13.62 -3.40 0.40
C ALA A 127 12.16 -3.26 -0.04
N LYS A 128 11.76 -2.02 -0.36
CA LYS A 128 10.42 -1.75 -0.86
C LYS A 128 10.08 -2.67 -2.03
N ALA A 129 11.04 -2.84 -2.94
CA ALA A 129 10.84 -3.58 -4.18
C ALA A 129 10.72 -5.10 -3.99
N VAL A 130 11.28 -5.64 -2.91
CA VAL A 130 11.31 -7.10 -2.73
C VAL A 130 10.25 -7.55 -1.73
N LEU A 131 9.67 -6.62 -0.95
CA LEU A 131 8.75 -6.97 0.12
C LEU A 131 7.46 -7.61 -0.40
N PRO A 132 6.87 -7.18 -1.55
CA PRO A 132 5.59 -7.76 -1.99
C PRO A 132 5.54 -9.28 -1.99
N ALA A 133 6.52 -9.93 -2.65
CA ALA A 133 6.49 -11.38 -2.79
C ALA A 133 6.78 -12.05 -1.45
N MET A 134 7.66 -11.44 -0.63
CA MET A 134 7.96 -11.98 0.68
C MET A 134 6.71 -11.99 1.54
N MET A 135 5.89 -10.94 1.39
CA MET A 135 4.65 -10.83 2.15
C MET A 135 3.65 -11.89 1.70
N GLU A 136 3.58 -12.17 0.39
CA GLU A 136 2.68 -13.17 -0.18
C GLU A 136 3.10 -14.58 0.25
N LYS A 137 4.41 -14.79 0.36
CA LYS A 137 4.96 -16.09 0.70
C LYS A 137 4.98 -16.30 2.21
N ARG A 138 4.79 -15.23 2.98
CA ARG A 138 4.97 -15.28 4.43
C ARG A 138 6.36 -15.84 4.76
N ALA A 139 7.38 -15.38 4.03
CA ALA A 139 8.77 -15.73 4.30
C ALA A 139 9.69 -14.73 3.61
N GLY A 140 10.75 -14.31 4.29
CA GLY A 140 11.68 -13.35 3.72
C GLY A 140 12.80 -12.98 4.68
N LYS A 141 13.94 -12.55 4.09
CA LYS A 141 15.11 -12.12 4.85
C LYS A 141 15.68 -10.86 4.19
N ILE A 142 15.84 -9.80 4.99
CA ILE A 142 16.51 -8.58 4.56
C ILE A 142 17.65 -8.30 5.55
N ILE A 143 18.89 -8.33 5.05
CA ILE A 143 20.08 -8.08 5.85
C ILE A 143 20.73 -6.80 5.37
N ASN A 144 20.79 -5.79 6.26
CA ASN A 144 21.44 -4.52 5.97
C ASN A 144 22.90 -4.54 6.47
N ILE A 145 23.87 -4.18 5.61
CA ILE A 145 25.26 -4.09 6.04
C ILE A 145 25.47 -2.73 6.70
N CYS A 146 25.46 -2.71 8.05
CA CYS A 146 25.58 -1.47 8.80
C CYS A 146 27.07 -1.15 9.00
N SER A 147 27.46 -0.67 10.18
CA SER A 147 28.81 -0.20 10.41
C SER A 147 29.02 -0.01 11.92
N MET A 148 30.28 0.03 12.34
CA MET A 148 30.61 0.56 13.66
C MET A 148 30.17 2.02 13.73
N MET A 149 30.06 2.67 12.56
CA MET A 149 29.58 4.05 12.50
C MET A 149 28.05 4.12 12.63
N SER A 150 27.37 2.96 12.79
CA SER A 150 25.99 2.94 13.23
C SER A 150 25.88 3.26 14.72
N GLU A 151 27.02 3.19 15.44
CA GLU A 151 27.10 3.43 16.88
C GLU A 151 28.02 4.60 17.22
N LEU A 152 29.14 4.76 16.50
CA LEU A 152 30.21 5.65 16.92
C LEU A 152 30.65 6.56 15.78
N GLY A 153 30.93 7.82 16.12
CA GLY A 153 31.31 8.83 15.16
C GLY A 153 32.83 9.01 15.07
N ARG A 154 33.25 9.74 14.03
CA ARG A 154 34.66 10.04 13.82
C ARG A 154 34.77 11.27 12.91
N GLU A 155 35.89 11.99 13.04
CA GLU A 155 36.16 13.10 12.16
C GLU A 155 36.16 12.59 10.71
N THR A 156 35.61 13.42 9.82
CA THR A 156 35.59 13.29 8.37
C THR A 156 34.42 12.45 7.87
N VAL A 157 33.78 11.62 8.70
CA VAL A 157 32.81 10.66 8.18
C VAL A 157 31.40 10.93 8.72
N SER A 158 31.05 12.22 8.86
CA SER A 158 29.73 12.63 9.34
C SER A 158 28.59 12.07 8.49
N ALA A 159 28.67 12.22 7.16
CA ALA A 159 27.60 11.78 6.28
C ALA A 159 27.43 10.27 6.38
N TYR A 160 28.55 9.54 6.47
CA TYR A 160 28.53 8.08 6.51
C TYR A 160 27.91 7.57 7.81
N ALA A 161 28.26 8.21 8.93
CA ALA A 161 27.73 7.87 10.24
C ALA A 161 26.21 8.09 10.27
N ALA A 162 25.75 9.24 9.78
CA ALA A 162 24.34 9.56 9.69
C ALA A 162 23.58 8.49 8.87
N ALA A 163 24.11 8.16 7.68
CA ALA A 163 23.52 7.13 6.83
C ALA A 163 23.43 5.80 7.58
N LYS A 164 24.52 5.41 8.23
CA LYS A 164 24.59 4.13 8.90
C LYS A 164 23.73 4.13 10.16
N GLY A 165 23.67 5.27 10.87
CA GLY A 165 22.75 5.46 11.98
C GLY A 165 21.29 5.27 11.54
N GLY A 166 20.99 5.83 10.36
CA GLY A 166 19.67 5.72 9.76
C GLY A 166 19.34 4.29 9.37
N LEU A 167 20.32 3.60 8.76
CA LEU A 167 20.14 2.23 8.31
C LEU A 167 19.88 1.29 9.49
N LYS A 168 20.51 1.56 10.64
CA LYS A 168 20.25 0.78 11.83
C LYS A 168 18.76 0.88 12.19
N MET A 169 18.21 2.11 12.17
CA MET A 169 16.83 2.35 12.54
C MET A 169 15.86 1.90 11.45
N LEU A 170 16.29 1.94 10.18
CA LEU A 170 15.49 1.38 9.11
C LEU A 170 15.35 -0.14 9.30
N THR A 171 16.42 -0.82 9.74
CA THR A 171 16.38 -2.25 10.03
C THR A 171 15.34 -2.56 11.12
N ARG A 172 15.40 -1.82 12.24
CA ARG A 172 14.43 -1.95 13.33
C ARG A 172 13.00 -1.70 12.85
N ASN A 173 12.82 -0.73 11.95
CA ASN A 173 11.48 -0.37 11.49
C ASN A 173 10.89 -1.44 10.58
N ILE A 174 11.71 -2.06 9.72
CA ILE A 174 11.23 -3.06 8.78
C ILE A 174 10.81 -4.30 9.58
N CYS A 175 11.60 -4.65 10.60
CA CYS A 175 11.24 -5.67 11.57
C CYS A 175 9.88 -5.34 12.20
N SER A 176 9.76 -4.15 12.77
CA SER A 176 8.52 -3.70 13.40
C SER A 176 7.33 -3.85 12.44
N GLU A 177 7.52 -3.48 11.18
CA GLU A 177 6.42 -3.33 10.23
C GLU A 177 6.12 -4.62 9.48
N TYR A 178 7.14 -5.46 9.19
CA TYR A 178 6.94 -6.61 8.31
C TYR A 178 7.19 -7.94 9.02
N GLY A 179 7.64 -7.92 10.28
CA GLY A 179 7.89 -9.14 11.03
C GLY A 179 6.67 -10.05 11.10
N GLU A 180 5.46 -9.47 11.11
CA GLU A 180 4.24 -10.25 11.24
C GLU A 180 4.05 -11.17 10.04
N TYR A 181 4.74 -10.89 8.92
CA TYR A 181 4.62 -11.72 7.72
C TYR A 181 5.66 -12.83 7.72
N ASN A 182 6.32 -13.05 8.87
CA ASN A 182 7.42 -14.00 8.95
C ASN A 182 8.56 -13.53 8.04
N ILE A 183 8.78 -12.21 8.03
CA ILE A 183 9.93 -11.60 7.37
C ILE A 183 10.84 -11.07 8.47
N GLN A 184 12.14 -11.39 8.37
CA GLN A 184 13.12 -10.95 9.34
C GLN A 184 14.07 -9.95 8.69
N CYS A 185 14.16 -8.74 9.26
CA CYS A 185 15.15 -7.76 8.86
C CYS A 185 16.15 -7.53 9.99
N ASN A 186 17.44 -7.72 9.67
CA ASN A 186 18.52 -7.61 10.61
C ASN A 186 19.71 -6.92 9.96
N GLY A 187 20.69 -6.55 10.79
CA GLY A 187 21.91 -5.91 10.32
C GLY A 187 23.15 -6.74 10.64
N ILE A 188 24.20 -6.51 9.84
CA ILE A 188 25.56 -6.95 10.14
C ILE A 188 26.42 -5.71 10.25
N GLY A 189 27.09 -5.54 11.40
CA GLY A 189 28.03 -4.45 11.57
C GLY A 189 29.45 -4.99 11.60
N PRO A 190 30.20 -4.92 10.47
CA PRO A 190 31.57 -5.40 10.44
C PRO A 190 32.51 -4.49 11.22
N GLY A 191 33.57 -5.08 11.76
CA GLY A 191 34.66 -4.31 12.34
C GLY A 191 35.68 -3.96 11.24
N TYR A 192 36.96 -4.04 11.60
CA TYR A 192 38.04 -3.74 10.68
C TYR A 192 38.34 -4.98 9.83
N ILE A 193 38.09 -4.86 8.52
CA ILE A 193 38.19 -5.97 7.61
C ILE A 193 39.49 -5.84 6.79
N ALA A 194 40.25 -6.94 6.72
CA ALA A 194 41.53 -6.96 6.02
C ALA A 194 41.31 -7.23 4.53
N THR A 195 41.07 -6.15 3.76
CA THR A 195 40.79 -6.25 2.34
C THR A 195 42.06 -5.93 1.55
N PRO A 196 42.04 -6.10 0.21
CA PRO A 196 43.09 -5.55 -0.64
C PRO A 196 43.20 -4.02 -0.57
N GLN A 197 42.05 -3.36 -0.37
CA GLN A 197 41.99 -1.91 -0.28
C GLN A 197 42.75 -1.43 0.97
N THR A 198 42.67 -2.19 2.07
CA THR A 198 43.25 -1.79 3.34
C THR A 198 44.63 -2.43 3.53
N ALA A 199 45.19 -2.98 2.44
CA ALA A 199 46.50 -3.65 2.46
C ALA A 199 47.62 -2.71 2.91
N PRO A 200 47.68 -1.45 2.41
CA PRO A 200 48.74 -0.52 2.84
C PRO A 200 48.81 -0.33 4.35
N LEU A 201 47.64 -0.31 5.00
CA LEU A 201 47.54 0.01 6.42
C LEU A 201 48.18 -1.09 7.28
N ARG A 202 48.41 -2.27 6.67
CA ARG A 202 49.22 -3.32 7.28
C ARG A 202 50.57 -3.39 6.54
N HIS A 211 53.45 -1.26 11.41
CA HIS A 211 52.68 -0.08 10.92
C HIS A 211 51.88 0.50 12.09
N PRO A 212 51.80 1.84 12.24
CA PRO A 212 51.09 2.45 13.37
C PRO A 212 49.58 2.26 13.34
N PHE A 213 49.00 2.19 12.13
CA PHE A 213 47.57 1.98 12.00
C PHE A 213 47.22 0.54 12.39
N ASP A 214 48.06 -0.42 11.99
CA ASP A 214 47.86 -1.81 12.36
C ASP A 214 47.83 -1.94 13.88
N SER A 215 48.77 -1.25 14.55
CA SER A 215 48.87 -1.26 16.01
C SER A 215 47.64 -0.61 16.66
N PHE A 216 46.99 0.33 15.95
CA PHE A 216 45.79 0.98 16.47
C PHE A 216 44.61 0.00 16.44
N ILE A 217 44.43 -0.68 15.30
CA ILE A 217 43.38 -1.68 15.15
C ILE A 217 43.60 -2.81 16.15
N CYS A 218 44.87 -3.25 16.28
CA CYS A 218 45.23 -4.36 17.13
C CYS A 218 45.03 -4.01 18.61
N ALA A 219 45.21 -2.73 18.96
CA ALA A 219 45.05 -2.27 20.32
C ALA A 219 43.57 -2.19 20.70
N LYS A 220 42.75 -1.76 19.74
CA LYS A 220 41.33 -1.51 19.99
C LYS A 220 40.51 -2.80 19.93
N THR A 221 41.07 -3.87 19.36
CA THR A 221 40.35 -5.09 19.10
C THR A 221 40.74 -6.15 20.12
N PRO A 222 39.84 -6.60 21.02
CA PRO A 222 40.14 -7.73 21.90
C PRO A 222 40.76 -8.93 21.20
N ALA A 223 40.25 -9.25 19.99
CA ALA A 223 40.77 -10.34 19.19
C ALA A 223 42.23 -10.10 18.83
N GLY A 224 42.63 -8.84 18.73
CA GLY A 224 44.02 -8.46 18.49
C GLY A 224 44.47 -8.76 17.06
N ARG A 225 43.60 -8.48 16.08
CA ARG A 225 43.84 -8.78 14.68
C ARG A 225 42.75 -8.13 13.85
N TRP A 226 43.02 -7.95 12.54
CA TRP A 226 42.01 -7.62 11.55
C TRP A 226 41.12 -8.84 11.31
N LEU A 227 39.93 -8.61 10.75
CA LEU A 227 39.04 -9.68 10.35
C LEU A 227 39.22 -9.94 8.85
N ASP A 228 39.24 -11.23 8.48
CA ASP A 228 39.13 -11.66 7.11
C ASP A 228 37.69 -11.40 6.66
N PRO A 229 37.43 -11.01 5.39
CA PRO A 229 36.05 -10.83 4.90
C PRO A 229 35.16 -12.05 5.10
N GLU A 230 35.74 -13.24 4.91
CA GLU A 230 35.01 -14.48 5.01
C GLU A 230 34.45 -14.67 6.43
N GLU A 231 35.01 -13.97 7.42
CA GLU A 231 34.54 -14.09 8.79
C GLU A 231 33.17 -13.43 8.98
N LEU A 232 32.66 -12.76 7.94
CA LEU A 232 31.32 -12.19 7.95
C LEU A 232 30.30 -13.15 7.33
N THR A 233 30.77 -14.24 6.71
CA THR A 233 29.91 -15.11 5.92
C THR A 233 29.16 -16.08 6.83
N GLY A 234 29.81 -16.55 7.89
CA GLY A 234 29.11 -17.28 8.94
C GLY A 234 27.91 -16.51 9.46
N PRO A 235 28.10 -15.30 10.03
CA PRO A 235 26.99 -14.46 10.49
C PRO A 235 25.94 -14.20 9.41
N ALA A 236 26.37 -13.93 8.16
CA ALA A 236 25.44 -13.63 7.08
C ALA A 236 24.53 -14.84 6.78
N VAL A 237 25.14 -16.02 6.63
CA VAL A 237 24.38 -17.25 6.42
C VAL A 237 23.42 -17.47 7.58
N PHE A 238 23.88 -17.23 8.80
CA PHE A 238 23.06 -17.47 9.99
C PHE A 238 21.78 -16.64 9.85
N LEU A 239 21.94 -15.34 9.57
CA LEU A 239 20.82 -14.40 9.49
C LEU A 239 19.93 -14.69 8.28
N ALA A 240 20.49 -15.27 7.21
CA ALA A 240 19.71 -15.56 6.02
C ALA A 240 18.99 -16.91 6.13
N SER A 241 19.30 -17.71 7.17
CA SER A 241 18.79 -19.07 7.29
C SER A 241 17.56 -19.15 8.21
N GLU A 242 16.91 -20.32 8.15
CA GLU A 242 15.77 -20.64 9.00
C GLU A 242 16.18 -20.69 10.48
N ALA A 243 17.45 -20.98 10.76
CA ALA A 243 17.96 -21.05 12.12
C ALA A 243 17.77 -19.75 12.89
N SER A 244 17.59 -18.62 12.19
CA SER A 244 17.59 -17.32 12.83
C SER A 244 16.19 -16.69 12.83
N ASN A 245 15.14 -17.47 12.58
CA ASN A 245 13.82 -16.91 12.32
C ASN A 245 13.30 -16.08 13.50
N ALA A 246 13.77 -16.35 14.73
CA ALA A 246 13.33 -15.59 15.89
C ALA A 246 14.17 -14.34 16.11
N VAL A 247 15.27 -14.19 15.36
CA VAL A 247 16.09 -12.99 15.44
C VAL A 247 15.53 -11.99 14.44
N ASN A 248 15.10 -10.82 14.96
CA ASN A 248 14.46 -9.82 14.13
C ASN A 248 14.73 -8.42 14.69
N GLY A 249 15.09 -7.49 13.79
CA GLY A 249 15.34 -6.10 14.12
C GLY A 249 16.64 -5.90 14.90
N HIS A 250 17.65 -6.73 14.63
CA HIS A 250 18.83 -6.82 15.48
C HIS A 250 20.09 -6.57 14.65
N ILE A 251 20.98 -5.71 15.16
CA ILE A 251 22.27 -5.47 14.51
C ILE A 251 23.30 -6.45 15.09
N LEU A 252 23.74 -7.40 14.27
CA LEU A 252 24.76 -8.36 14.67
C LEU A 252 26.14 -7.78 14.37
N TYR A 253 26.82 -7.30 15.42
CA TYR A 253 28.16 -6.76 15.28
C TYR A 253 29.16 -7.91 15.18
N VAL A 254 29.98 -7.87 14.13
CA VAL A 254 31.05 -8.82 13.91
C VAL A 254 32.36 -8.03 13.83
N ASP A 255 32.96 -7.80 15.00
CA ASP A 255 33.98 -6.77 15.16
C ASP A 255 35.14 -7.24 16.05
N GLY A 256 35.19 -8.55 16.33
CA GLY A 256 36.23 -9.11 17.17
C GLY A 256 36.26 -8.53 18.58
N GLY A 257 35.22 -7.78 18.99
CA GLY A 257 35.07 -7.29 20.35
C GLY A 257 35.15 -5.77 20.49
N ILE A 258 35.38 -5.03 19.39
CA ILE A 258 35.73 -3.62 19.46
C ILE A 258 34.71 -2.84 20.29
N LEU A 259 33.43 -2.96 19.94
CA LEU A 259 32.40 -2.10 20.52
C LEU A 259 32.18 -2.41 22.00
N ALA A 260 32.67 -3.55 22.48
CA ALA A 260 32.48 -3.98 23.86
C ALA A 260 33.63 -3.50 24.76
N TYR A 261 34.71 -3.01 24.15
CA TYR A 261 35.98 -2.80 24.82
C TYR A 261 36.30 -1.31 24.85
N ILE A 262 36.76 -0.82 26.00
CA ILE A 262 37.09 0.59 26.13
C ILE A 262 38.42 0.88 25.42
N GLY A 263 39.26 -0.15 25.25
CA GLY A 263 40.49 -0.03 24.48
C GLY A 263 41.73 -0.24 25.37
N LYS A 264 42.86 -0.56 24.72
CA LYS A 264 44.11 -0.80 25.42
C LYS A 264 44.71 0.55 25.79
N GLN A 265 45.08 0.73 27.07
CA GLN A 265 45.66 1.97 27.53
C GLN A 265 47.14 1.73 27.82
N PRO A 266 48.02 2.76 27.71
CA PRO A 266 49.40 2.63 28.11
C PRO A 266 49.56 2.22 29.57
N MET B 1 34.50 -28.06 3.09
CA MET B 1 35.89 -27.74 3.54
C MET B 1 36.02 -26.27 3.94
N ASN B 2 34.88 -25.61 4.22
CA ASN B 2 34.84 -24.16 4.41
C ASN B 2 34.62 -23.85 5.90
N GLN B 3 35.73 -23.62 6.61
CA GLN B 3 35.76 -23.38 8.05
C GLN B 3 34.87 -22.20 8.48
N PHE B 4 34.67 -21.22 7.60
CA PHE B 4 33.91 -20.03 7.98
C PHE B 4 32.42 -20.34 8.04
N LEU B 5 32.01 -21.50 7.49
CA LEU B 5 30.62 -21.92 7.48
C LEU B 5 30.45 -23.22 8.28
N ASN B 6 31.37 -23.48 9.21
CA ASN B 6 31.31 -24.66 10.06
C ASN B 6 30.45 -24.34 11.29
N PHE B 7 29.23 -24.91 11.33
CA PHE B 7 28.31 -24.76 12.45
C PHE B 7 28.29 -26.02 13.33
N SER B 8 29.19 -26.97 13.06
CA SER B 8 29.28 -28.22 13.82
C SER B 8 30.02 -27.98 15.14
N LEU B 9 29.68 -28.80 16.15
CA LEU B 9 30.35 -28.76 17.45
C LEU B 9 31.01 -30.10 17.72
N GLU B 10 31.45 -30.78 16.65
CA GLU B 10 31.85 -32.17 16.73
C GLU B 10 33.03 -32.35 17.69
N GLY B 11 32.79 -33.12 18.76
CA GLY B 11 33.82 -33.45 19.73
C GLY B 11 34.01 -32.36 20.78
N LYS B 12 33.26 -31.26 20.66
CA LYS B 12 33.43 -30.14 21.58
C LYS B 12 32.78 -30.54 22.89
N VAL B 13 33.48 -30.28 23.99
CA VAL B 13 32.93 -30.55 25.30
C VAL B 13 32.20 -29.30 25.79
N ALA B 14 30.90 -29.44 26.03
CA ALA B 14 30.06 -28.33 26.45
C ALA B 14 29.53 -28.58 27.86
N LEU B 15 29.51 -27.52 28.67
CA LEU B 15 28.83 -27.49 29.96
C LEU B 15 27.73 -26.44 29.87
N VAL B 16 26.50 -26.87 30.15
CA VAL B 16 25.36 -25.98 30.25
C VAL B 16 24.87 -26.06 31.69
N THR B 17 24.98 -24.95 32.44
CA THR B 17 24.64 -24.97 33.85
C THR B 17 23.11 -24.98 33.99
N GLY B 18 22.63 -25.76 34.97
CA GLY B 18 21.21 -25.83 35.31
C GLY B 18 20.35 -26.33 34.16
N ALA B 19 20.85 -27.28 33.34
CA ALA B 19 20.13 -27.69 32.14
C ALA B 19 19.48 -29.07 32.32
N SER B 20 18.88 -29.31 33.50
CA SER B 20 18.05 -30.50 33.67
C SER B 20 16.70 -30.31 33.01
N TYR B 21 16.31 -29.05 32.77
CA TYR B 21 15.14 -28.77 31.95
C TYR B 21 15.20 -27.33 31.46
N GLY B 22 14.22 -26.96 30.62
CA GLY B 22 14.07 -25.61 30.14
C GLY B 22 15.05 -25.27 29.03
N ILE B 23 15.32 -23.97 28.90
CA ILE B 23 16.01 -23.41 27.76
C ILE B 23 17.43 -23.98 27.70
N GLY B 24 18.05 -24.16 28.86
CA GLY B 24 19.36 -24.80 28.95
C GLY B 24 19.36 -26.21 28.39
N PHE B 25 18.28 -26.96 28.67
CA PHE B 25 18.14 -28.33 28.20
C PHE B 25 17.94 -28.32 26.67
N ALA B 26 17.16 -27.36 26.15
CA ALA B 26 17.00 -27.24 24.72
C ALA B 26 18.36 -26.99 24.06
N ILE B 27 19.15 -26.07 24.65
CA ILE B 27 20.42 -25.71 24.07
C ILE B 27 21.37 -26.90 24.12
N ALA B 28 21.41 -27.62 25.25
CA ALA B 28 22.30 -28.77 25.39
C ALA B 28 21.96 -29.88 24.39
N SER B 29 20.68 -30.11 24.13
CA SER B 29 20.24 -31.17 23.25
C SER B 29 20.61 -30.84 21.79
N ALA B 30 20.49 -29.57 21.41
CA ALA B 30 20.92 -29.11 20.09
C ALA B 30 22.43 -29.27 19.93
N PHE B 31 23.20 -28.95 20.98
CA PHE B 31 24.64 -29.11 20.95
C PHE B 31 24.95 -30.59 20.68
N ALA B 32 24.19 -31.50 21.32
CA ALA B 32 24.38 -32.93 21.15
C ALA B 32 24.12 -33.35 19.70
N GLU B 33 23.02 -32.84 19.12
CA GLU B 33 22.69 -33.09 17.72
C GLU B 33 23.80 -32.56 16.80
N GLN B 34 24.50 -31.51 17.25
CA GLN B 34 25.56 -30.90 16.47
C GLN B 34 26.91 -31.54 16.74
N GLY B 35 26.93 -32.61 17.56
CA GLY B 35 28.12 -33.44 17.72
C GLY B 35 28.88 -33.18 19.03
N ALA B 36 28.32 -32.38 19.95
CA ALA B 36 29.03 -32.04 21.18
C ALA B 36 28.91 -33.17 22.20
N LYS B 37 29.85 -33.21 23.15
CA LYS B 37 29.75 -34.02 24.35
C LYS B 37 29.18 -33.15 25.47
N VAL B 38 27.93 -33.39 25.85
CA VAL B 38 27.19 -32.43 26.65
C VAL B 38 27.26 -32.80 28.13
N CYS B 39 27.64 -31.80 28.94
CA CYS B 39 27.66 -31.87 30.38
C CYS B 39 26.65 -30.85 30.94
N PHE B 40 26.04 -31.15 32.09
CA PHE B 40 25.19 -30.18 32.77
C PHE B 40 25.24 -30.44 34.28
N ASN B 41 24.82 -29.44 35.07
CA ASN B 41 24.66 -29.60 36.51
C ASN B 41 23.25 -29.20 36.93
N ASP B 42 22.83 -29.64 38.11
CA ASP B 42 21.74 -28.98 38.80
C ASP B 42 21.92 -29.11 40.32
N ILE B 43 21.01 -28.49 41.07
CA ILE B 43 21.24 -28.22 42.49
C ILE B 43 20.96 -29.46 43.36
N ASN B 44 20.33 -30.51 42.83
CA ASN B 44 20.11 -31.72 43.62
C ASN B 44 20.01 -32.96 42.74
N GLN B 45 20.16 -34.13 43.38
CA GLN B 45 20.26 -35.41 42.71
C GLN B 45 18.99 -35.70 41.91
N GLU B 46 17.83 -35.29 42.43
CA GLU B 46 16.58 -35.61 41.75
C GLU B 46 16.53 -34.91 40.39
N LEU B 47 16.86 -33.62 40.36
CA LEU B 47 16.84 -32.86 39.12
C LEU B 47 17.89 -33.40 38.15
N VAL B 48 19.06 -33.81 38.69
CA VAL B 48 20.13 -34.33 37.86
C VAL B 48 19.73 -35.68 37.27
N ASP B 49 19.07 -36.53 38.06
CA ASP B 49 18.67 -37.85 37.59
C ASP B 49 17.55 -37.72 36.56
N LYS B 50 16.64 -36.77 36.82
CA LYS B 50 15.53 -36.48 35.94
C LYS B 50 16.06 -35.95 34.60
N GLY B 51 17.07 -35.07 34.65
CA GLY B 51 17.72 -34.57 33.46
C GLY B 51 18.37 -35.69 32.65
N MET B 52 19.18 -36.52 33.33
CA MET B 52 19.88 -37.65 32.74
C MET B 52 18.92 -38.55 31.97
N ALA B 53 17.78 -38.89 32.60
CA ALA B 53 16.78 -39.75 31.98
C ALA B 53 16.14 -39.07 30.77
N ALA B 54 15.96 -37.74 30.83
CA ALA B 54 15.32 -37.02 29.73
C ALA B 54 16.25 -36.94 28.52
N TYR B 55 17.54 -36.66 28.76
CA TYR B 55 18.52 -36.68 27.68
C TYR B 55 18.55 -38.09 27.07
N ALA B 56 18.65 -39.10 27.94
CA ALA B 56 18.66 -40.50 27.53
C ALA B 56 17.49 -40.82 26.61
N ALA B 57 16.30 -40.30 26.93
CA ALA B 57 15.09 -40.59 26.17
C ALA B 57 15.13 -39.97 24.78
N LYS B 58 15.94 -38.91 24.61
CA LYS B 58 16.13 -38.27 23.32
C LYS B 58 17.33 -38.87 22.59
N GLY B 59 18.01 -39.84 23.21
CA GLY B 59 19.14 -40.51 22.60
C GLY B 59 20.48 -39.81 22.89
N ILE B 60 20.55 -39.09 24.02
CA ILE B 60 21.76 -38.35 24.39
C ILE B 60 22.34 -38.94 25.68
N LYS B 61 23.63 -39.28 25.65
CA LYS B 61 24.33 -39.76 26.82
C LYS B 61 25.04 -38.59 27.49
N ALA B 62 24.34 -37.91 28.41
CA ALA B 62 24.89 -36.71 29.04
C ALA B 62 25.70 -37.08 30.28
N HIS B 63 26.51 -36.11 30.74
CA HIS B 63 27.20 -36.17 32.01
C HIS B 63 26.59 -35.11 32.93
N GLY B 64 25.96 -35.58 34.02
CA GLY B 64 25.24 -34.71 34.93
C GLY B 64 25.92 -34.69 36.30
N TYR B 65 25.89 -33.51 36.94
CA TYR B 65 26.59 -33.27 38.18
C TYR B 65 25.68 -32.52 39.14
N VAL B 66 25.71 -32.92 40.41
CA VAL B 66 25.08 -32.15 41.47
C VAL B 66 26.06 -31.05 41.86
N CYS B 67 25.64 -29.79 41.72
CA CYS B 67 26.52 -28.68 42.05
C CYS B 67 25.74 -27.36 42.12
N ASP B 68 26.01 -26.59 43.17
CA ASP B 68 25.53 -25.23 43.27
C ASP B 68 26.60 -24.32 42.67
N VAL B 69 26.24 -23.61 41.59
CA VAL B 69 27.20 -22.83 40.82
C VAL B 69 27.71 -21.62 41.60
N THR B 70 27.08 -21.27 42.73
CA THR B 70 27.61 -20.20 43.58
C THR B 70 28.66 -20.75 44.53
N ASP B 71 28.83 -22.09 44.56
CA ASP B 71 29.77 -22.75 45.45
C ASP B 71 31.08 -22.97 44.68
N GLU B 72 32.03 -22.04 44.85
CA GLU B 72 33.21 -22.02 44.01
C GLU B 72 34.00 -23.31 44.15
N PRO B 73 34.36 -23.80 45.37
CA PRO B 73 35.08 -25.07 45.47
C PRO B 73 34.38 -26.23 44.76
N ALA B 74 33.06 -26.31 44.89
CA ALA B 74 32.29 -27.37 44.25
C ALA B 74 32.35 -27.23 42.73
N VAL B 75 32.30 -25.98 42.23
CA VAL B 75 32.36 -25.71 40.80
C VAL B 75 33.70 -26.19 40.26
N GLN B 76 34.80 -25.88 40.97
CA GLN B 76 36.13 -26.23 40.52
C GLN B 76 36.29 -27.75 40.49
N ALA B 77 35.72 -28.46 41.47
CA ALA B 77 35.77 -29.92 41.50
C ALA B 77 34.95 -30.52 40.36
N MET B 78 33.82 -29.87 40.02
CA MET B 78 33.03 -30.29 38.88
C MET B 78 33.82 -30.21 37.58
N VAL B 79 34.45 -29.05 37.34
CA VAL B 79 35.21 -28.81 36.12
C VAL B 79 36.37 -29.80 36.02
N ALA B 80 37.06 -30.04 37.15
CA ALA B 80 38.16 -31.00 37.19
C ALA B 80 37.66 -32.40 36.85
N THR B 81 36.47 -32.77 37.36
CA THR B 81 35.91 -34.08 37.09
C THR B 81 35.53 -34.19 35.61
N ILE B 82 34.88 -33.16 35.07
CA ILE B 82 34.51 -33.13 33.66
C ILE B 82 35.76 -33.29 32.82
N ALA B 83 36.83 -32.55 33.17
CA ALA B 83 38.07 -32.58 32.44
C ALA B 83 38.68 -34.00 32.42
N LYS B 84 38.41 -34.78 33.46
CA LYS B 84 38.99 -36.12 33.60
C LYS B 84 38.12 -37.16 32.89
N GLU B 85 36.80 -37.04 33.03
CA GLU B 85 35.85 -38.02 32.50
C GLU B 85 35.51 -37.75 31.04
N VAL B 86 35.54 -36.47 30.61
CA VAL B 86 35.05 -36.09 29.28
C VAL B 86 36.14 -35.40 28.47
N GLY B 87 36.85 -34.45 29.10
CA GLY B 87 37.79 -33.57 28.43
C GLY B 87 37.55 -32.13 28.86
N THR B 88 38.54 -31.25 28.67
CA THR B 88 38.42 -29.88 29.16
C THR B 88 37.32 -29.16 28.40
N ILE B 89 36.65 -28.24 29.11
CA ILE B 89 35.44 -27.62 28.58
C ILE B 89 35.81 -26.63 27.49
N ASP B 90 35.13 -26.78 26.33
CA ASP B 90 35.35 -25.94 25.17
C ASP B 90 34.27 -24.86 25.10
N ILE B 91 33.06 -25.22 25.52
CA ILE B 91 31.91 -24.33 25.49
C ILE B 91 31.29 -24.33 26.87
N LEU B 92 31.19 -23.13 27.47
CA LEU B 92 30.41 -22.94 28.69
C LEU B 92 29.18 -22.13 28.33
N VAL B 93 28.01 -22.62 28.73
CA VAL B 93 26.79 -21.84 28.70
C VAL B 93 26.34 -21.59 30.14
N ASN B 94 26.39 -20.34 30.58
CA ASN B 94 25.91 -19.95 31.91
C ASN B 94 24.40 -19.77 31.83
N ASN B 95 23.66 -20.78 32.28
CA ASN B 95 22.22 -20.87 32.08
C ASN B 95 21.49 -20.93 33.43
N ALA B 96 22.09 -21.59 34.43
CA ALA B 96 21.48 -21.70 35.73
C ALA B 96 21.10 -20.32 36.24
N GLY B 97 19.91 -20.21 36.81
CA GLY B 97 19.37 -18.92 37.17
C GLY B 97 18.07 -19.08 37.95
N ILE B 98 17.74 -18.05 38.74
CA ILE B 98 16.45 -17.98 39.40
C ILE B 98 15.85 -16.60 39.12
N ILE B 99 14.53 -16.53 39.21
CA ILE B 99 13.84 -15.25 39.22
C ILE B 99 13.03 -15.15 40.50
N ARG B 100 12.87 -13.90 40.97
CA ARG B 100 12.03 -13.59 42.12
C ARG B 100 11.17 -12.39 41.72
N ARG B 101 9.90 -12.42 42.13
CA ARG B 101 8.99 -11.31 41.90
C ARG B 101 8.56 -10.75 43.25
N VAL B 102 9.19 -9.63 43.64
CA VAL B 102 8.92 -8.97 44.90
C VAL B 102 9.10 -7.47 44.66
N PRO B 103 8.19 -6.60 45.13
CA PRO B 103 8.43 -5.17 45.06
C PRO B 103 9.75 -4.81 45.75
N MET B 104 10.57 -3.99 45.11
CA MET B 104 11.95 -3.81 45.56
C MET B 104 11.97 -3.34 47.02
N HIS B 105 11.09 -2.41 47.38
CA HIS B 105 11.09 -1.83 48.73
C HIS B 105 10.62 -2.84 49.78
N GLU B 106 9.98 -3.94 49.34
CA GLU B 106 9.54 -4.99 50.26
C GLU B 106 10.51 -6.18 50.26
N MET B 107 11.56 -6.13 49.44
CA MET B 107 12.38 -7.31 49.20
C MET B 107 13.45 -7.42 50.28
N ASP B 108 13.55 -8.59 50.92
CA ASP B 108 14.59 -8.84 51.91
C ASP B 108 15.95 -8.73 51.23
N ALA B 109 16.95 -8.20 51.95
CA ALA B 109 18.28 -7.98 51.40
C ALA B 109 18.96 -9.29 51.00
N ALA B 110 18.71 -10.35 51.77
CA ALA B 110 19.32 -11.64 51.54
C ALA B 110 18.74 -12.27 50.27
N ASP B 111 17.44 -12.02 50.02
CA ASP B 111 16.77 -12.47 48.81
C ASP B 111 17.41 -11.81 47.60
N PHE B 112 17.52 -10.47 47.64
CA PHE B 112 18.10 -9.72 46.55
C PHE B 112 19.52 -10.22 46.28
N ARG B 113 20.29 -10.43 47.37
CA ARG B 113 21.67 -10.88 47.30
C ARG B 113 21.78 -12.28 46.68
N ARG B 114 20.79 -13.14 46.95
CA ARG B 114 20.82 -14.50 46.43
C ARG B 114 20.58 -14.52 44.92
N VAL B 115 19.69 -13.64 44.44
CA VAL B 115 19.42 -13.52 43.02
C VAL B 115 20.71 -13.08 42.33
N ILE B 116 21.34 -12.04 42.88
CA ILE B 116 22.60 -11.54 42.36
C ILE B 116 23.66 -12.63 42.37
N ASP B 117 23.70 -13.46 43.43
CA ASP B 117 24.77 -14.43 43.57
C ASP B 117 24.64 -15.54 42.53
N ILE B 118 23.40 -15.96 42.26
CA ILE B 118 23.15 -17.04 41.31
C ILE B 118 23.28 -16.49 39.89
N ASP B 119 22.71 -15.31 39.65
CA ASP B 119 22.47 -14.83 38.30
C ASP B 119 23.62 -13.98 37.74
N LEU B 120 24.50 -13.48 38.61
CA LEU B 120 25.62 -12.64 38.20
C LEU B 120 26.95 -13.21 38.72
N ASN B 121 27.04 -13.51 40.02
CA ASN B 121 28.32 -13.89 40.61
C ASN B 121 28.74 -15.26 40.09
N ALA B 122 27.77 -16.19 39.99
CA ALA B 122 28.02 -17.57 39.61
C ALA B 122 28.59 -17.66 38.20
N PRO B 123 28.04 -16.95 37.19
CA PRO B 123 28.64 -16.93 35.86
C PRO B 123 30.13 -16.56 35.85
N PHE B 124 30.52 -15.60 36.71
CA PHE B 124 31.93 -15.28 36.92
C PHE B 124 32.69 -16.51 37.43
N ILE B 125 32.14 -17.15 38.47
CA ILE B 125 32.81 -18.27 39.13
C ILE B 125 33.06 -19.41 38.14
N VAL B 126 32.04 -19.72 37.32
CA VAL B 126 32.13 -20.84 36.39
C VAL B 126 33.05 -20.46 35.23
N ALA B 127 32.93 -19.22 34.72
CA ALA B 127 33.86 -18.75 33.69
C ALA B 127 35.29 -18.77 34.21
N LYS B 128 35.54 -18.20 35.39
CA LYS B 128 36.84 -18.28 36.04
C LYS B 128 37.38 -19.71 36.00
N ALA B 129 36.51 -20.70 36.27
CA ALA B 129 36.93 -22.08 36.40
C ALA B 129 37.34 -22.71 35.07
N VAL B 130 36.66 -22.36 33.97
CA VAL B 130 36.95 -23.00 32.69
C VAL B 130 38.00 -22.21 31.89
N LEU B 131 38.25 -20.94 32.23
CA LEU B 131 39.05 -20.06 31.39
C LEU B 131 40.49 -20.55 31.23
N PRO B 132 41.20 -21.00 32.29
CA PRO B 132 42.60 -21.39 32.16
C PRO B 132 42.87 -22.39 31.03
N ALA B 133 42.09 -23.47 30.95
CA ALA B 133 42.29 -24.48 29.92
C ALA B 133 41.96 -23.90 28.54
N MET B 134 40.96 -23.00 28.48
CA MET B 134 40.61 -22.34 27.22
C MET B 134 41.81 -21.52 26.74
N MET B 135 42.45 -20.80 27.68
CA MET B 135 43.62 -19.98 27.40
C MET B 135 44.80 -20.82 26.93
N GLU B 136 45.02 -21.97 27.56
CA GLU B 136 46.09 -22.88 27.15
C GLU B 136 45.86 -23.33 25.70
N LYS B 137 44.63 -23.76 25.40
CA LYS B 137 44.26 -24.28 24.09
C LYS B 137 44.12 -23.19 23.04
N ARG B 138 44.00 -21.93 23.49
CA ARG B 138 43.79 -20.80 22.60
C ARG B 138 42.50 -20.97 21.80
N ALA B 139 41.44 -21.44 22.46
CA ALA B 139 40.12 -21.53 21.84
C ALA B 139 39.09 -21.73 22.94
N GLY B 140 37.86 -21.30 22.68
CA GLY B 140 36.78 -21.50 23.64
C GLY B 140 35.62 -20.54 23.42
N LYS B 141 34.46 -20.94 23.94
CA LYS B 141 33.25 -20.15 23.89
C LYS B 141 32.67 -20.08 25.30
N ILE B 142 32.25 -18.87 25.70
CA ILE B 142 31.43 -18.68 26.88
C ILE B 142 30.15 -17.98 26.41
N ILE B 143 29.00 -18.63 26.62
CA ILE B 143 27.72 -18.04 26.24
C ILE B 143 26.93 -17.79 27.53
N ASN B 144 26.58 -16.52 27.77
CA ASN B 144 25.79 -16.11 28.92
C ASN B 144 24.34 -15.92 28.49
N ILE B 145 23.42 -16.59 29.21
CA ILE B 145 22.00 -16.42 28.97
C ILE B 145 21.55 -15.14 29.67
N CYS B 146 21.34 -14.10 28.88
CA CYS B 146 20.86 -12.83 29.40
C CYS B 146 19.33 -12.83 29.37
N SER B 147 18.75 -11.68 29.02
CA SER B 147 17.33 -11.46 29.19
C SER B 147 16.97 -10.13 28.53
N MET B 148 15.68 -9.91 28.29
CA MET B 148 15.23 -8.57 27.93
C MET B 148 15.41 -7.65 29.14
N MET B 149 15.44 -8.23 30.35
CA MET B 149 15.72 -7.49 31.56
C MET B 149 17.20 -7.10 31.66
N SER B 150 18.03 -7.47 30.67
CA SER B 150 19.35 -6.86 30.52
C SER B 150 19.23 -5.42 30.01
N GLU B 151 18.08 -5.07 29.41
CA GLU B 151 17.89 -3.77 28.80
C GLU B 151 16.73 -3.01 29.44
N LEU B 152 15.64 -3.71 29.77
CA LEU B 152 14.41 -3.06 30.20
C LEU B 152 13.99 -3.58 31.57
N GLY B 153 13.39 -2.68 32.38
CA GLY B 153 12.99 -3.00 33.73
C GLY B 153 11.48 -3.24 33.82
N ARG B 154 11.05 -3.74 34.97
CA ARG B 154 9.64 -3.96 35.23
C ARG B 154 9.43 -4.09 36.74
N GLU B 155 8.22 -3.79 37.19
CA GLU B 155 7.86 -3.94 38.59
C GLU B 155 8.07 -5.40 39.02
N THR B 156 8.66 -5.56 40.21
CA THR B 156 8.78 -6.81 40.97
C THR B 156 10.08 -7.55 40.63
N VAL B 157 10.78 -7.19 39.54
CA VAL B 157 11.94 -7.96 39.13
C VAL B 157 13.24 -7.14 39.20
N SER B 158 13.36 -6.27 40.22
CA SER B 158 14.53 -5.41 40.37
C SER B 158 15.83 -6.21 40.47
N ALA B 159 15.84 -7.28 41.27
CA ALA B 159 17.04 -8.05 41.51
C ALA B 159 17.48 -8.78 40.23
N TYR B 160 16.51 -9.31 39.50
CA TYR B 160 16.80 -10.07 38.28
C TYR B 160 17.35 -9.13 37.19
N ALA B 161 16.78 -7.93 37.08
CA ALA B 161 17.21 -6.97 36.06
C ALA B 161 18.63 -6.46 36.36
N ALA B 162 18.89 -6.21 37.65
CA ALA B 162 20.24 -5.88 38.12
C ALA B 162 21.24 -6.95 37.73
N ALA B 163 20.92 -8.22 38.06
CA ALA B 163 21.79 -9.33 37.71
C ALA B 163 22.00 -9.42 36.20
N LYS B 164 20.91 -9.34 35.42
CA LYS B 164 20.98 -9.53 33.97
C LYS B 164 21.71 -8.36 33.30
N GLY B 165 21.53 -7.15 33.84
CA GLY B 165 22.29 -5.99 33.40
C GLY B 165 23.77 -6.15 33.71
N GLY B 166 24.06 -6.68 34.91
CA GLY B 166 25.42 -7.06 35.29
C GLY B 166 26.02 -8.10 34.34
N LEU B 167 25.24 -9.13 33.98
CA LEU B 167 25.76 -10.25 33.20
C LEU B 167 26.10 -9.79 31.77
N LYS B 168 25.33 -8.84 31.24
CA LYS B 168 25.63 -8.25 29.95
C LYS B 168 27.02 -7.62 29.98
N MET B 169 27.35 -6.85 31.03
CA MET B 169 28.63 -6.17 31.10
C MET B 169 29.75 -7.17 31.39
N LEU B 170 29.44 -8.21 32.17
CA LEU B 170 30.39 -9.29 32.40
C LEU B 170 30.75 -9.97 31.08
N THR B 171 29.78 -10.12 30.18
CA THR B 171 30.00 -10.65 28.84
C THR B 171 30.97 -9.74 28.07
N ARG B 172 30.75 -8.43 28.14
CA ARG B 172 31.62 -7.50 27.44
C ARG B 172 33.03 -7.55 28.02
N ASN B 173 33.15 -7.70 29.33
CA ASN B 173 34.45 -7.62 30.00
C ASN B 173 35.29 -8.86 29.70
N ILE B 174 34.65 -10.04 29.72
CA ILE B 174 35.33 -11.29 29.43
C ILE B 174 35.82 -11.29 27.98
N CYS B 175 34.99 -10.80 27.05
CA CYS B 175 35.41 -10.54 25.68
C CYS B 175 36.64 -9.65 25.68
N SER B 176 36.53 -8.50 26.35
CA SER B 176 37.62 -7.54 26.46
C SER B 176 38.92 -8.18 26.96
N GLU B 177 38.81 -9.03 27.99
CA GLU B 177 39.97 -9.50 28.73
C GLU B 177 40.56 -10.77 28.13
N TYR B 178 39.72 -11.61 27.49
CA TYR B 178 40.18 -12.93 27.07
C TYR B 178 40.04 -13.12 25.56
N GLY B 179 39.45 -12.15 24.85
CA GLY B 179 39.34 -12.21 23.40
C GLY B 179 40.65 -12.54 22.69
N GLU B 180 41.79 -12.08 23.26
CA GLU B 180 43.10 -12.23 22.64
C GLU B 180 43.56 -13.68 22.61
N TYR B 181 42.98 -14.54 23.44
CA TYR B 181 43.31 -15.96 23.47
C TYR B 181 42.46 -16.75 22.48
N ASN B 182 41.71 -16.06 21.60
CA ASN B 182 40.78 -16.69 20.68
C ASN B 182 39.61 -17.29 21.45
N ILE B 183 39.13 -16.56 22.47
CA ILE B 183 37.98 -16.98 23.24
C ILE B 183 36.84 -16.00 22.94
N GLN B 184 35.65 -16.51 22.59
CA GLN B 184 34.52 -15.63 22.32
C GLN B 184 33.53 -15.71 23.46
N CYS B 185 33.34 -14.60 24.18
CA CYS B 185 32.27 -14.50 25.16
C CYS B 185 31.12 -13.65 24.61
N ASN B 186 29.91 -14.26 24.54
CA ASN B 186 28.74 -13.61 23.98
C ASN B 186 27.52 -13.90 24.86
N GLY B 187 26.44 -13.15 24.59
CA GLY B 187 25.16 -13.28 25.27
C GLY B 187 24.03 -13.75 24.35
N ILE B 188 23.08 -14.48 24.93
CA ILE B 188 21.80 -14.73 24.29
C ILE B 188 20.70 -14.11 25.15
N GLY B 189 19.95 -13.19 24.54
CA GLY B 189 18.83 -12.53 25.20
C GLY B 189 17.50 -13.03 24.68
N PRO B 190 16.85 -14.01 25.34
CA PRO B 190 15.55 -14.52 24.91
C PRO B 190 14.42 -13.51 25.08
N GLY B 191 13.46 -13.52 24.14
CA GLY B 191 12.21 -12.80 24.31
C GLY B 191 11.20 -13.58 25.15
N TYR B 192 9.94 -13.59 24.71
CA TYR B 192 8.89 -14.30 25.43
C TYR B 192 8.83 -15.75 24.93
N ILE B 193 9.32 -16.69 25.77
CA ILE B 193 9.38 -18.11 25.44
C ILE B 193 8.14 -18.81 25.95
N ALA B 194 7.43 -19.53 25.07
CA ALA B 194 6.31 -20.36 25.48
C ALA B 194 6.81 -21.52 26.33
N THR B 195 6.80 -21.33 27.65
CA THR B 195 7.20 -22.37 28.59
C THR B 195 5.96 -23.11 29.08
N PRO B 196 6.09 -24.35 29.59
CA PRO B 196 4.96 -25.04 30.19
C PRO B 196 4.34 -24.25 31.35
N GLN B 197 5.17 -23.44 32.00
CA GLN B 197 4.78 -22.67 33.17
C GLN B 197 3.80 -21.54 32.80
N THR B 198 3.86 -21.06 31.55
CA THR B 198 3.06 -19.93 31.11
C THR B 198 1.91 -20.38 30.20
N ALA B 199 1.67 -21.69 30.13
CA ALA B 199 0.58 -22.24 29.32
C ALA B 199 -0.79 -21.71 29.78
N PRO B 200 -0.99 -21.42 31.08
CA PRO B 200 -2.21 -20.74 31.51
C PRO B 200 -2.49 -19.41 30.81
N LEU B 201 -1.43 -18.71 30.39
CA LEU B 201 -1.55 -17.38 29.81
C LEU B 201 -1.83 -17.45 28.30
N ARG B 202 -1.72 -18.65 27.71
CA ARG B 202 -2.06 -18.85 26.30
C ARG B 202 -3.36 -19.63 26.18
N GLU B 203 -3.99 -19.94 27.33
CA GLU B 203 -5.24 -20.66 27.37
C GLU B 203 -6.35 -19.77 26.81
N PRO B 204 -6.95 -20.12 25.64
CA PRO B 204 -7.96 -19.25 25.04
C PRO B 204 -9.34 -19.43 25.67
N ARG B 210 -8.98 -15.02 22.80
CA ARG B 210 -7.53 -15.05 23.19
C ARG B 210 -7.38 -14.44 24.57
N HIS B 211 -6.59 -15.10 25.43
CA HIS B 211 -6.29 -14.61 26.78
C HIS B 211 -5.69 -13.21 26.68
N PRO B 212 -6.04 -12.26 27.59
CA PRO B 212 -5.53 -10.89 27.50
C PRO B 212 -4.00 -10.77 27.54
N PHE B 213 -3.35 -11.65 28.30
CA PHE B 213 -1.90 -11.66 28.40
C PHE B 213 -1.30 -12.11 27.07
N ASP B 214 -1.98 -13.04 26.39
CA ASP B 214 -1.52 -13.54 25.10
C ASP B 214 -1.61 -12.44 24.04
N SER B 215 -2.65 -11.59 24.12
CA SER B 215 -2.83 -10.54 23.14
C SER B 215 -1.70 -9.52 23.30
N PHE B 216 -1.46 -9.13 24.56
CA PHE B 216 -0.38 -8.25 24.92
C PHE B 216 0.95 -8.73 24.34
N ILE B 217 1.35 -9.98 24.62
CA ILE B 217 2.60 -10.50 24.10
C ILE B 217 2.58 -10.45 22.56
N CYS B 218 1.49 -10.95 21.96
CA CYS B 218 1.42 -11.06 20.51
C CYS B 218 1.42 -9.69 19.82
N ALA B 219 0.86 -8.67 20.46
CA ALA B 219 0.79 -7.33 19.87
C ALA B 219 2.13 -6.61 19.98
N LYS B 220 2.82 -6.82 21.11
CA LYS B 220 4.11 -6.21 21.42
C LYS B 220 5.24 -6.80 20.58
N THR B 221 5.01 -8.00 20.03
CA THR B 221 6.03 -8.76 19.31
C THR B 221 5.77 -8.63 17.81
N PRO B 222 6.69 -8.06 17.02
CA PRO B 222 6.52 -8.02 15.57
C PRO B 222 6.25 -9.38 14.93
N ALA B 223 6.91 -10.44 15.46
CA ALA B 223 6.71 -11.79 14.98
C ALA B 223 5.27 -12.25 15.26
N GLY B 224 4.64 -11.66 16.27
CA GLY B 224 3.19 -11.81 16.48
C GLY B 224 2.84 -13.11 17.19
N ARG B 225 3.79 -13.60 18.00
CA ARG B 225 3.73 -14.93 18.56
C ARG B 225 4.77 -15.04 19.67
N TRP B 226 4.49 -15.93 20.63
CA TRP B 226 5.48 -16.40 21.59
C TRP B 226 6.51 -17.21 20.82
N LEU B 227 7.72 -17.34 21.38
CA LEU B 227 8.77 -18.13 20.73
C LEU B 227 8.81 -19.51 21.38
N ASP B 228 9.03 -20.54 20.55
CA ASP B 228 9.29 -21.89 21.03
C ASP B 228 10.70 -21.91 21.63
N PRO B 229 10.94 -22.70 22.69
CA PRO B 229 12.28 -22.91 23.22
C PRO B 229 13.34 -23.19 22.16
N GLU B 230 13.00 -24.05 21.18
CA GLU B 230 13.95 -24.53 20.20
C GLU B 230 14.47 -23.39 19.30
N GLU B 231 13.79 -22.22 19.32
CA GLU B 231 14.18 -21.09 18.48
C GLU B 231 15.41 -20.37 19.04
N LEU B 232 15.86 -20.76 20.25
CA LEU B 232 17.11 -20.27 20.82
C LEU B 232 18.30 -21.15 20.41
N THR B 233 18.05 -22.34 19.86
CA THR B 233 19.10 -23.33 19.66
C THR B 233 19.94 -23.01 18.43
N GLY B 234 19.32 -22.51 17.35
CA GLY B 234 20.08 -22.07 16.20
C GLY B 234 21.05 -20.95 16.59
N PRO B 235 20.55 -19.88 17.25
CA PRO B 235 21.40 -18.83 17.79
C PRO B 235 22.52 -19.34 18.68
N ALA B 236 22.23 -20.29 19.57
CA ALA B 236 23.22 -20.82 20.50
C ALA B 236 24.29 -21.60 19.75
N VAL B 237 23.86 -22.48 18.84
CA VAL B 237 24.81 -23.27 18.06
C VAL B 237 25.71 -22.34 17.26
N PHE B 238 25.13 -21.28 16.70
CA PHE B 238 25.90 -20.30 15.94
C PHE B 238 27.02 -19.71 16.80
N LEU B 239 26.65 -19.16 17.97
CA LEU B 239 27.59 -18.53 18.90
C LEU B 239 28.61 -19.56 19.43
N ALA B 240 28.23 -20.83 19.50
CA ALA B 240 29.13 -21.87 20.00
C ALA B 240 30.08 -22.39 18.91
N SER B 241 29.82 -22.07 17.63
CA SER B 241 30.53 -22.65 16.51
C SER B 241 31.66 -21.76 15.99
N GLU B 242 32.51 -22.36 15.15
CA GLU B 242 33.62 -21.69 14.48
C GLU B 242 33.13 -20.57 13.56
N ALA B 243 31.92 -20.71 13.01
CA ALA B 243 31.38 -19.74 12.08
C ALA B 243 31.14 -18.37 12.73
N SER B 244 31.26 -18.26 14.05
CA SER B 244 31.01 -17.02 14.76
C SER B 244 32.26 -16.53 15.49
N ASN B 245 33.44 -16.97 15.05
CA ASN B 245 34.68 -16.69 15.78
C ASN B 245 34.99 -15.20 15.84
N ALA B 246 34.46 -14.40 14.90
CA ALA B 246 34.67 -12.96 14.91
C ALA B 246 33.56 -12.21 15.68
N VAL B 247 32.60 -12.92 16.25
CA VAL B 247 31.60 -12.26 17.09
C VAL B 247 32.08 -12.35 18.53
N ASN B 248 32.22 -11.21 19.21
CA ASN B 248 32.75 -11.23 20.56
C ASN B 248 32.18 -10.03 21.32
N GLY B 249 31.81 -10.27 22.59
CA GLY B 249 31.29 -9.24 23.48
C GLY B 249 29.92 -8.72 23.03
N HIS B 250 29.14 -9.58 22.36
CA HIS B 250 27.91 -9.18 21.71
C HIS B 250 26.71 -9.92 22.33
N ILE B 251 25.66 -9.17 22.68
CA ILE B 251 24.42 -9.76 23.16
C ILE B 251 23.51 -9.99 21.95
N LEU B 252 23.24 -11.26 21.61
CA LEU B 252 22.36 -11.61 20.51
C LEU B 252 20.93 -11.78 21.02
N TYR B 253 20.10 -10.75 20.84
CA TYR B 253 18.71 -10.81 21.26
C TYR B 253 17.94 -11.69 20.28
N VAL B 254 17.16 -12.63 20.86
CA VAL B 254 16.31 -13.52 20.09
C VAL B 254 14.89 -13.38 20.65
N ASP B 255 14.17 -12.38 20.14
CA ASP B 255 12.98 -11.89 20.80
C ASP B 255 11.86 -11.58 19.82
N GLY B 256 11.98 -12.07 18.58
CA GLY B 256 10.96 -11.84 17.56
C GLY B 256 10.72 -10.36 17.28
N GLY B 257 11.66 -9.48 17.69
CA GLY B 257 11.62 -8.07 17.35
C GLY B 257 11.17 -7.14 18.47
N ILE B 258 10.92 -7.64 19.67
CA ILE B 258 10.31 -6.83 20.73
C ILE B 258 11.15 -5.58 20.98
N LEU B 259 12.48 -5.75 21.10
CA LEU B 259 13.35 -4.68 21.55
C LEU B 259 13.55 -3.63 20.45
N ALA B 260 13.14 -3.95 19.22
CA ALA B 260 13.25 -3.03 18.10
C ALA B 260 11.98 -2.21 17.90
N TYR B 261 10.90 -2.52 18.64
CA TYR B 261 9.56 -2.04 18.30
C TYR B 261 8.99 -1.23 19.46
N ILE B 262 8.41 -0.05 19.15
CA ILE B 262 7.78 0.76 20.19
C ILE B 262 6.52 0.05 20.69
N GLY B 263 5.82 -0.66 19.80
CA GLY B 263 4.64 -1.40 20.19
C GLY B 263 3.42 -1.01 19.35
N LYS B 264 2.34 -1.79 19.54
CA LYS B 264 1.12 -1.68 18.76
C LYS B 264 0.15 -0.77 19.50
N GLN B 265 -0.11 0.40 18.93
CA GLN B 265 -0.99 1.39 19.51
C GLN B 265 -2.42 1.09 19.01
N PRO B 266 -3.48 1.48 19.76
CA PRO B 266 -4.85 1.15 19.38
C PRO B 266 -5.27 1.77 18.05
N ASN C 2 8.72 -13.78 -31.89
CA ASN C 2 7.65 -12.75 -31.95
C ASN C 2 6.81 -12.82 -30.67
N GLN C 3 7.20 -11.99 -29.69
CA GLN C 3 6.52 -11.85 -28.40
C GLN C 3 5.01 -11.59 -28.56
N PHE C 4 4.63 -10.84 -29.61
CA PHE C 4 3.25 -10.40 -29.77
C PHE C 4 2.34 -11.57 -30.19
N LEU C 5 2.94 -12.65 -30.69
CA LEU C 5 2.19 -13.84 -31.09
C LEU C 5 2.53 -15.01 -30.17
N ASN C 6 2.85 -14.69 -28.90
CA ASN C 6 3.25 -15.70 -27.93
C ASN C 6 2.02 -16.21 -27.17
N PHE C 7 1.57 -17.42 -27.51
CA PHE C 7 0.40 -18.00 -26.88
C PHE C 7 0.78 -19.06 -25.85
N SER C 8 2.09 -19.27 -25.60
CA SER C 8 2.53 -20.25 -24.63
C SER C 8 2.40 -19.70 -23.22
N LEU C 9 2.09 -20.60 -22.27
CA LEU C 9 2.08 -20.27 -20.85
C LEU C 9 3.19 -21.02 -20.12
N GLU C 10 4.26 -21.38 -20.84
CA GLU C 10 5.31 -22.25 -20.31
C GLU C 10 5.79 -21.67 -18.98
N GLY C 11 5.67 -22.47 -17.90
CA GLY C 11 6.31 -22.17 -16.63
C GLY C 11 5.48 -21.23 -15.75
N LYS C 12 4.30 -20.80 -16.23
CA LYS C 12 3.46 -19.86 -15.51
C LYS C 12 2.63 -20.61 -14.46
N VAL C 13 2.61 -20.07 -13.23
CA VAL C 13 1.85 -20.67 -12.17
C VAL C 13 0.42 -20.13 -12.24
N ALA C 14 -0.52 -21.04 -12.43
CA ALA C 14 -1.92 -20.69 -12.63
C ALA C 14 -2.74 -21.29 -11.50
N LEU C 15 -3.61 -20.49 -10.88
CA LEU C 15 -4.65 -20.99 -10.00
C LEU C 15 -6.02 -20.76 -10.65
N VAL C 16 -6.79 -21.85 -10.83
CA VAL C 16 -8.18 -21.77 -11.24
C VAL C 16 -9.04 -22.21 -10.06
N THR C 17 -9.91 -21.33 -9.54
CA THR C 17 -10.69 -21.62 -8.35
C THR C 17 -11.91 -22.47 -8.74
N GLY C 18 -12.31 -23.37 -7.83
CA GLY C 18 -13.44 -24.27 -8.04
C GLY C 18 -13.32 -25.06 -9.34
N ALA C 19 -12.14 -25.66 -9.61
CA ALA C 19 -11.88 -26.23 -10.91
C ALA C 19 -11.64 -27.74 -10.83
N SER C 20 -12.47 -28.44 -10.04
CA SER C 20 -12.45 -29.89 -9.96
C SER C 20 -13.22 -30.50 -11.13
N TYR C 21 -14.19 -29.77 -11.69
CA TYR C 21 -14.92 -30.21 -12.88
C TYR C 21 -15.49 -29.00 -13.61
N GLY C 22 -16.14 -29.26 -14.75
CA GLY C 22 -16.85 -28.23 -15.51
C GLY C 22 -15.89 -27.27 -16.21
N ILE C 23 -16.32 -26.01 -16.34
CA ILE C 23 -15.62 -24.99 -17.11
C ILE C 23 -14.22 -24.74 -16.56
N GLY C 24 -14.08 -24.69 -15.23
CA GLY C 24 -12.81 -24.39 -14.60
C GLY C 24 -11.78 -25.48 -14.88
N PHE C 25 -12.24 -26.73 -14.91
CA PHE C 25 -11.38 -27.88 -15.13
C PHE C 25 -10.86 -27.82 -16.57
N ALA C 26 -11.74 -27.49 -17.51
CA ALA C 26 -11.36 -27.44 -18.91
C ALA C 26 -10.32 -26.33 -19.15
N ILE C 27 -10.52 -25.18 -18.51
CA ILE C 27 -9.60 -24.06 -18.66
C ILE C 27 -8.25 -24.44 -18.04
N ALA C 28 -8.25 -24.98 -16.82
CA ALA C 28 -7.00 -25.38 -16.19
C ALA C 28 -6.29 -26.44 -17.02
N SER C 29 -7.05 -27.37 -17.63
CA SER C 29 -6.47 -28.45 -18.41
C SER C 29 -5.75 -27.88 -19.64
N ALA C 30 -6.36 -26.85 -20.25
CA ALA C 30 -5.79 -26.23 -21.43
C ALA C 30 -4.53 -25.45 -21.08
N PHE C 31 -4.50 -24.82 -19.90
CA PHE C 31 -3.31 -24.10 -19.44
C PHE C 31 -2.15 -25.08 -19.30
N ALA C 32 -2.43 -26.28 -18.79
CA ALA C 32 -1.41 -27.31 -18.60
C ALA C 32 -0.85 -27.73 -19.97
N GLU C 33 -1.74 -27.82 -20.96
CA GLU C 33 -1.34 -28.16 -22.32
C GLU C 33 -0.41 -27.08 -22.88
N GLN C 34 -0.59 -25.83 -22.46
CA GLN C 34 0.23 -24.71 -22.93
C GLN C 34 1.46 -24.52 -22.04
N GLY C 35 1.72 -25.47 -21.14
CA GLY C 35 2.95 -25.49 -20.36
C GLY C 35 2.81 -24.88 -18.96
N ALA C 36 1.57 -24.62 -18.50
CA ALA C 36 1.36 -24.01 -17.20
C ALA C 36 1.50 -25.03 -16.07
N LYS C 37 1.87 -24.52 -14.89
CA LYS C 37 1.82 -25.30 -13.67
C LYS C 37 0.51 -24.98 -12.97
N VAL C 38 -0.43 -25.93 -12.96
CA VAL C 38 -1.81 -25.62 -12.62
C VAL C 38 -2.12 -25.99 -11.17
N CYS C 39 -2.78 -25.04 -10.49
CA CYS C 39 -3.30 -25.25 -9.14
C CYS C 39 -4.81 -25.01 -9.18
N PHE C 40 -5.55 -25.64 -8.24
CA PHE C 40 -6.98 -25.41 -8.14
C PHE C 40 -7.42 -25.64 -6.70
N ASN C 41 -8.60 -25.09 -6.35
CA ASN C 41 -9.25 -25.39 -5.08
C ASN C 41 -10.67 -25.89 -5.33
N ASP C 42 -11.21 -26.61 -4.33
CA ASP C 42 -12.66 -26.76 -4.18
C ASP C 42 -12.99 -26.83 -2.68
N ILE C 43 -14.28 -26.98 -2.36
CA ILE C 43 -14.78 -26.67 -1.03
C ILE C 43 -14.63 -27.85 -0.07
N ASN C 44 -14.36 -29.05 -0.58
CA ASN C 44 -14.25 -30.20 0.30
C ASN C 44 -13.31 -31.23 -0.31
N GLN C 45 -12.91 -32.19 0.54
CA GLN C 45 -11.85 -33.14 0.22
C GLN C 45 -12.29 -34.05 -0.93
N GLU C 46 -13.59 -34.33 -1.03
CA GLU C 46 -14.09 -35.27 -2.02
C GLU C 46 -13.97 -34.65 -3.41
N LEU C 47 -14.35 -33.38 -3.55
CA LEU C 47 -14.26 -32.69 -4.83
C LEU C 47 -12.81 -32.55 -5.27
N VAL C 48 -11.91 -32.20 -4.34
CA VAL C 48 -10.50 -32.01 -4.65
C VAL C 48 -9.89 -33.36 -5.05
N ASP C 49 -10.15 -34.42 -4.28
CA ASP C 49 -9.60 -35.74 -4.61
C ASP C 49 -10.06 -36.15 -6.01
N LYS C 50 -11.35 -35.91 -6.31
CA LYS C 50 -11.89 -36.20 -7.63
C LYS C 50 -11.15 -35.39 -8.68
N GLY C 51 -11.02 -34.09 -8.44
CA GLY C 51 -10.28 -33.20 -9.33
C GLY C 51 -8.89 -33.72 -9.63
N MET C 52 -8.12 -34.02 -8.56
CA MET C 52 -6.73 -34.46 -8.71
C MET C 52 -6.65 -35.68 -9.64
N ALA C 53 -7.56 -36.63 -9.43
CA ALA C 53 -7.59 -37.88 -10.18
C ALA C 53 -8.00 -37.62 -11.63
N ALA C 54 -8.90 -36.65 -11.85
CA ALA C 54 -9.31 -36.30 -13.20
C ALA C 54 -8.15 -35.64 -13.96
N TYR C 55 -7.38 -34.78 -13.28
CA TYR C 55 -6.20 -34.17 -13.89
C TYR C 55 -5.18 -35.25 -14.25
N ALA C 56 -4.98 -36.20 -13.33
CA ALA C 56 -3.94 -37.22 -13.47
C ALA C 56 -4.23 -38.14 -14.66
N ALA C 57 -5.53 -38.36 -14.95
CA ALA C 57 -5.95 -39.21 -16.04
C ALA C 57 -5.62 -38.59 -17.40
N LYS C 58 -5.41 -37.27 -17.43
CA LYS C 58 -5.05 -36.55 -18.65
C LYS C 58 -3.55 -36.27 -18.67
N GLY C 59 -2.79 -36.85 -17.73
CA GLY C 59 -1.34 -36.69 -17.69
C GLY C 59 -0.93 -35.37 -17.03
N ILE C 60 -1.81 -34.79 -16.20
CA ILE C 60 -1.56 -33.50 -15.60
C ILE C 60 -1.41 -33.68 -14.09
N LYS C 61 -0.22 -33.36 -13.56
CA LYS C 61 0.01 -33.31 -12.13
C LYS C 61 -0.37 -31.93 -11.60
N ALA C 62 -1.60 -31.80 -11.10
CA ALA C 62 -2.10 -30.54 -10.57
C ALA C 62 -1.71 -30.40 -9.10
N HIS C 63 -1.99 -29.22 -8.53
CA HIS C 63 -1.92 -29.00 -7.11
C HIS C 63 -3.33 -28.61 -6.64
N GLY C 64 -3.93 -29.45 -5.78
CA GLY C 64 -5.30 -29.26 -5.35
C GLY C 64 -5.38 -28.90 -3.87
N TYR C 65 -6.24 -27.95 -3.53
CA TYR C 65 -6.39 -27.46 -2.16
C TYR C 65 -7.87 -27.34 -1.80
N VAL C 66 -8.20 -27.85 -0.61
CA VAL C 66 -9.46 -27.53 0.04
C VAL C 66 -9.34 -26.09 0.53
N CYS C 67 -10.28 -25.24 0.12
CA CYS C 67 -10.28 -23.85 0.57
C CYS C 67 -11.63 -23.23 0.27
N ASP C 68 -12.17 -22.51 1.27
CA ASP C 68 -13.35 -21.68 1.14
C ASP C 68 -12.90 -20.27 0.72
N VAL C 69 -13.27 -19.87 -0.49
CA VAL C 69 -12.72 -18.66 -1.10
C VAL C 69 -13.31 -17.40 -0.45
N THR C 70 -14.33 -17.54 0.42
CA THR C 70 -14.84 -16.40 1.16
C THR C 70 -14.04 -16.20 2.45
N ASP C 71 -13.16 -17.15 2.79
CA ASP C 71 -12.40 -17.10 4.03
C ASP C 71 -11.01 -16.54 3.71
N GLU C 72 -10.82 -15.25 4.02
CA GLU C 72 -9.63 -14.55 3.58
C GLU C 72 -8.37 -15.22 4.15
N PRO C 73 -8.25 -15.43 5.49
CA PRO C 73 -7.10 -16.13 6.05
C PRO C 73 -6.74 -17.43 5.34
N ALA C 74 -7.74 -18.28 5.08
CA ALA C 74 -7.53 -19.55 4.39
C ALA C 74 -6.96 -19.30 2.99
N VAL C 75 -7.51 -18.29 2.31
CA VAL C 75 -7.10 -17.98 0.95
C VAL C 75 -5.66 -17.46 0.97
N GLN C 76 -5.32 -16.58 1.91
CA GLN C 76 -3.94 -16.13 2.05
C GLN C 76 -3.00 -17.31 2.33
N ALA C 77 -3.48 -18.26 3.14
CA ALA C 77 -2.67 -19.42 3.53
C ALA C 77 -2.40 -20.31 2.31
N MET C 78 -3.42 -20.49 1.47
CA MET C 78 -3.33 -21.32 0.30
C MET C 78 -2.36 -20.69 -0.70
N VAL C 79 -2.48 -19.36 -0.87
CA VAL C 79 -1.64 -18.61 -1.80
C VAL C 79 -0.18 -18.68 -1.35
N ALA C 80 0.06 -18.60 -0.04
CA ALA C 80 1.42 -18.72 0.49
C ALA C 80 1.96 -20.13 0.26
N THR C 81 1.11 -21.15 0.44
CA THR C 81 1.51 -22.53 0.21
C THR C 81 1.87 -22.72 -1.27
N ILE C 82 0.98 -22.30 -2.18
CA ILE C 82 1.25 -22.41 -3.61
C ILE C 82 2.59 -21.76 -3.97
N ALA C 83 2.83 -20.58 -3.40
CA ALA C 83 4.06 -19.84 -3.65
C ALA C 83 5.29 -20.68 -3.34
N LYS C 84 5.23 -21.49 -2.27
CA LYS C 84 6.40 -22.19 -1.79
C LYS C 84 6.48 -23.58 -2.43
N GLU C 85 5.32 -24.23 -2.61
CA GLU C 85 5.26 -25.56 -3.21
C GLU C 85 5.47 -25.49 -4.72
N VAL C 86 5.01 -24.40 -5.35
CA VAL C 86 4.90 -24.33 -6.80
C VAL C 86 5.58 -23.07 -7.32
N GLY C 87 5.16 -21.92 -6.80
CA GLY C 87 5.67 -20.62 -7.23
C GLY C 87 4.58 -19.56 -7.12
N THR C 88 4.96 -18.28 -7.00
CA THR C 88 3.98 -17.23 -6.84
C THR C 88 3.07 -17.26 -8.07
N ILE C 89 1.76 -17.07 -7.84
CA ILE C 89 0.77 -17.17 -8.90
C ILE C 89 0.99 -16.06 -9.93
N ASP C 90 1.01 -16.49 -11.20
CA ASP C 90 1.18 -15.60 -12.35
C ASP C 90 -0.15 -15.38 -13.08
N ILE C 91 -1.07 -16.36 -12.98
CA ILE C 91 -2.37 -16.31 -13.65
C ILE C 91 -3.44 -16.78 -12.66
N LEU C 92 -4.41 -15.93 -12.38
CA LEU C 92 -5.56 -16.32 -11.57
C LEU C 92 -6.80 -16.35 -12.45
N VAL C 93 -7.60 -17.43 -12.34
CA VAL C 93 -8.94 -17.46 -12.90
C VAL C 93 -9.94 -17.62 -11.75
N ASN C 94 -10.76 -16.57 -11.54
CA ASN C 94 -11.87 -16.62 -10.59
C ASN C 94 -13.04 -17.32 -11.27
N ASN C 95 -13.18 -18.62 -10.96
CA ASN C 95 -14.16 -19.49 -11.60
C ASN C 95 -15.18 -19.98 -10.59
N ALA C 96 -14.79 -20.07 -9.31
CA ALA C 96 -15.65 -20.62 -8.27
C ALA C 96 -16.88 -19.73 -8.13
N GLY C 97 -18.07 -20.35 -8.13
CA GLY C 97 -19.33 -19.64 -8.01
C GLY C 97 -20.46 -20.57 -7.61
N ILE C 98 -21.54 -19.97 -7.10
CA ILE C 98 -22.79 -20.68 -6.91
C ILE C 98 -23.90 -19.90 -7.62
N ILE C 99 -24.99 -20.62 -7.89
CA ILE C 99 -26.21 -20.03 -8.44
C ILE C 99 -27.37 -20.48 -7.54
N ARG C 100 -28.29 -19.54 -7.25
CA ARG C 100 -29.52 -19.81 -6.54
C ARG C 100 -30.69 -19.29 -7.39
N ARG C 101 -31.79 -20.06 -7.40
CA ARG C 101 -32.96 -19.69 -8.17
C ARG C 101 -34.15 -19.46 -7.25
N VAL C 102 -34.39 -18.19 -6.90
CA VAL C 102 -35.45 -17.84 -5.96
C VAL C 102 -36.04 -16.51 -6.42
N PRO C 103 -37.39 -16.38 -6.52
CA PRO C 103 -37.99 -15.07 -6.69
C PRO C 103 -37.44 -14.09 -5.67
N MET C 104 -37.11 -12.88 -6.11
CA MET C 104 -36.31 -11.96 -5.31
C MET C 104 -37.06 -11.57 -4.04
N HIS C 105 -38.36 -11.31 -4.17
CA HIS C 105 -39.15 -10.83 -3.04
C HIS C 105 -39.33 -11.95 -2.01
N GLU C 106 -38.95 -13.19 -2.39
CA GLU C 106 -39.07 -14.33 -1.50
C GLU C 106 -37.70 -14.78 -0.97
N MET C 107 -36.61 -14.17 -1.46
CA MET C 107 -35.29 -14.68 -1.15
C MET C 107 -34.87 -14.23 0.25
N ASP C 108 -34.39 -15.16 1.07
CA ASP C 108 -33.83 -14.84 2.37
C ASP C 108 -32.66 -13.88 2.19
N ALA C 109 -32.58 -12.89 3.08
CA ALA C 109 -31.50 -11.92 3.05
C ALA C 109 -30.14 -12.60 3.10
N ALA C 110 -30.03 -13.68 3.89
CA ALA C 110 -28.78 -14.41 4.06
C ALA C 110 -28.43 -15.20 2.79
N ASP C 111 -29.44 -15.62 2.03
CA ASP C 111 -29.20 -16.38 0.80
C ASP C 111 -28.66 -15.45 -0.28
N PHE C 112 -29.23 -14.25 -0.40
CA PHE C 112 -28.74 -13.23 -1.31
C PHE C 112 -27.28 -12.91 -0.98
N ARG C 113 -27.02 -12.60 0.31
CA ARG C 113 -25.70 -12.20 0.79
C ARG C 113 -24.63 -13.23 0.47
N ARG C 114 -24.98 -14.52 0.55
CA ARG C 114 -24.05 -15.61 0.30
C ARG C 114 -23.67 -15.70 -1.18
N VAL C 115 -24.66 -15.51 -2.08
CA VAL C 115 -24.42 -15.49 -3.52
C VAL C 115 -23.48 -14.34 -3.85
N ILE C 116 -23.75 -13.17 -3.27
CA ILE C 116 -22.88 -12.01 -3.44
C ILE C 116 -21.49 -12.29 -2.88
N ASP C 117 -21.43 -12.97 -1.72
CA ASP C 117 -20.16 -13.18 -1.02
C ASP C 117 -19.25 -14.14 -1.80
N ILE C 118 -19.81 -15.20 -2.38
CA ILE C 118 -19.02 -16.16 -3.13
C ILE C 118 -18.71 -15.63 -4.53
N ASP C 119 -19.68 -14.95 -5.17
CA ASP C 119 -19.59 -14.69 -6.60
C ASP C 119 -18.96 -13.33 -6.92
N LEU C 120 -18.80 -12.46 -5.92
CA LEU C 120 -18.26 -11.14 -6.14
C LEU C 120 -17.18 -10.79 -5.12
N ASN C 121 -17.47 -10.98 -3.82
CA ASN C 121 -16.53 -10.63 -2.77
C ASN C 121 -15.29 -11.53 -2.81
N ALA C 122 -15.51 -12.84 -2.98
CA ALA C 122 -14.41 -13.79 -2.96
C ALA C 122 -13.42 -13.50 -4.09
N PRO C 123 -13.87 -13.24 -5.34
CA PRO C 123 -12.96 -12.79 -6.40
C PRO C 123 -12.05 -11.61 -6.01
N PHE C 124 -12.59 -10.64 -5.26
CA PHE C 124 -11.78 -9.56 -4.72
C PHE C 124 -10.71 -10.13 -3.78
N ILE C 125 -11.12 -11.04 -2.90
CA ILE C 125 -10.26 -11.62 -1.86
C ILE C 125 -9.08 -12.35 -2.49
N VAL C 126 -9.34 -13.16 -3.53
CA VAL C 126 -8.29 -13.99 -4.12
C VAL C 126 -7.38 -13.09 -4.96
N ALA C 127 -7.96 -12.12 -5.67
CA ALA C 127 -7.18 -11.20 -6.47
C ALA C 127 -6.22 -10.42 -5.58
N LYS C 128 -6.77 -9.89 -4.48
CA LYS C 128 -5.99 -9.19 -3.48
C LYS C 128 -4.84 -10.06 -3.01
N ALA C 129 -5.06 -11.36 -2.90
CA ALA C 129 -4.05 -12.24 -2.32
C ALA C 129 -2.88 -12.43 -3.28
N VAL C 130 -3.15 -12.39 -4.60
CA VAL C 130 -2.18 -12.73 -5.62
C VAL C 130 -1.52 -11.48 -6.23
N LEU C 131 -2.10 -10.30 -6.00
CA LEU C 131 -1.64 -9.09 -6.67
C LEU C 131 -0.22 -8.69 -6.26
N PRO C 132 0.23 -8.82 -4.99
CA PRO C 132 1.57 -8.36 -4.61
C PRO C 132 2.70 -8.89 -5.48
N ALA C 133 2.77 -10.21 -5.68
CA ALA C 133 3.86 -10.79 -6.46
C ALA C 133 3.74 -10.39 -7.92
N MET C 134 2.51 -10.23 -8.43
CA MET C 134 2.33 -9.81 -9.81
C MET C 134 2.89 -8.39 -9.98
N MET C 135 2.61 -7.52 -9.01
CA MET C 135 3.13 -6.17 -9.02
C MET C 135 4.66 -6.19 -9.06
N GLU C 136 5.27 -6.98 -8.16
CA GLU C 136 6.72 -7.12 -8.09
C GLU C 136 7.30 -7.67 -9.41
N LYS C 137 6.58 -8.60 -10.07
CA LYS C 137 7.08 -9.23 -11.28
C LYS C 137 6.85 -8.34 -12.51
N ARG C 138 6.05 -7.30 -12.36
CA ARG C 138 5.58 -6.46 -13.46
C ARG C 138 4.94 -7.32 -14.55
N ALA C 139 4.15 -8.30 -14.10
CA ALA C 139 3.45 -9.22 -14.98
C ALA C 139 2.41 -9.98 -14.16
N GLY C 140 1.24 -10.21 -14.76
CA GLY C 140 0.16 -10.90 -14.09
C GLY C 140 -1.08 -10.93 -14.97
N LYS C 141 -1.90 -11.96 -14.80
CA LYS C 141 -3.17 -12.06 -15.50
C LYS C 141 -4.23 -12.45 -14.48
N ILE C 142 -5.32 -11.67 -14.44
CA ILE C 142 -6.48 -12.02 -13.64
C ILE C 142 -7.66 -12.18 -14.58
N ILE C 143 -8.23 -13.39 -14.62
CA ILE C 143 -9.31 -13.72 -15.53
C ILE C 143 -10.54 -14.06 -14.72
N ASN C 144 -11.56 -13.18 -14.78
CA ASN C 144 -12.79 -13.41 -14.03
C ASN C 144 -13.83 -14.04 -14.95
N ILE C 145 -14.45 -15.13 -14.48
CA ILE C 145 -15.53 -15.78 -15.20
C ILE C 145 -16.82 -15.01 -14.90
N CYS C 146 -17.28 -14.26 -15.90
CA CYS C 146 -18.49 -13.48 -15.78
C CYS C 146 -19.63 -14.33 -16.33
N SER C 147 -20.59 -13.69 -17.00
CA SER C 147 -21.82 -14.37 -17.37
C SER C 147 -22.56 -13.48 -18.36
N MET C 148 -23.52 -14.08 -19.08
CA MET C 148 -24.46 -13.28 -19.82
C MET C 148 -25.32 -12.49 -18.84
N MET C 149 -25.32 -12.92 -17.57
CA MET C 149 -26.04 -12.23 -16.50
C MET C 149 -25.27 -11.02 -16.00
N SER C 150 -24.07 -10.79 -16.54
CA SER C 150 -23.36 -9.53 -16.38
C SER C 150 -24.02 -8.41 -17.18
N GLU C 151 -24.86 -8.78 -18.17
CA GLU C 151 -25.50 -7.84 -19.07
C GLU C 151 -27.03 -7.89 -18.94
N LEU C 152 -27.60 -9.09 -18.74
CA LEU C 152 -29.02 -9.33 -18.90
C LEU C 152 -29.59 -10.05 -17.68
N GLY C 153 -30.77 -9.62 -17.24
CA GLY C 153 -31.42 -10.14 -16.05
C GLY C 153 -32.37 -11.27 -16.41
N ARG C 154 -32.84 -11.98 -15.38
CA ARG C 154 -33.82 -13.06 -15.53
C ARG C 154 -34.51 -13.30 -14.19
N GLU C 155 -35.78 -13.73 -14.25
CA GLU C 155 -36.51 -14.08 -13.05
C GLU C 155 -35.77 -15.20 -12.32
N THR C 156 -35.76 -15.09 -10.99
CA THR C 156 -35.26 -16.08 -10.04
C THR C 156 -33.75 -15.91 -9.76
N VAL C 157 -33.01 -15.16 -10.58
CA VAL C 157 -31.55 -15.14 -10.45
C VAL C 157 -31.07 -13.70 -10.19
N SER C 158 -31.75 -12.98 -9.32
CA SER C 158 -31.43 -11.59 -9.03
C SER C 158 -30.06 -11.48 -8.36
N ALA C 159 -29.76 -12.36 -7.39
CA ALA C 159 -28.49 -12.30 -6.67
C ALA C 159 -27.32 -12.64 -7.60
N TYR C 160 -27.50 -13.70 -8.40
CA TYR C 160 -26.49 -14.11 -9.37
C TYR C 160 -26.13 -12.95 -10.31
N ALA C 161 -27.17 -12.25 -10.82
CA ALA C 161 -26.99 -11.20 -11.81
C ALA C 161 -26.27 -10.00 -11.21
N ALA C 162 -26.66 -9.63 -9.98
CA ALA C 162 -26.06 -8.56 -9.24
C ALA C 162 -24.57 -8.85 -9.05
N ALA C 163 -24.26 -10.06 -8.58
CA ALA C 163 -22.89 -10.51 -8.41
C ALA C 163 -22.12 -10.41 -9.72
N LYS C 164 -22.68 -10.89 -10.83
CA LYS C 164 -21.96 -10.93 -12.10
C LYS C 164 -21.77 -9.52 -12.66
N GLY C 165 -22.74 -8.63 -12.43
CA GLY C 165 -22.65 -7.25 -12.85
C GLY C 165 -21.56 -6.50 -12.08
N GLY C 166 -21.45 -6.82 -10.80
CA GLY C 166 -20.39 -6.31 -9.96
C GLY C 166 -19.03 -6.87 -10.37
N LEU C 167 -18.98 -8.15 -10.76
CA LEU C 167 -17.73 -8.78 -11.15
C LEU C 167 -17.16 -8.12 -12.40
N LYS C 168 -18.06 -7.79 -13.34
CA LYS C 168 -17.72 -7.03 -14.54
C LYS C 168 -17.01 -5.73 -14.18
N MET C 169 -17.57 -4.96 -13.25
CA MET C 169 -16.99 -3.70 -12.83
C MET C 169 -15.77 -3.91 -11.93
N LEU C 170 -15.69 -5.04 -11.23
CA LEU C 170 -14.48 -5.38 -10.48
C LEU C 170 -13.33 -5.59 -11.46
N THR C 171 -13.61 -6.25 -12.59
CA THR C 171 -12.63 -6.47 -13.66
C THR C 171 -12.13 -5.13 -14.22
N ARG C 172 -13.06 -4.22 -14.53
CA ARG C 172 -12.70 -2.92 -15.08
C ARG C 172 -11.88 -2.11 -14.07
N ASN C 173 -12.21 -2.22 -12.79
CA ASN C 173 -11.49 -1.49 -11.76
C ASN C 173 -10.09 -2.04 -11.52
N ILE C 174 -9.93 -3.37 -11.50
CA ILE C 174 -8.61 -3.97 -11.33
C ILE C 174 -7.72 -3.55 -12.51
N CYS C 175 -8.28 -3.60 -13.72
CA CYS C 175 -7.62 -3.04 -14.90
C CYS C 175 -7.19 -1.60 -14.61
N SER C 176 -8.14 -0.77 -14.15
CA SER C 176 -7.89 0.65 -13.92
C SER C 176 -6.74 0.85 -12.93
N GLU C 177 -6.67 0.01 -11.89
CA GLU C 177 -5.81 0.24 -10.74
C GLU C 177 -4.46 -0.47 -10.88
N TYR C 178 -4.40 -1.60 -11.60
CA TYR C 178 -3.17 -2.40 -11.61
C TYR C 178 -2.58 -2.49 -13.02
N GLY C 179 -3.25 -1.95 -14.04
CA GLY C 179 -2.76 -2.04 -15.41
C GLY C 179 -1.35 -1.48 -15.58
N GLU C 180 -1.05 -0.38 -14.85
CA GLU C 180 0.23 0.30 -14.98
C GLU C 180 1.39 -0.60 -14.54
N TYR C 181 1.09 -1.71 -13.84
CA TYR C 181 2.12 -2.67 -13.48
C TYR C 181 2.23 -3.79 -14.51
N ASN C 182 1.63 -3.62 -15.70
CA ASN C 182 1.63 -4.66 -16.74
C ASN C 182 0.86 -5.88 -16.25
N ILE C 183 -0.22 -5.63 -15.50
CA ILE C 183 -1.16 -6.66 -15.10
C ILE C 183 -2.43 -6.46 -15.92
N GLN C 184 -2.96 -7.55 -16.49
CA GLN C 184 -4.16 -7.48 -17.31
C GLN C 184 -5.26 -8.27 -16.61
N CYS C 185 -6.32 -7.57 -16.23
CA CYS C 185 -7.51 -8.19 -15.68
C CYS C 185 -8.64 -8.09 -16.71
N ASN C 186 -9.19 -9.26 -17.07
CA ASN C 186 -10.20 -9.35 -18.11
C ASN C 186 -11.25 -10.39 -17.72
N GLY C 187 -12.42 -10.33 -18.35
CA GLY C 187 -13.48 -11.29 -18.09
C GLY C 187 -13.66 -12.26 -19.25
N ILE C 188 -14.20 -13.45 -18.95
CA ILE C 188 -14.75 -14.35 -19.94
C ILE C 188 -16.23 -14.53 -19.61
N GLY C 189 -17.09 -14.27 -20.59
CA GLY C 189 -18.54 -14.32 -20.39
C GLY C 189 -19.15 -15.47 -21.19
N PRO C 190 -19.36 -16.67 -20.61
CA PRO C 190 -19.83 -17.82 -21.38
C PRO C 190 -21.27 -17.67 -21.85
N GLY C 191 -21.56 -18.18 -23.05
CA GLY C 191 -22.92 -18.39 -23.53
C GLY C 191 -23.50 -19.67 -22.94
N TYR C 192 -24.35 -20.38 -23.71
CA TYR C 192 -24.97 -21.60 -23.23
C TYR C 192 -24.03 -22.78 -23.49
N ILE C 193 -23.50 -23.34 -22.38
CA ILE C 193 -22.52 -24.41 -22.40
C ILE C 193 -23.25 -25.74 -22.21
N ALA C 194 -22.97 -26.70 -23.10
CA ALA C 194 -23.53 -28.04 -23.01
C ALA C 194 -22.68 -28.89 -22.06
N THR C 195 -23.11 -28.99 -20.79
CA THR C 195 -22.48 -29.85 -19.81
C THR C 195 -23.39 -31.04 -19.53
N PRO C 196 -22.88 -32.15 -18.95
CA PRO C 196 -23.69 -33.33 -18.67
C PRO C 196 -24.94 -33.08 -17.83
N GLN C 197 -24.86 -32.09 -16.92
CA GLN C 197 -26.01 -31.69 -16.11
C GLN C 197 -27.17 -31.23 -16.98
N THR C 198 -26.87 -30.50 -18.07
CA THR C 198 -27.88 -29.91 -18.93
C THR C 198 -28.26 -30.84 -20.09
N ALA C 199 -27.82 -32.11 -20.03
CA ALA C 199 -28.04 -33.06 -21.12
C ALA C 199 -29.53 -33.36 -21.30
N PRO C 200 -30.34 -33.50 -20.23
CA PRO C 200 -31.78 -33.68 -20.37
C PRO C 200 -32.47 -32.57 -21.16
N LEU C 201 -31.92 -31.34 -21.09
CA LEU C 201 -32.49 -30.19 -21.76
C LEU C 201 -32.29 -30.28 -23.27
N ARG C 202 -31.50 -31.26 -23.73
CA ARG C 202 -31.26 -31.49 -25.14
C ARG C 202 -31.80 -32.85 -25.56
N GLU C 203 -33.01 -33.19 -25.11
CA GLU C 203 -33.66 -34.44 -25.53
C GLU C 203 -34.33 -34.21 -26.90
N HIS C 211 -36.61 -30.91 -28.06
CA HIS C 211 -36.89 -30.39 -26.71
C HIS C 211 -37.16 -28.89 -26.78
N PRO C 212 -38.23 -28.36 -26.13
CA PRO C 212 -38.53 -26.94 -26.16
C PRO C 212 -37.40 -26.02 -25.73
N PHE C 213 -36.66 -26.42 -24.70
CA PHE C 213 -35.57 -25.62 -24.17
C PHE C 213 -34.45 -25.51 -25.21
N ASP C 214 -34.17 -26.63 -25.88
CA ASP C 214 -33.03 -26.76 -26.76
C ASP C 214 -33.21 -25.96 -28.04
N SER C 215 -34.41 -26.02 -28.63
CA SER C 215 -34.71 -25.21 -29.80
C SER C 215 -34.67 -23.73 -29.41
N PHE C 216 -35.19 -23.40 -28.22
CA PHE C 216 -35.17 -22.04 -27.71
C PHE C 216 -33.74 -21.49 -27.75
N ILE C 217 -32.80 -22.23 -27.16
CA ILE C 217 -31.40 -21.86 -27.11
C ILE C 217 -30.86 -21.70 -28.54
N CYS C 218 -31.11 -22.70 -29.39
CA CYS C 218 -30.58 -22.71 -30.74
C CYS C 218 -31.14 -21.54 -31.56
N ALA C 219 -32.37 -21.11 -31.26
CA ALA C 219 -32.99 -19.98 -31.95
C ALA C 219 -32.35 -18.66 -31.54
N LYS C 220 -31.87 -18.57 -30.30
CA LYS C 220 -31.25 -17.36 -29.79
C LYS C 220 -29.81 -17.22 -30.27
N THR C 221 -29.19 -18.34 -30.67
CA THR C 221 -27.75 -18.41 -30.89
C THR C 221 -27.45 -18.45 -32.38
N PRO C 222 -26.87 -17.36 -32.97
CA PRO C 222 -26.47 -17.37 -34.38
C PRO C 222 -25.77 -18.65 -34.83
N ALA C 223 -24.85 -19.16 -34.00
CA ALA C 223 -24.09 -20.36 -34.30
C ALA C 223 -25.00 -21.58 -34.44
N GLY C 224 -26.19 -21.52 -33.84
CA GLY C 224 -27.21 -22.54 -34.01
C GLY C 224 -26.89 -23.82 -33.22
N ARG C 225 -26.21 -23.66 -32.07
CA ARG C 225 -25.84 -24.80 -31.24
C ARG C 225 -25.45 -24.31 -29.85
N TRP C 226 -25.47 -25.22 -28.88
CA TRP C 226 -24.82 -25.02 -27.60
C TRP C 226 -23.30 -25.03 -27.82
N LEU C 227 -22.56 -24.39 -26.91
CA LEU C 227 -21.10 -24.39 -26.95
C LEU C 227 -20.58 -25.54 -26.10
N ASP C 228 -19.49 -26.16 -26.57
CA ASP C 228 -18.76 -27.15 -25.80
C ASP C 228 -17.84 -26.40 -24.83
N PRO C 229 -17.68 -26.86 -23.57
CA PRO C 229 -16.78 -26.21 -22.61
C PRO C 229 -15.38 -25.89 -23.13
N GLU C 230 -14.85 -26.71 -24.04
CA GLU C 230 -13.52 -26.54 -24.59
C GLU C 230 -13.45 -25.30 -25.47
N GLU C 231 -14.60 -24.81 -25.94
CA GLU C 231 -14.64 -23.62 -26.78
C GLU C 231 -14.38 -22.37 -25.95
N LEU C 232 -14.26 -22.53 -24.62
CA LEU C 232 -13.91 -21.44 -23.74
C LEU C 232 -12.40 -21.39 -23.53
N THR C 233 -11.67 -22.47 -23.88
CA THR C 233 -10.28 -22.67 -23.49
C THR C 233 -9.35 -21.87 -24.39
N GLY C 234 -9.71 -21.72 -25.67
CA GLY C 234 -8.95 -20.87 -26.59
C GLY C 234 -8.97 -19.43 -26.12
N PRO C 235 -10.17 -18.83 -25.95
CA PRO C 235 -10.30 -17.50 -25.37
C PRO C 235 -9.54 -17.32 -24.06
N ALA C 236 -9.57 -18.33 -23.18
CA ALA C 236 -8.91 -18.27 -21.88
C ALA C 236 -7.40 -18.23 -22.04
N VAL C 237 -6.87 -19.08 -22.93
CA VAL C 237 -5.44 -19.18 -23.15
C VAL C 237 -4.97 -17.82 -23.67
N PHE C 238 -5.71 -17.32 -24.66
CA PHE C 238 -5.49 -16.00 -25.23
C PHE C 238 -5.35 -14.94 -24.14
N LEU C 239 -6.32 -14.83 -23.23
CA LEU C 239 -6.30 -13.79 -22.21
C LEU C 239 -5.16 -14.02 -21.22
N ALA C 240 -4.77 -15.29 -21.03
CA ALA C 240 -3.68 -15.64 -20.13
C ALA C 240 -2.30 -15.37 -20.73
N SER C 241 -2.22 -15.15 -22.06
CA SER C 241 -0.96 -15.13 -22.77
C SER C 241 -0.47 -13.71 -23.02
N GLU C 242 0.81 -13.62 -23.36
CA GLU C 242 1.47 -12.37 -23.68
C GLU C 242 0.86 -11.72 -24.93
N ALA C 243 0.25 -12.54 -25.80
CA ALA C 243 -0.36 -12.06 -27.03
C ALA C 243 -1.57 -11.17 -26.77
N SER C 244 -2.05 -11.10 -25.54
CA SER C 244 -3.21 -10.29 -25.19
C SER C 244 -2.87 -9.15 -24.24
N ASN C 245 -1.57 -8.81 -24.12
CA ASN C 245 -1.12 -7.88 -23.08
C ASN C 245 -1.81 -6.51 -23.21
N ALA C 246 -2.26 -6.15 -24.43
CA ALA C 246 -2.87 -4.86 -24.67
C ALA C 246 -4.38 -4.90 -24.47
N VAL C 247 -4.91 -6.12 -24.19
CA VAL C 247 -6.30 -6.30 -23.78
C VAL C 247 -6.39 -6.21 -22.26
N ASN C 248 -7.21 -5.27 -21.75
CA ASN C 248 -7.29 -5.05 -20.32
C ASN C 248 -8.65 -4.44 -19.99
N GLY C 249 -9.26 -4.95 -18.92
CA GLY C 249 -10.54 -4.45 -18.42
C GLY C 249 -11.69 -4.75 -19.38
N HIS C 250 -11.51 -5.83 -20.17
CA HIS C 250 -12.42 -6.17 -21.25
C HIS C 250 -13.12 -7.49 -20.93
N ILE C 251 -14.46 -7.52 -21.08
CA ILE C 251 -15.21 -8.77 -20.98
C ILE C 251 -15.26 -9.43 -22.36
N LEU C 252 -14.54 -10.54 -22.51
CA LEU C 252 -14.58 -11.30 -23.76
C LEU C 252 -15.74 -12.29 -23.69
N TYR C 253 -16.85 -11.96 -24.37
CA TYR C 253 -18.03 -12.81 -24.40
C TYR C 253 -17.80 -13.93 -25.42
N VAL C 254 -18.13 -15.16 -25.02
CA VAL C 254 -17.90 -16.35 -25.83
C VAL C 254 -19.22 -17.12 -25.84
N ASP C 255 -20.11 -16.72 -26.75
CA ASP C 255 -21.54 -16.97 -26.62
C ASP C 255 -22.18 -17.34 -27.96
N GLY C 256 -21.37 -17.55 -29.00
CA GLY C 256 -21.90 -17.96 -30.29
C GLY C 256 -22.79 -16.91 -30.94
N GLY C 257 -22.68 -15.65 -30.49
CA GLY C 257 -23.36 -14.53 -31.13
C GLY C 257 -24.59 -14.08 -30.36
N ILE C 258 -24.94 -14.77 -29.26
CA ILE C 258 -26.20 -14.52 -28.58
C ILE C 258 -26.38 -13.03 -28.30
N LEU C 259 -25.38 -12.39 -27.67
CA LEU C 259 -25.53 -11.03 -27.18
C LEU C 259 -25.59 -10.00 -28.32
N ALA C 260 -25.16 -10.41 -29.54
CA ALA C 260 -25.18 -9.52 -30.69
C ALA C 260 -26.51 -9.60 -31.45
N TYR C 261 -27.38 -10.54 -31.06
CA TYR C 261 -28.50 -10.95 -31.90
C TYR C 261 -29.82 -10.67 -31.19
N ILE C 262 -30.79 -10.12 -31.92
CA ILE C 262 -32.09 -9.82 -31.33
C ILE C 262 -32.91 -11.10 -31.16
N GLY C 263 -32.64 -12.11 -32.00
CA GLY C 263 -33.34 -13.39 -31.92
C GLY C 263 -33.97 -13.81 -33.25
N LYS C 264 -34.30 -15.10 -33.34
CA LYS C 264 -34.99 -15.67 -34.49
C LYS C 264 -36.48 -15.63 -34.19
N GLN C 265 -37.22 -14.81 -34.96
CA GLN C 265 -38.65 -14.63 -34.77
C GLN C 265 -39.41 -15.55 -35.72
N PRO C 266 -40.62 -16.01 -35.36
CA PRO C 266 -41.46 -16.81 -36.25
C PRO C 266 -41.58 -16.24 -37.66
N ASN D 2 -5.08 -30.30 -30.68
CA ASN D 2 -6.25 -29.66 -30.01
C ASN D 2 -6.73 -28.50 -30.88
N GLN D 3 -7.86 -28.74 -31.57
CA GLN D 3 -8.54 -27.77 -32.40
C GLN D 3 -8.85 -26.50 -31.60
N PHE D 4 -9.21 -26.66 -30.32
CA PHE D 4 -9.69 -25.57 -29.50
C PHE D 4 -8.56 -24.59 -29.16
N LEU D 5 -7.31 -25.06 -29.29
CA LEU D 5 -6.16 -24.21 -29.01
C LEU D 5 -5.32 -23.99 -30.28
N ASN D 6 -5.96 -24.09 -31.45
CA ASN D 6 -5.23 -23.94 -32.71
C ASN D 6 -5.24 -22.46 -33.11
N PHE D 7 -4.09 -21.80 -32.94
CA PHE D 7 -3.94 -20.39 -33.24
C PHE D 7 -3.28 -20.22 -34.61
N SER D 8 -3.00 -21.32 -35.31
CA SER D 8 -2.33 -21.27 -36.60
C SER D 8 -3.35 -20.87 -37.68
N LEU D 9 -2.85 -20.19 -38.73
CA LEU D 9 -3.68 -19.87 -39.89
C LEU D 9 -3.09 -20.57 -41.13
N GLU D 10 -2.50 -21.75 -40.95
CA GLU D 10 -1.79 -22.42 -42.03
C GLU D 10 -2.78 -22.80 -43.15
N GLY D 11 -2.46 -22.38 -44.37
CA GLY D 11 -3.26 -22.68 -45.55
C GLY D 11 -4.38 -21.66 -45.81
N LYS D 12 -4.63 -20.76 -44.85
CA LYS D 12 -5.76 -19.85 -44.96
C LYS D 12 -5.38 -18.66 -45.85
N VAL D 13 -6.27 -18.31 -46.78
CA VAL D 13 -6.11 -17.12 -47.60
C VAL D 13 -6.78 -15.94 -46.91
N ALA D 14 -6.03 -14.83 -46.77
CA ALA D 14 -6.52 -13.64 -46.09
C ALA D 14 -6.40 -12.42 -47.00
N LEU D 15 -7.41 -11.54 -46.91
CA LEU D 15 -7.37 -10.22 -47.51
C LEU D 15 -7.44 -9.19 -46.39
N VAL D 16 -6.43 -8.29 -46.35
CA VAL D 16 -6.43 -7.14 -45.45
C VAL D 16 -6.51 -5.88 -46.30
N THR D 17 -7.65 -5.20 -46.26
CA THR D 17 -7.85 -4.08 -47.15
C THR D 17 -7.04 -2.90 -46.64
N GLY D 18 -6.42 -2.18 -47.57
CA GLY D 18 -5.67 -0.97 -47.27
C GLY D 18 -4.40 -1.25 -46.47
N ALA D 19 -3.84 -2.47 -46.56
CA ALA D 19 -2.73 -2.85 -45.70
C ALA D 19 -1.37 -2.57 -46.35
N SER D 20 -1.19 -1.35 -46.89
CA SER D 20 0.09 -0.93 -47.44
C SER D 20 0.96 -0.33 -46.35
N TYR D 21 0.40 -0.08 -45.17
CA TYR D 21 1.11 0.55 -44.07
C TYR D 21 0.34 0.30 -42.78
N GLY D 22 0.93 0.69 -41.64
CA GLY D 22 0.19 0.90 -40.40
C GLY D 22 -0.38 -0.40 -39.82
N ILE D 23 -1.62 -0.31 -39.34
CA ILE D 23 -2.26 -1.41 -38.62
C ILE D 23 -2.42 -2.61 -39.54
N GLY D 24 -2.92 -2.37 -40.77
CA GLY D 24 -3.22 -3.44 -41.70
C GLY D 24 -1.96 -4.20 -42.09
N PHE D 25 -0.88 -3.45 -42.28
CA PHE D 25 0.39 -4.04 -42.67
C PHE D 25 0.85 -4.98 -41.56
N ALA D 26 0.76 -4.50 -40.32
CA ALA D 26 1.22 -5.26 -39.18
C ALA D 26 0.38 -6.54 -39.03
N ILE D 27 -0.93 -6.46 -39.32
CA ILE D 27 -1.81 -7.61 -39.19
C ILE D 27 -1.53 -8.59 -40.33
N ALA D 28 -1.41 -8.08 -41.56
CA ALA D 28 -1.07 -8.92 -42.70
C ALA D 28 0.23 -9.67 -42.43
N SER D 29 1.24 -8.94 -41.92
CA SER D 29 2.53 -9.50 -41.60
C SER D 29 2.39 -10.63 -40.59
N ALA D 30 1.59 -10.41 -39.55
CA ALA D 30 1.37 -11.39 -38.51
C ALA D 30 0.69 -12.64 -39.08
N PHE D 31 -0.29 -12.44 -39.98
CA PHE D 31 -1.00 -13.55 -40.60
C PHE D 31 -0.03 -14.39 -41.42
N ALA D 32 0.93 -13.74 -42.10
CA ALA D 32 1.91 -14.47 -42.89
C ALA D 32 2.76 -15.36 -41.98
N GLU D 33 3.18 -14.81 -40.84
CA GLU D 33 4.02 -15.53 -39.88
C GLU D 33 3.30 -16.77 -39.37
N GLN D 34 1.96 -16.70 -39.25
CA GLN D 34 1.14 -17.81 -38.81
C GLN D 34 0.71 -18.71 -39.95
N GLY D 35 1.25 -18.53 -41.17
CA GLY D 35 1.10 -19.52 -42.22
C GLY D 35 0.06 -19.16 -43.28
N ALA D 36 -0.53 -17.96 -43.19
CA ALA D 36 -1.54 -17.55 -44.16
C ALA D 36 -0.87 -17.10 -45.46
N LYS D 37 -1.63 -17.20 -46.56
CA LYS D 37 -1.33 -16.49 -47.80
C LYS D 37 -2.02 -15.13 -47.73
N VAL D 38 -1.25 -14.04 -47.75
CA VAL D 38 -1.80 -12.73 -47.45
C VAL D 38 -1.96 -11.91 -48.74
N CYS D 39 -3.08 -11.19 -48.78
CA CYS D 39 -3.43 -10.30 -49.88
C CYS D 39 -3.84 -8.96 -49.30
N PHE D 40 -3.54 -7.88 -50.05
CA PHE D 40 -3.93 -6.55 -49.64
C PHE D 40 -4.28 -5.72 -50.88
N ASN D 41 -4.88 -4.56 -50.64
CA ASN D 41 -5.23 -3.63 -51.71
C ASN D 41 -4.96 -2.21 -51.25
N ASP D 42 -4.88 -1.29 -52.22
CA ASP D 42 -4.93 0.12 -51.94
C ASP D 42 -5.35 0.86 -53.21
N ILE D 43 -5.47 2.19 -53.11
CA ILE D 43 -6.29 2.97 -54.04
C ILE D 43 -5.54 3.29 -55.33
N ASN D 44 -4.19 3.27 -55.30
CA ASN D 44 -3.41 3.54 -56.49
C ASN D 44 -2.14 2.70 -56.48
N GLN D 45 -1.46 2.65 -57.64
CA GLN D 45 -0.32 1.77 -57.85
C GLN D 45 0.85 2.16 -56.94
N GLU D 46 1.02 3.47 -56.68
CA GLU D 46 2.15 3.92 -55.87
C GLU D 46 2.02 3.39 -54.44
N LEU D 47 0.79 3.37 -53.91
CA LEU D 47 0.55 2.88 -52.55
C LEU D 47 0.71 1.36 -52.51
N VAL D 48 0.23 0.65 -53.55
CA VAL D 48 0.45 -0.78 -53.69
C VAL D 48 1.95 -1.06 -53.75
N ASP D 49 2.67 -0.31 -54.60
CA ASP D 49 4.11 -0.45 -54.76
C ASP D 49 4.81 -0.24 -53.43
N LYS D 50 4.43 0.81 -52.70
CA LYS D 50 4.99 1.12 -51.40
C LYS D 50 4.81 -0.08 -50.46
N GLY D 51 3.60 -0.63 -50.43
CA GLY D 51 3.27 -1.79 -49.62
C GLY D 51 4.10 -3.03 -50.01
N MET D 52 4.10 -3.37 -51.29
CA MET D 52 4.84 -4.53 -51.79
C MET D 52 6.31 -4.46 -51.40
N ALA D 53 6.91 -3.26 -51.52
CA ALA D 53 8.30 -3.03 -51.15
C ALA D 53 8.53 -3.37 -49.69
N ALA D 54 7.60 -2.94 -48.82
CA ALA D 54 7.73 -3.13 -47.38
C ALA D 54 7.71 -4.61 -47.02
N TYR D 55 6.78 -5.36 -47.66
CA TYR D 55 6.65 -6.79 -47.39
C TYR D 55 7.91 -7.52 -47.85
N ALA D 56 8.37 -7.24 -49.09
CA ALA D 56 9.52 -7.94 -49.63
C ALA D 56 10.78 -7.59 -48.82
N ALA D 57 10.82 -6.39 -48.23
CA ALA D 57 11.96 -5.99 -47.40
C ALA D 57 12.09 -6.92 -46.20
N LYS D 58 10.95 -7.42 -45.71
CA LYS D 58 10.89 -8.25 -44.51
C LYS D 58 10.86 -9.74 -44.86
N GLY D 59 10.81 -10.06 -46.16
CA GLY D 59 10.82 -11.45 -46.60
C GLY D 59 9.41 -12.04 -46.69
N ILE D 60 8.39 -11.18 -46.58
CA ILE D 60 7.00 -11.60 -46.67
C ILE D 60 6.57 -11.55 -48.13
N LYS D 61 6.05 -12.66 -48.64
CA LYS D 61 5.39 -12.65 -49.93
C LYS D 61 3.95 -12.19 -49.68
N ALA D 62 3.52 -11.19 -50.45
CA ALA D 62 2.16 -10.70 -50.41
C ALA D 62 1.70 -10.51 -51.84
N HIS D 63 0.38 -10.55 -52.05
CA HIS D 63 -0.23 -10.21 -53.32
C HIS D 63 -0.95 -8.88 -53.14
N GLY D 64 -0.48 -7.86 -53.86
CA GLY D 64 -1.03 -6.52 -53.83
C GLY D 64 -1.91 -6.25 -55.05
N TYR D 65 -3.01 -5.53 -54.83
CA TYR D 65 -3.99 -5.26 -55.86
C TYR D 65 -4.43 -3.80 -55.77
N VAL D 66 -4.46 -3.11 -56.91
CA VAL D 66 -5.07 -1.80 -56.99
C VAL D 66 -6.58 -2.01 -56.97
N CYS D 67 -7.26 -1.37 -56.03
CA CYS D 67 -8.70 -1.50 -55.90
C CYS D 67 -9.21 -0.45 -54.91
N ASP D 68 -10.24 0.29 -55.33
CA ASP D 68 -11.02 1.17 -54.47
C ASP D 68 -12.17 0.36 -53.87
N VAL D 69 -12.19 0.27 -52.53
CA VAL D 69 -13.14 -0.61 -51.86
C VAL D 69 -14.57 -0.07 -51.96
N THR D 70 -14.77 1.20 -52.33
CA THR D 70 -16.11 1.72 -52.54
C THR D 70 -16.66 1.34 -53.92
N ASP D 71 -15.82 0.75 -54.80
CA ASP D 71 -16.18 0.46 -56.18
C ASP D 71 -16.51 -1.03 -56.29
N GLU D 72 -17.81 -1.37 -56.26
CA GLU D 72 -18.24 -2.75 -56.09
C GLU D 72 -17.77 -3.63 -57.26
N PRO D 73 -17.94 -3.22 -58.54
CA PRO D 73 -17.40 -4.00 -59.66
C PRO D 73 -15.90 -4.32 -59.53
N ALA D 74 -15.12 -3.35 -59.04
CA ALA D 74 -13.69 -3.53 -58.84
C ALA D 74 -13.42 -4.53 -57.72
N VAL D 75 -14.18 -4.44 -56.62
CA VAL D 75 -13.99 -5.34 -55.50
C VAL D 75 -14.31 -6.77 -55.94
N GLN D 76 -15.43 -6.96 -56.65
CA GLN D 76 -15.81 -8.27 -57.14
C GLN D 76 -14.72 -8.83 -58.06
N ALA D 77 -14.19 -7.99 -58.96
CA ALA D 77 -13.09 -8.41 -59.83
C ALA D 77 -11.87 -8.83 -59.00
N MET D 78 -11.56 -8.09 -57.94
CA MET D 78 -10.39 -8.38 -57.12
C MET D 78 -10.58 -9.72 -56.40
N VAL D 79 -11.77 -9.95 -55.85
CA VAL D 79 -12.03 -11.18 -55.11
C VAL D 79 -11.89 -12.38 -56.04
N ALA D 80 -12.38 -12.24 -57.29
CA ALA D 80 -12.35 -13.34 -58.24
C ALA D 80 -10.91 -13.61 -58.66
N THR D 81 -10.11 -12.55 -58.85
CA THR D 81 -8.72 -12.70 -59.23
C THR D 81 -7.93 -13.38 -58.11
N ILE D 82 -8.16 -12.96 -56.85
CA ILE D 82 -7.56 -13.60 -55.69
C ILE D 82 -7.92 -15.09 -55.69
N ALA D 83 -9.20 -15.39 -55.92
CA ALA D 83 -9.68 -16.76 -55.98
C ALA D 83 -8.84 -17.60 -56.94
N LYS D 84 -8.46 -17.02 -58.09
CA LYS D 84 -7.73 -17.77 -59.11
C LYS D 84 -6.24 -17.82 -58.77
N GLU D 85 -5.64 -16.66 -58.46
CA GLU D 85 -4.21 -16.54 -58.30
C GLU D 85 -3.73 -17.18 -57.00
N VAL D 86 -4.58 -17.14 -55.96
CA VAL D 86 -4.15 -17.49 -54.62
C VAL D 86 -5.10 -18.51 -53.99
N GLY D 87 -6.41 -18.21 -53.98
CA GLY D 87 -7.44 -19.08 -53.44
C GLY D 87 -8.61 -18.29 -52.87
N THR D 88 -9.75 -18.95 -52.64
CA THR D 88 -10.93 -18.31 -52.07
C THR D 88 -10.54 -17.71 -50.73
N ILE D 89 -10.97 -16.46 -50.48
CA ILE D 89 -10.65 -15.77 -49.25
C ILE D 89 -11.30 -16.49 -48.08
N ASP D 90 -10.50 -16.86 -47.07
CA ASP D 90 -10.97 -17.49 -45.84
C ASP D 90 -11.15 -16.45 -44.73
N ILE D 91 -10.21 -15.50 -44.66
CA ILE D 91 -10.18 -14.45 -43.64
C ILE D 91 -10.23 -13.09 -44.33
N LEU D 92 -11.23 -12.26 -44.00
CA LEU D 92 -11.26 -10.88 -44.46
C LEU D 92 -11.00 -9.96 -43.27
N VAL D 93 -10.10 -8.98 -43.46
CA VAL D 93 -9.94 -7.89 -42.52
C VAL D 93 -10.30 -6.59 -43.22
N ASN D 94 -11.41 -5.96 -42.80
CA ASN D 94 -11.79 -4.63 -43.26
C ASN D 94 -11.02 -3.58 -42.46
N ASN D 95 -9.97 -3.01 -43.08
CA ASN D 95 -9.01 -2.15 -42.43
C ASN D 95 -8.87 -0.81 -43.16
N ALA D 96 -9.06 -0.82 -44.49
CA ALA D 96 -9.04 0.39 -45.30
C ALA D 96 -9.95 1.47 -44.69
N GLY D 97 -9.41 2.66 -44.47
CA GLY D 97 -10.21 3.70 -43.83
C GLY D 97 -9.63 5.09 -44.08
N ILE D 98 -10.47 6.10 -43.86
CA ILE D 98 -10.01 7.48 -43.82
C ILE D 98 -10.61 8.17 -42.60
N ILE D 99 -9.95 9.25 -42.19
CA ILE D 99 -10.46 10.15 -41.17
C ILE D 99 -10.36 11.59 -41.68
N ARG D 100 -11.36 12.40 -41.33
CA ARG D 100 -11.35 13.82 -41.59
C ARG D 100 -11.64 14.53 -40.28
N ARG D 101 -11.12 15.75 -40.16
CA ARG D 101 -11.29 16.55 -38.96
C ARG D 101 -11.88 17.89 -39.38
N VAL D 102 -13.22 18.00 -39.24
CA VAL D 102 -13.97 19.20 -39.56
C VAL D 102 -15.11 19.31 -38.56
N PRO D 103 -15.33 20.48 -37.91
CA PRO D 103 -16.55 20.70 -37.15
C PRO D 103 -17.80 20.33 -37.94
N MET D 104 -18.70 19.56 -37.32
CA MET D 104 -19.78 18.93 -38.05
C MET D 104 -20.61 20.01 -38.77
N HIS D 105 -20.86 21.15 -38.11
CA HIS D 105 -21.72 22.18 -38.69
C HIS D 105 -21.06 22.82 -39.93
N GLU D 106 -19.74 22.67 -40.07
CA GLU D 106 -18.99 23.24 -41.17
C GLU D 106 -18.59 22.18 -42.19
N MET D 107 -19.00 20.93 -41.99
CA MET D 107 -18.49 19.84 -42.82
C MET D 107 -19.29 19.73 -44.12
N ASP D 108 -18.58 19.75 -45.24
CA ASP D 108 -19.18 19.52 -46.54
C ASP D 108 -19.89 18.17 -46.56
N ALA D 109 -21.09 18.13 -47.14
CA ALA D 109 -21.91 16.93 -47.17
C ALA D 109 -21.23 15.82 -47.97
N ALA D 110 -20.54 16.18 -49.04
CA ALA D 110 -19.77 15.22 -49.82
C ALA D 110 -18.66 14.63 -48.95
N ASP D 111 -18.06 15.44 -48.08
CA ASP D 111 -17.01 14.97 -47.20
C ASP D 111 -17.54 13.92 -46.22
N PHE D 112 -18.64 14.26 -45.55
CA PHE D 112 -19.30 13.35 -44.63
C PHE D 112 -19.58 12.01 -45.33
N ARG D 113 -20.21 12.08 -46.52
CA ARG D 113 -20.64 10.90 -47.24
C ARG D 113 -19.44 10.05 -47.66
N ARG D 114 -18.32 10.71 -47.98
CA ARG D 114 -17.13 10.00 -48.41
C ARG D 114 -16.60 9.15 -47.26
N VAL D 115 -16.61 9.71 -46.05
CA VAL D 115 -16.12 9.00 -44.88
C VAL D 115 -17.02 7.79 -44.62
N ILE D 116 -18.34 7.99 -44.71
CA ILE D 116 -19.30 6.92 -44.49
C ILE D 116 -19.08 5.82 -45.52
N ASP D 117 -18.86 6.21 -46.79
CA ASP D 117 -18.75 5.26 -47.89
C ASP D 117 -17.50 4.39 -47.77
N ILE D 118 -16.37 4.97 -47.37
CA ILE D 118 -15.15 4.19 -47.23
C ILE D 118 -15.21 3.40 -45.94
N ASP D 119 -15.67 4.02 -44.84
CA ASP D 119 -15.46 3.51 -43.50
C ASP D 119 -16.58 2.56 -43.05
N LEU D 120 -17.73 2.61 -43.72
CA LEU D 120 -18.90 1.82 -43.36
C LEU D 120 -19.40 1.02 -44.56
N ASN D 121 -19.71 1.70 -45.68
CA ASN D 121 -20.35 1.03 -46.81
C ASN D 121 -19.42 0.00 -47.46
N ALA D 122 -18.12 0.34 -47.58
CA ALA D 122 -17.19 -0.51 -48.30
C ALA D 122 -16.97 -1.84 -47.57
N PRO D 123 -16.77 -1.86 -46.23
CA PRO D 123 -16.79 -3.12 -45.49
C PRO D 123 -17.99 -4.02 -45.79
N PHE D 124 -19.18 -3.43 -45.95
CA PHE D 124 -20.34 -4.16 -46.45
C PHE D 124 -20.05 -4.80 -47.81
N ILE D 125 -19.47 -4.02 -48.73
CA ILE D 125 -19.29 -4.44 -50.12
C ILE D 125 -18.30 -5.60 -50.18
N VAL D 126 -17.19 -5.46 -49.44
CA VAL D 126 -16.13 -6.45 -49.45
C VAL D 126 -16.65 -7.70 -48.72
N ALA D 127 -17.42 -7.51 -47.63
CA ALA D 127 -18.01 -8.64 -46.92
C ALA D 127 -18.92 -9.42 -47.87
N LYS D 128 -19.85 -8.68 -48.52
CA LYS D 128 -20.78 -9.25 -49.49
C LYS D 128 -20.02 -10.04 -50.56
N ALA D 129 -18.88 -9.52 -51.02
CA ALA D 129 -18.14 -10.15 -52.10
C ALA D 129 -17.53 -11.49 -51.68
N VAL D 130 -17.17 -11.63 -50.39
CA VAL D 130 -16.45 -12.79 -49.91
C VAL D 130 -17.39 -13.81 -49.27
N LEU D 131 -18.61 -13.40 -48.90
CA LEU D 131 -19.48 -14.26 -48.13
C LEU D 131 -19.86 -15.53 -48.91
N PRO D 132 -20.37 -15.45 -50.17
CA PRO D 132 -20.82 -16.63 -50.90
C PRO D 132 -19.87 -17.83 -50.80
N ALA D 133 -18.57 -17.61 -51.03
CA ALA D 133 -17.61 -18.68 -50.95
C ALA D 133 -17.51 -19.23 -49.52
N MET D 134 -17.53 -18.35 -48.51
CA MET D 134 -17.40 -18.76 -47.12
C MET D 134 -18.60 -19.62 -46.70
N MET D 135 -19.79 -19.24 -47.15
CA MET D 135 -21.01 -19.97 -46.86
C MET D 135 -20.95 -21.39 -47.43
N GLU D 136 -20.36 -21.51 -48.64
CA GLU D 136 -20.22 -22.80 -49.30
C GLU D 136 -19.26 -23.70 -48.52
N LYS D 137 -18.13 -23.15 -48.07
CA LYS D 137 -17.15 -23.91 -47.30
C LYS D 137 -17.63 -24.19 -45.87
N ARG D 138 -18.67 -23.47 -45.44
CA ARG D 138 -19.11 -23.49 -44.04
C ARG D 138 -17.94 -23.12 -43.13
N ALA D 139 -17.21 -22.05 -43.51
CA ALA D 139 -16.06 -21.58 -42.74
C ALA D 139 -15.65 -20.19 -43.21
N GLY D 140 -15.22 -19.33 -42.27
CA GLY D 140 -14.67 -18.04 -42.62
C GLY D 140 -14.63 -17.07 -41.45
N LYS D 141 -13.81 -16.03 -41.61
CA LYS D 141 -13.67 -14.97 -40.62
C LYS D 141 -13.78 -13.62 -41.31
N ILE D 142 -14.58 -12.73 -40.72
CA ILE D 142 -14.62 -11.33 -41.10
C ILE D 142 -14.25 -10.51 -39.87
N ILE D 143 -13.12 -9.80 -39.93
CA ILE D 143 -12.67 -8.97 -38.82
C ILE D 143 -12.71 -7.52 -39.26
N ASN D 144 -13.50 -6.72 -38.54
CA ASN D 144 -13.67 -5.30 -38.84
C ASN D 144 -12.86 -4.47 -37.85
N ILE D 145 -11.95 -3.64 -38.36
CA ILE D 145 -11.23 -2.71 -37.53
C ILE D 145 -12.18 -1.57 -37.17
N CYS D 146 -12.65 -1.59 -35.92
CA CYS D 146 -13.48 -0.53 -35.39
C CYS D 146 -12.57 0.52 -34.76
N SER D 147 -12.99 1.09 -33.65
CA SER D 147 -12.30 2.23 -33.07
C SER D 147 -12.88 2.50 -31.69
N MET D 148 -12.14 3.23 -30.85
CA MET D 148 -12.73 3.78 -29.64
C MET D 148 -13.89 4.70 -30.02
N MET D 149 -13.88 5.20 -31.27
CA MET D 149 -14.94 6.08 -31.78
C MET D 149 -16.19 5.27 -32.15
N SER D 150 -16.12 3.94 -31.99
CA SER D 150 -17.32 3.10 -32.01
C SER D 150 -18.12 3.25 -30.72
N GLU D 151 -17.51 3.83 -29.67
CA GLU D 151 -18.19 4.05 -28.40
C GLU D 151 -18.26 5.53 -28.02
N LEU D 152 -17.19 6.31 -28.29
CA LEU D 152 -17.10 7.67 -27.77
C LEU D 152 -16.95 8.69 -28.89
N GLY D 153 -17.52 9.88 -28.68
CA GLY D 153 -17.44 10.97 -29.64
C GLY D 153 -16.32 11.96 -29.28
N ARG D 154 -16.09 12.88 -30.21
CA ARG D 154 -15.13 13.97 -30.05
C ARG D 154 -15.40 15.01 -31.13
N GLU D 155 -15.12 16.28 -30.78
CA GLU D 155 -15.19 17.37 -31.75
C GLU D 155 -14.34 17.02 -32.97
N THR D 156 -14.90 17.36 -34.14
CA THR D 156 -14.22 17.35 -35.44
C THR D 156 -14.31 15.99 -36.13
N VAL D 157 -14.72 14.91 -35.44
CA VAL D 157 -14.73 13.59 -36.06
C VAL D 157 -16.12 12.95 -36.00
N SER D 158 -17.15 13.74 -36.38
CA SER D 158 -18.52 13.25 -36.39
C SER D 158 -18.72 12.14 -37.42
N ALA D 159 -18.26 12.39 -38.64
CA ALA D 159 -18.40 11.41 -39.72
C ALA D 159 -17.72 10.11 -39.33
N TYR D 160 -16.54 10.22 -38.70
CA TYR D 160 -15.74 9.07 -38.38
C TYR D 160 -16.43 8.22 -37.32
N ALA D 161 -16.92 8.88 -36.26
CA ALA D 161 -17.65 8.20 -35.19
C ALA D 161 -18.89 7.51 -35.71
N ALA D 162 -19.64 8.19 -36.58
CA ALA D 162 -20.85 7.63 -37.16
C ALA D 162 -20.51 6.34 -37.90
N ALA D 163 -19.46 6.38 -38.72
CA ALA D 163 -19.07 5.21 -39.51
C ALA D 163 -18.65 4.07 -38.59
N LYS D 164 -17.83 4.37 -37.58
CA LYS D 164 -17.28 3.35 -36.68
C LYS D 164 -18.37 2.75 -35.80
N GLY D 165 -19.31 3.59 -35.34
CA GLY D 165 -20.47 3.12 -34.63
C GLY D 165 -21.31 2.18 -35.50
N GLY D 166 -21.48 2.54 -36.77
CA GLY D 166 -22.23 1.71 -37.71
C GLY D 166 -21.48 0.42 -38.06
N LEU D 167 -20.14 0.50 -38.14
CA LEU D 167 -19.34 -0.67 -38.42
C LEU D 167 -19.48 -1.67 -37.26
N LYS D 168 -19.63 -1.16 -36.04
CA LYS D 168 -19.83 -2.02 -34.89
C LYS D 168 -21.13 -2.81 -35.08
N MET D 169 -22.22 -2.11 -35.45
CA MET D 169 -23.49 -2.78 -35.61
C MET D 169 -23.45 -3.70 -36.84
N LEU D 170 -22.75 -3.29 -37.90
CA LEU D 170 -22.55 -4.15 -39.06
C LEU D 170 -21.93 -5.48 -38.63
N THR D 171 -20.98 -5.43 -37.68
CA THR D 171 -20.33 -6.64 -37.19
C THR D 171 -21.35 -7.56 -36.54
N ARG D 172 -22.17 -7.00 -35.64
CA ARG D 172 -23.20 -7.75 -34.93
C ARG D 172 -24.19 -8.36 -35.94
N ASN D 173 -24.52 -7.61 -37.00
CA ASN D 173 -25.51 -8.08 -37.95
C ASN D 173 -24.95 -9.27 -38.73
N ILE D 174 -23.71 -9.15 -39.22
CA ILE D 174 -23.09 -10.19 -40.03
C ILE D 174 -22.99 -11.48 -39.20
N CYS D 175 -22.66 -11.32 -37.91
CA CYS D 175 -22.66 -12.42 -36.96
C CYS D 175 -24.06 -13.04 -36.90
N SER D 176 -25.07 -12.19 -36.67
CA SER D 176 -26.45 -12.60 -36.58
C SER D 176 -26.88 -13.35 -37.84
N GLU D 177 -26.47 -12.86 -39.02
CA GLU D 177 -27.04 -13.32 -40.28
C GLU D 177 -26.27 -14.51 -40.83
N TYR D 178 -24.96 -14.64 -40.55
CA TYR D 178 -24.14 -15.64 -41.19
C TYR D 178 -23.45 -16.56 -40.18
N GLY D 179 -23.73 -16.38 -38.88
CA GLY D 179 -23.15 -17.23 -37.85
C GLY D 179 -23.50 -18.70 -38.01
N GLU D 180 -24.68 -18.97 -38.59
CA GLU D 180 -25.17 -20.34 -38.73
C GLU D 180 -24.34 -21.13 -39.74
N TYR D 181 -23.59 -20.45 -40.61
CA TYR D 181 -22.73 -21.11 -41.58
C TYR D 181 -21.33 -21.36 -41.02
N ASN D 182 -21.13 -21.14 -39.71
CA ASN D 182 -19.82 -21.28 -39.08
C ASN D 182 -18.89 -20.19 -39.61
N ILE D 183 -19.45 -19.00 -39.82
CA ILE D 183 -18.70 -17.79 -40.12
C ILE D 183 -18.69 -16.95 -38.85
N GLN D 184 -17.52 -16.46 -38.44
CA GLN D 184 -17.44 -15.59 -37.29
C GLN D 184 -17.09 -14.18 -37.76
N CYS D 185 -17.92 -13.20 -37.42
CA CYS D 185 -17.64 -11.81 -37.71
C CYS D 185 -17.42 -11.07 -36.40
N ASN D 186 -16.22 -10.54 -36.20
CA ASN D 186 -15.89 -9.78 -35.00
C ASN D 186 -15.20 -8.47 -35.36
N GLY D 187 -15.00 -7.63 -34.34
CA GLY D 187 -14.32 -6.36 -34.51
C GLY D 187 -13.11 -6.27 -33.60
N ILE D 188 -12.11 -5.50 -34.05
CA ILE D 188 -11.02 -5.09 -33.19
C ILE D 188 -11.14 -3.58 -33.01
N GLY D 189 -11.07 -3.14 -31.76
CA GLY D 189 -11.13 -1.72 -31.45
C GLY D 189 -9.80 -1.26 -30.86
N PRO D 190 -8.88 -0.69 -31.67
CA PRO D 190 -7.59 -0.27 -31.16
C PRO D 190 -7.71 0.99 -30.30
N GLY D 191 -6.83 1.08 -29.29
CA GLY D 191 -6.68 2.30 -28.54
C GLY D 191 -5.81 3.29 -29.31
N TYR D 192 -4.92 3.97 -28.59
CA TYR D 192 -3.98 4.90 -29.22
C TYR D 192 -2.75 4.10 -29.63
N ILE D 193 -2.57 3.95 -30.95
CA ILE D 193 -1.47 3.19 -31.51
C ILE D 193 -0.35 4.15 -31.89
N ALA D 194 0.88 3.80 -31.48
CA ALA D 194 2.07 4.55 -31.87
C ALA D 194 2.26 4.42 -33.38
N THR D 195 2.48 5.56 -34.05
CA THR D 195 2.83 5.54 -35.47
C THR D 195 4.18 6.23 -35.62
N PRO D 196 4.88 6.06 -36.76
CA PRO D 196 6.13 6.78 -37.01
C PRO D 196 5.96 8.30 -37.02
N GLN D 197 4.77 8.77 -37.44
CA GLN D 197 4.49 10.19 -37.58
C GLN D 197 4.32 10.85 -36.21
N THR D 198 3.90 10.06 -35.21
CA THR D 198 3.65 10.58 -33.87
C THR D 198 4.84 10.33 -32.95
N ALA D 199 5.94 9.78 -33.51
CA ALA D 199 7.13 9.47 -32.76
C ALA D 199 7.68 10.71 -32.03
N PRO D 200 7.68 11.93 -32.63
CA PRO D 200 8.08 13.13 -31.91
C PRO D 200 7.28 13.43 -30.64
N LEU D 201 6.04 12.93 -30.54
CA LEU D 201 5.19 13.19 -29.39
C LEU D 201 5.64 12.36 -28.18
N ARG D 202 6.27 11.20 -28.43
CA ARG D 202 6.66 10.28 -27.37
C ARG D 202 8.13 10.48 -27.01
N GLU D 203 8.77 11.44 -27.68
CA GLU D 203 10.14 11.81 -27.39
C GLU D 203 10.10 13.06 -26.52
N PRO D 204 11.12 13.33 -25.68
CA PRO D 204 11.23 14.65 -25.08
C PRO D 204 11.25 15.73 -26.17
N GLN D 205 10.57 16.85 -25.91
CA GLN D 205 10.51 17.94 -26.86
C GLN D 205 11.89 18.60 -26.96
N ALA D 206 11.95 19.68 -27.77
CA ALA D 206 13.15 20.47 -27.94
C ALA D 206 13.72 20.90 -26.59
N ASP D 207 12.83 21.31 -25.67
CA ASP D 207 13.21 21.80 -24.35
C ASP D 207 13.24 20.67 -23.31
N GLY D 208 13.30 19.42 -23.78
CA GLY D 208 13.41 18.27 -22.90
C GLY D 208 12.12 17.97 -22.11
N SER D 209 11.02 18.66 -22.41
CA SER D 209 9.79 18.49 -21.66
C SER D 209 8.93 17.42 -22.33
N ARG D 210 7.84 17.05 -21.63
CA ARG D 210 6.95 15.99 -22.09
C ARG D 210 5.78 16.61 -22.84
N HIS D 211 5.53 16.16 -24.06
CA HIS D 211 4.47 16.73 -24.89
C HIS D 211 3.14 16.53 -24.18
N PRO D 212 2.30 17.58 -24.03
CA PRO D 212 1.01 17.45 -23.36
C PRO D 212 0.14 16.31 -23.89
N PHE D 213 0.09 16.17 -25.22
CA PHE D 213 -0.69 15.14 -25.89
C PHE D 213 -0.25 13.77 -25.40
N ASP D 214 1.05 13.57 -25.20
CA ASP D 214 1.56 12.31 -24.68
C ASP D 214 1.11 12.11 -23.23
N SER D 215 1.13 13.18 -22.42
CA SER D 215 0.74 13.09 -21.02
C SER D 215 -0.74 12.74 -20.91
N PHE D 216 -1.55 13.25 -21.84
CA PHE D 216 -2.98 12.99 -21.89
C PHE D 216 -3.26 11.52 -22.23
N ILE D 217 -2.58 11.00 -23.26
CA ILE D 217 -2.73 9.61 -23.68
C ILE D 217 -2.38 8.66 -22.53
N CYS D 218 -1.24 8.89 -21.89
CA CYS D 218 -0.74 7.99 -20.85
C CYS D 218 -1.63 8.06 -19.60
N ALA D 219 -2.21 9.23 -19.33
CA ALA D 219 -3.04 9.43 -18.14
C ALA D 219 -4.35 8.64 -18.27
N LYS D 220 -4.98 8.71 -19.46
CA LYS D 220 -6.22 8.02 -19.77
C LYS D 220 -6.06 6.50 -19.85
N THR D 221 -4.83 6.00 -20.03
CA THR D 221 -4.60 4.59 -20.32
C THR D 221 -4.02 3.92 -19.07
N PRO D 222 -4.69 2.89 -18.50
CA PRO D 222 -4.12 2.14 -17.38
C PRO D 222 -2.75 1.52 -17.65
N ALA D 223 -2.50 1.12 -18.90
CA ALA D 223 -1.23 0.54 -19.28
C ALA D 223 -0.10 1.57 -19.19
N GLY D 224 -0.47 2.86 -19.28
CA GLY D 224 0.44 3.97 -19.01
C GLY D 224 1.33 4.27 -20.21
N ARG D 225 0.80 4.02 -21.42
CA ARG D 225 1.61 4.05 -22.64
C ARG D 225 0.68 4.02 -23.85
N TRP D 226 1.26 4.39 -25.00
CA TRP D 226 0.69 4.10 -26.31
C TRP D 226 0.85 2.60 -26.56
N LEU D 227 0.10 2.06 -27.54
CA LEU D 227 0.26 0.67 -27.91
C LEU D 227 1.05 0.60 -29.20
N ASP D 228 1.97 -0.37 -29.28
CA ASP D 228 2.62 -0.67 -30.55
C ASP D 228 1.58 -1.28 -31.50
N PRO D 229 1.68 -1.03 -32.82
CA PRO D 229 0.73 -1.62 -33.77
C PRO D 229 0.73 -3.15 -33.71
N GLU D 230 1.89 -3.72 -33.39
CA GLU D 230 2.07 -5.16 -33.29
C GLU D 230 1.23 -5.73 -32.14
N GLU D 231 0.75 -4.85 -31.23
CA GLU D 231 -0.01 -5.30 -30.08
C GLU D 231 -1.45 -5.63 -30.49
N LEU D 232 -1.83 -5.32 -31.74
CA LEU D 232 -3.13 -5.71 -32.29
C LEU D 232 -3.07 -7.07 -32.99
N THR D 233 -1.87 -7.65 -33.18
CA THR D 233 -1.70 -8.81 -34.06
C THR D 233 -2.02 -10.12 -33.33
N GLY D 234 -1.71 -10.20 -32.03
CA GLY D 234 -2.18 -11.29 -31.20
C GLY D 234 -3.70 -11.37 -31.21
N PRO D 235 -4.41 -10.28 -30.84
CA PRO D 235 -5.86 -10.21 -30.99
C PRO D 235 -6.37 -10.60 -32.37
N ALA D 236 -5.72 -10.13 -33.44
CA ALA D 236 -6.20 -10.37 -34.80
C ALA D 236 -5.98 -11.84 -35.19
N VAL D 237 -4.85 -12.42 -34.77
CA VAL D 237 -4.57 -13.83 -35.04
C VAL D 237 -5.59 -14.71 -34.31
N PHE D 238 -5.84 -14.40 -33.03
CA PHE D 238 -6.81 -15.12 -32.24
C PHE D 238 -8.17 -15.15 -32.95
N LEU D 239 -8.65 -13.97 -33.39
CA LEU D 239 -9.96 -13.84 -34.00
C LEU D 239 -9.99 -14.51 -35.37
N ALA D 240 -8.82 -14.57 -36.03
CA ALA D 240 -8.73 -15.22 -37.33
C ALA D 240 -8.72 -16.75 -37.21
N SER D 241 -8.50 -17.28 -36.01
CA SER D 241 -8.12 -18.68 -35.86
C SER D 241 -9.27 -19.51 -35.30
N GLU D 242 -9.12 -20.82 -35.49
CA GLU D 242 -10.10 -21.80 -35.00
C GLU D 242 -10.30 -21.67 -33.48
N ALA D 243 -9.29 -21.16 -32.77
CA ALA D 243 -9.37 -21.03 -31.32
C ALA D 243 -10.48 -20.07 -30.88
N SER D 244 -11.01 -19.24 -31.79
CA SER D 244 -12.02 -18.27 -31.44
C SER D 244 -13.39 -18.60 -32.06
N ASN D 245 -13.60 -19.86 -32.50
CA ASN D 245 -14.77 -20.18 -33.30
C ASN D 245 -16.07 -19.84 -32.57
N ALA D 246 -16.04 -19.79 -31.24
CA ALA D 246 -17.25 -19.54 -30.48
C ALA D 246 -17.40 -18.06 -30.13
N VAL D 247 -16.45 -17.23 -30.57
CA VAL D 247 -16.55 -15.79 -30.40
C VAL D 247 -17.15 -15.21 -31.67
N ASN D 248 -18.28 -14.51 -31.54
CA ASN D 248 -19.02 -14.06 -32.72
C ASN D 248 -19.84 -12.81 -32.39
N GLY D 249 -19.79 -11.84 -33.31
CA GLY D 249 -20.45 -10.56 -33.12
C GLY D 249 -19.89 -9.78 -31.95
N HIS D 250 -18.58 -9.93 -31.68
CA HIS D 250 -17.96 -9.30 -30.53
C HIS D 250 -16.90 -8.28 -30.97
N ILE D 251 -16.95 -7.09 -30.38
CA ILE D 251 -15.92 -6.08 -30.58
C ILE D 251 -14.88 -6.30 -29.48
N LEU D 252 -13.72 -6.85 -29.86
CA LEU D 252 -12.57 -6.96 -28.97
C LEU D 252 -11.79 -5.64 -28.96
N TYR D 253 -11.95 -4.86 -27.88
CA TYR D 253 -11.19 -3.63 -27.67
C TYR D 253 -9.79 -3.99 -27.18
N VAL D 254 -8.80 -3.38 -27.85
CA VAL D 254 -7.39 -3.55 -27.58
C VAL D 254 -6.83 -2.15 -27.33
N ASP D 255 -7.05 -1.66 -26.11
CA ASP D 255 -6.87 -0.25 -25.82
C ASP D 255 -6.07 -0.05 -24.54
N GLY D 256 -5.53 -1.13 -23.97
CA GLY D 256 -4.73 -1.03 -22.76
C GLY D 256 -5.56 -0.53 -21.57
N GLY D 257 -6.89 -0.65 -21.67
CA GLY D 257 -7.77 -0.39 -20.53
C GLY D 257 -8.49 0.96 -20.58
N ILE D 258 -8.36 1.72 -21.68
CA ILE D 258 -8.92 3.07 -21.77
C ILE D 258 -10.43 3.06 -21.48
N LEU D 259 -11.17 2.20 -22.20
CA LEU D 259 -12.63 2.23 -22.10
C LEU D 259 -13.12 1.66 -20.77
N ALA D 260 -12.23 1.06 -19.97
CA ALA D 260 -12.59 0.54 -18.65
C ALA D 260 -12.40 1.57 -17.54
N TYR D 261 -11.72 2.69 -17.84
CA TYR D 261 -11.19 3.60 -16.84
C TYR D 261 -11.79 4.99 -17.01
N ILE D 262 -12.18 5.62 -15.89
CA ILE D 262 -12.78 6.96 -15.93
C ILE D 262 -11.70 8.01 -16.20
N GLY D 263 -10.46 7.79 -15.72
CA GLY D 263 -9.37 8.69 -16.02
C GLY D 263 -8.52 9.00 -14.78
N LYS D 264 -7.25 9.35 -15.03
CA LYS D 264 -6.34 9.85 -14.01
C LYS D 264 -6.68 11.30 -13.70
N GLN D 265 -7.25 11.54 -12.51
CA GLN D 265 -7.67 12.87 -12.09
C GLN D 265 -6.61 13.48 -11.17
N PRO D 266 -6.50 14.84 -11.09
CA PRO D 266 -5.63 15.47 -10.11
C PRO D 266 -5.91 15.03 -8.67
N MET E 1 9.63 30.47 40.17
CA MET E 1 8.21 30.03 40.24
C MET E 1 7.90 29.06 39.09
N ASN E 2 8.42 29.34 37.89
CA ASN E 2 8.35 28.41 36.77
C ASN E 2 9.10 27.12 37.13
N GLN E 3 8.36 26.08 37.52
CA GLN E 3 8.96 24.84 37.99
C GLN E 3 9.79 24.17 36.89
N PHE E 4 9.41 24.41 35.63
CA PHE E 4 10.05 23.74 34.50
C PHE E 4 11.51 24.19 34.36
N LEU E 5 11.82 25.40 34.84
CA LEU E 5 13.19 25.91 34.83
C LEU E 5 13.71 26.09 36.26
N ASN E 6 13.23 25.27 37.21
CA ASN E 6 13.68 25.41 38.58
C ASN E 6 14.84 24.45 38.86
N PHE E 7 16.05 25.00 38.92
CA PHE E 7 17.25 24.23 39.23
C PHE E 7 17.67 24.36 40.70
N SER E 8 16.83 25.00 41.52
CA SER E 8 17.12 25.20 42.94
C SER E 8 16.75 23.93 43.72
N LEU E 9 17.51 23.64 44.79
CA LEU E 9 17.21 22.52 45.66
C LEU E 9 16.80 23.04 47.05
N GLU E 10 16.19 24.24 47.11
CA GLU E 10 15.94 24.91 48.37
C GLU E 10 15.02 24.04 49.25
N GLY E 11 15.47 23.78 50.47
CA GLY E 11 14.68 23.06 51.46
C GLY E 11 14.80 21.54 51.32
N LYS E 12 15.35 21.05 50.21
CA LYS E 12 15.36 19.62 49.93
C LYS E 12 16.44 18.97 50.78
N VAL E 13 16.11 17.81 51.36
CA VAL E 13 17.06 17.05 52.16
C VAL E 13 17.66 15.98 51.27
N ALA E 14 18.99 15.95 51.19
CA ALA E 14 19.67 14.99 50.34
C ALA E 14 20.63 14.16 51.20
N LEU E 15 20.75 12.88 50.86
CA LEU E 15 21.84 12.03 51.33
C LEU E 15 22.74 11.69 50.15
N VAL E 16 24.04 11.98 50.30
CA VAL E 16 25.07 11.58 49.34
C VAL E 16 25.98 10.58 50.05
N THR E 17 25.92 9.30 49.67
CA THR E 17 26.65 8.24 50.36
C THR E 17 28.14 8.35 50.06
N GLY E 18 28.99 8.16 51.09
CA GLY E 18 30.44 8.19 50.97
C GLY E 18 31.00 9.54 50.53
N ALA E 19 30.44 10.63 51.08
CA ALA E 19 30.70 11.97 50.59
C ALA E 19 31.51 12.79 51.60
N SER E 20 32.47 12.13 52.26
CA SER E 20 33.42 12.79 53.14
C SER E 20 34.49 13.51 52.32
N TYR E 21 34.69 13.07 51.06
CA TYR E 21 35.64 13.67 50.13
C TYR E 21 35.25 13.33 48.69
N GLY E 22 36.08 13.77 47.75
CA GLY E 22 36.02 13.28 46.37
C GLY E 22 34.78 13.77 45.62
N ILE E 23 34.34 12.95 44.66
CA ILE E 23 33.21 13.31 43.81
C ILE E 23 31.96 13.52 44.66
N GLY E 24 31.73 12.64 45.64
CA GLY E 24 30.57 12.76 46.51
C GLY E 24 30.56 14.12 47.21
N PHE E 25 31.74 14.55 47.68
CA PHE E 25 31.87 15.80 48.43
C PHE E 25 31.54 16.97 47.52
N ALA E 26 31.96 16.90 46.25
CA ALA E 26 31.71 17.99 45.31
C ALA E 26 30.20 18.08 45.01
N ILE E 27 29.53 16.93 44.85
CA ILE E 27 28.12 16.94 44.54
C ILE E 27 27.34 17.48 45.74
N ALA E 28 27.70 17.02 46.96
CA ALA E 28 27.03 17.47 48.17
C ALA E 28 27.23 18.97 48.37
N SER E 29 28.46 19.45 48.11
CA SER E 29 28.78 20.86 48.23
C SER E 29 27.95 21.69 47.26
N ALA E 30 27.78 21.17 46.03
CA ALA E 30 26.96 21.86 45.04
C ALA E 30 25.49 21.85 45.46
N PHE E 31 25.03 20.78 46.09
CA PHE E 31 23.65 20.68 46.54
C PHE E 31 23.36 21.76 47.60
N ALA E 32 24.31 21.98 48.50
CA ALA E 32 24.16 22.96 49.57
C ALA E 32 24.17 24.38 48.99
N GLU E 33 24.98 24.61 47.95
CA GLU E 33 25.02 25.90 47.27
C GLU E 33 23.68 26.15 46.59
N GLN E 34 22.92 25.07 46.28
CA GLN E 34 21.62 25.19 45.65
C GLN E 34 20.48 25.23 46.67
N GLY E 35 20.79 25.18 47.98
CA GLY E 35 19.81 25.39 49.03
C GLY E 35 19.33 24.11 49.73
N ALA E 36 19.95 22.97 49.42
CA ALA E 36 19.60 21.71 50.04
C ALA E 36 20.22 21.62 51.43
N LYS E 37 19.66 20.72 52.25
CA LYS E 37 20.23 20.29 53.52
C LYS E 37 20.93 18.97 53.27
N VAL E 38 22.25 18.96 53.46
CA VAL E 38 23.07 17.89 52.91
C VAL E 38 23.43 16.93 54.03
N CYS E 39 23.45 15.63 53.69
CA CYS E 39 23.77 14.56 54.61
C CYS E 39 24.71 13.57 53.91
N PHE E 40 25.61 12.94 54.69
CA PHE E 40 26.53 11.97 54.14
C PHE E 40 26.86 10.93 55.19
N ASN E 41 27.36 9.78 54.73
CA ASN E 41 27.85 8.76 55.63
C ASN E 41 29.31 8.46 55.31
N ASP E 42 30.01 7.88 56.29
CA ASP E 42 31.24 7.18 56.00
C ASP E 42 31.42 6.09 57.05
N ILE E 43 32.46 5.28 56.87
CA ILE E 43 32.54 3.96 57.47
C ILE E 43 33.10 4.02 58.89
N ASN E 44 33.52 5.20 59.36
CA ASN E 44 34.02 5.35 60.72
C ASN E 44 33.94 6.81 61.15
N GLN E 45 34.21 7.04 62.44
CA GLN E 45 34.02 8.34 63.07
C GLN E 45 35.05 9.34 62.56
N GLU E 46 36.26 8.85 62.28
CA GLU E 46 37.35 9.72 61.88
C GLU E 46 36.98 10.37 60.55
N LEU E 47 36.55 9.54 59.59
CA LEU E 47 36.19 10.00 58.26
C LEU E 47 34.97 10.93 58.33
N VAL E 48 34.02 10.63 59.24
CA VAL E 48 32.84 11.46 59.37
C VAL E 48 33.25 12.83 59.92
N ASP E 49 34.14 12.85 60.92
CA ASP E 49 34.57 14.10 61.54
C ASP E 49 35.36 14.96 60.56
N LYS E 50 36.28 14.37 59.79
CA LYS E 50 37.06 15.11 58.80
C LYS E 50 36.14 15.76 57.77
N GLY E 51 35.10 15.03 57.35
CA GLY E 51 34.19 15.51 56.33
C GLY E 51 33.39 16.71 56.84
N MET E 52 32.91 16.59 58.09
CA MET E 52 32.10 17.62 58.74
C MET E 52 32.85 18.94 58.75
N ALA E 53 34.13 18.87 59.15
CA ALA E 53 35.00 20.03 59.28
C ALA E 53 35.36 20.60 57.91
N ALA E 54 35.45 19.74 56.89
CA ALA E 54 35.70 20.20 55.54
C ALA E 54 34.47 20.96 55.01
N TYR E 55 33.28 20.42 55.24
CA TYR E 55 32.04 21.12 54.88
C TYR E 55 31.97 22.46 55.62
N ALA E 56 32.13 22.41 56.96
CA ALA E 56 32.01 23.59 57.81
C ALA E 56 32.98 24.70 57.39
N ALA E 57 34.21 24.33 57.01
CA ALA E 57 35.20 25.33 56.63
C ALA E 57 34.73 26.14 55.42
N LYS E 58 33.79 25.59 54.65
CA LYS E 58 33.22 26.27 53.49
C LYS E 58 31.89 26.93 53.83
N GLY E 59 31.50 26.89 55.12
CA GLY E 59 30.24 27.46 55.57
C GLY E 59 29.05 26.54 55.30
N ILE E 60 29.31 25.23 55.16
CA ILE E 60 28.25 24.27 54.94
C ILE E 60 28.10 23.40 56.18
N LYS E 61 26.92 23.40 56.79
CA LYS E 61 26.64 22.46 57.85
C LYS E 61 26.10 21.18 57.22
N ALA E 62 26.89 20.10 57.31
CA ALA E 62 26.48 18.79 56.81
C ALA E 62 26.12 17.89 58.00
N HIS E 63 25.12 17.03 57.81
CA HIS E 63 24.77 16.03 58.78
C HIS E 63 25.48 14.74 58.41
N GLY E 64 26.43 14.31 59.24
CA GLY E 64 27.29 13.18 58.94
C GLY E 64 26.96 11.99 59.84
N TYR E 65 27.07 10.77 59.29
CA TYR E 65 26.73 9.57 60.02
C TYR E 65 27.75 8.48 59.74
N VAL E 66 28.13 7.75 60.79
CA VAL E 66 28.82 6.47 60.68
C VAL E 66 27.81 5.43 60.18
N CYS E 67 28.09 4.84 59.00
CA CYS E 67 27.22 3.83 58.43
C CYS E 67 27.96 3.10 57.30
N ASP E 68 27.95 1.77 57.34
CA ASP E 68 28.36 0.96 56.21
C ASP E 68 27.11 0.67 55.37
N VAL E 69 27.12 1.08 54.09
CA VAL E 69 25.95 1.00 53.22
C VAL E 69 25.57 -0.44 52.86
N THR E 70 26.46 -1.43 53.12
CA THR E 70 26.12 -2.83 52.89
C THR E 70 25.34 -3.39 54.08
N ASP E 71 25.31 -2.64 55.19
CA ASP E 71 24.68 -3.06 56.43
C ASP E 71 23.28 -2.45 56.49
N GLU E 72 22.26 -3.25 56.17
CA GLU E 72 20.90 -2.74 56.00
C GLU E 72 20.35 -2.15 57.30
N PRO E 73 20.42 -2.85 58.46
CA PRO E 73 19.96 -2.27 59.72
C PRO E 73 20.58 -0.91 60.03
N ALA E 74 21.88 -0.75 59.77
CA ALA E 74 22.55 0.54 59.97
C ALA E 74 22.00 1.58 58.99
N VAL E 75 21.78 1.21 57.73
CA VAL E 75 21.22 2.15 56.77
C VAL E 75 19.86 2.63 57.24
N GLN E 76 18.96 1.69 57.58
CA GLN E 76 17.59 2.02 57.98
C GLN E 76 17.59 2.92 59.22
N ALA E 77 18.50 2.65 60.18
CA ALA E 77 18.61 3.45 61.38
C ALA E 77 19.14 4.85 61.04
N MET E 78 20.05 4.94 60.06
CA MET E 78 20.55 6.23 59.63
C MET E 78 19.43 7.03 58.97
N VAL E 79 18.68 6.40 58.07
CA VAL E 79 17.61 7.11 57.37
C VAL E 79 16.58 7.60 58.40
N ALA E 80 16.32 6.78 59.42
CA ALA E 80 15.36 7.12 60.46
C ALA E 80 15.82 8.37 61.24
N THR E 81 17.12 8.41 61.55
CA THR E 81 17.69 9.51 62.33
C THR E 81 17.65 10.80 61.50
N ILE E 82 18.05 10.71 60.23
CA ILE E 82 17.96 11.84 59.32
C ILE E 82 16.53 12.36 59.27
N ALA E 83 15.56 11.46 59.11
CA ALA E 83 14.16 11.81 58.98
C ALA E 83 13.66 12.57 60.22
N LYS E 84 14.22 12.24 61.40
CA LYS E 84 13.82 12.84 62.66
C LYS E 84 14.54 14.16 62.89
N GLU E 85 15.84 14.21 62.57
CA GLU E 85 16.68 15.37 62.83
C GLU E 85 16.49 16.45 61.77
N VAL E 86 16.42 16.04 60.50
CA VAL E 86 16.50 16.98 59.39
C VAL E 86 15.18 17.03 58.63
N GLY E 87 14.63 15.85 58.31
CA GLY E 87 13.48 15.74 57.42
C GLY E 87 13.64 14.49 56.55
N THR E 88 12.53 13.98 56.01
CA THR E 88 12.62 12.77 55.23
C THR E 88 13.48 13.09 54.00
N ILE E 89 14.30 12.12 53.56
CA ILE E 89 15.20 12.32 52.44
C ILE E 89 14.40 12.50 51.15
N ASP E 90 14.67 13.61 50.44
CA ASP E 90 14.03 13.91 49.18
C ASP E 90 14.92 13.53 47.99
N ILE E 91 16.24 13.51 48.23
CA ILE E 91 17.22 13.26 47.18
C ILE E 91 18.24 12.25 47.72
N LEU E 92 18.45 11.15 46.98
CA LEU E 92 19.47 10.17 47.31
C LEU E 92 20.48 10.11 46.17
N VAL E 93 21.76 10.28 46.51
CA VAL E 93 22.83 10.02 45.55
C VAL E 93 23.66 8.83 46.05
N ASN E 94 23.60 7.73 45.28
CA ASN E 94 24.37 6.54 45.56
C ASN E 94 25.76 6.71 44.93
N ASN E 95 26.72 7.14 45.75
CA ASN E 95 28.04 7.56 45.32
C ASN E 95 29.12 6.64 45.90
N ALA E 96 28.88 6.12 47.11
CA ALA E 96 29.80 5.22 47.77
C ALA E 96 30.15 4.05 46.84
N GLY E 97 31.44 3.85 46.60
CA GLY E 97 31.90 2.80 45.72
C GLY E 97 33.38 2.46 45.89
N ILE E 98 33.76 1.27 45.42
CA ILE E 98 35.14 0.83 45.38
C ILE E 98 35.44 0.31 43.98
N ILE E 99 36.74 0.18 43.66
CA ILE E 99 37.19 -0.48 42.45
C ILE E 99 38.31 -1.45 42.81
N ARG E 100 38.41 -2.54 42.04
CA ARG E 100 39.48 -3.51 42.18
C ARG E 100 40.08 -3.80 40.79
N ARG E 101 41.40 -3.98 40.74
CA ARG E 101 42.09 -4.30 39.51
C ARG E 101 42.77 -5.66 39.64
N VAL E 102 42.08 -6.71 39.20
CA VAL E 102 42.58 -8.08 39.26
C VAL E 102 42.10 -8.81 38.01
N PRO E 103 42.97 -9.56 37.27
CA PRO E 103 42.52 -10.41 36.19
C PRO E 103 41.47 -11.40 36.68
N MET E 104 40.39 -11.56 35.92
CA MET E 104 39.17 -12.16 36.43
C MET E 104 39.45 -13.59 36.91
N HIS E 105 40.23 -14.33 36.12
CA HIS E 105 40.48 -15.74 36.39
C HIS E 105 41.35 -15.89 37.64
N GLU E 106 42.01 -14.81 38.08
CA GLU E 106 42.83 -14.83 39.28
C GLU E 106 42.13 -14.18 40.48
N MET E 107 40.91 -13.66 40.29
CA MET E 107 40.25 -12.91 41.34
C MET E 107 39.50 -13.83 42.31
N ASP E 108 39.78 -13.66 43.61
CA ASP E 108 39.05 -14.35 44.67
C ASP E 108 37.56 -14.03 44.59
N ALA E 109 36.73 -15.07 44.71
CA ALA E 109 35.29 -14.95 44.72
C ALA E 109 34.84 -13.94 45.77
N ALA E 110 35.51 -13.93 46.93
CA ALA E 110 35.18 -13.05 48.03
C ALA E 110 35.36 -11.60 47.61
N ASP E 111 36.38 -11.33 46.78
CA ASP E 111 36.69 -9.99 46.36
C ASP E 111 35.70 -9.52 45.30
N PHE E 112 35.39 -10.37 44.30
CA PHE E 112 34.40 -10.04 43.29
C PHE E 112 33.07 -9.73 43.96
N ARG E 113 32.66 -10.60 44.91
CA ARG E 113 31.43 -10.40 45.66
C ARG E 113 31.45 -9.12 46.50
N ARG E 114 32.62 -8.69 47.00
CA ARG E 114 32.69 -7.48 47.81
C ARG E 114 32.48 -6.24 46.93
N VAL E 115 33.02 -6.27 45.71
CA VAL E 115 32.81 -5.19 44.75
C VAL E 115 31.32 -5.07 44.42
N ILE E 116 30.69 -6.22 44.11
CA ILE E 116 29.27 -6.26 43.76
C ILE E 116 28.44 -5.76 44.94
N ASP E 117 28.83 -6.17 46.16
CA ASP E 117 28.01 -5.88 47.33
C ASP E 117 27.99 -4.38 47.60
N ILE E 118 29.16 -3.74 47.49
CA ILE E 118 29.27 -2.30 47.69
C ILE E 118 28.66 -1.58 46.49
N ASP E 119 28.99 -1.99 45.26
CA ASP E 119 28.71 -1.15 44.10
C ASP E 119 27.31 -1.37 43.52
N LEU E 120 26.64 -2.48 43.85
CA LEU E 120 25.33 -2.78 43.29
C LEU E 120 24.29 -3.04 44.39
N ASN E 121 24.62 -3.91 45.34
CA ASN E 121 23.67 -4.32 46.35
C ASN E 121 23.37 -3.13 47.28
N ALA E 122 24.40 -2.36 47.65
CA ALA E 122 24.21 -1.27 48.60
C ALA E 122 23.30 -0.20 48.02
N PRO E 123 23.47 0.22 46.73
CA PRO E 123 22.49 1.11 46.12
C PRO E 123 21.04 0.63 46.28
N PHE E 124 20.79 -0.67 46.12
CA PHE E 124 19.47 -1.22 46.37
C PHE E 124 19.07 -1.04 47.84
N ILE E 125 19.98 -1.34 48.77
CA ILE E 125 19.65 -1.26 50.19
C ILE E 125 19.25 0.16 50.56
N VAL E 126 20.04 1.14 50.12
CA VAL E 126 19.83 2.52 50.50
C VAL E 126 18.59 3.08 49.79
N ALA E 127 18.40 2.71 48.52
CA ALA E 127 17.20 3.13 47.79
C ALA E 127 15.95 2.53 48.42
N LYS E 128 16.04 1.26 48.88
CA LYS E 128 14.91 0.62 49.54
C LYS E 128 14.53 1.40 50.80
N ALA E 129 15.55 1.90 51.52
CA ALA E 129 15.37 2.52 52.81
C ALA E 129 14.62 3.85 52.69
N VAL E 130 14.85 4.56 51.57
CA VAL E 130 14.35 5.92 51.41
C VAL E 130 13.03 5.93 50.65
N LEU E 131 12.71 4.84 49.94
CA LEU E 131 11.61 4.86 48.98
C LEU E 131 10.26 5.08 49.67
N PRO E 132 9.95 4.41 50.80
CA PRO E 132 8.66 4.60 51.44
C PRO E 132 8.27 6.06 51.67
N ALA E 133 9.18 6.86 52.23
CA ALA E 133 8.90 8.26 52.49
C ALA E 133 8.61 8.98 51.18
N MET E 134 9.38 8.65 50.13
CA MET E 134 9.20 9.32 48.85
C MET E 134 7.85 8.96 48.25
N MET E 135 7.45 7.69 48.40
CA MET E 135 6.18 7.21 47.87
C MET E 135 5.02 7.91 48.57
N GLU E 136 5.13 8.03 49.90
CA GLU E 136 4.14 8.71 50.71
C GLU E 136 3.90 10.12 50.19
N LYS E 137 4.97 10.90 49.98
CA LYS E 137 4.83 12.29 49.59
C LYS E 137 4.75 12.43 48.06
N ARG E 138 4.88 11.32 47.34
CA ARG E 138 4.85 11.31 45.88
C ARG E 138 5.82 12.34 45.31
N ALA E 139 7.04 12.36 45.87
CA ALA E 139 8.12 13.14 45.32
C ALA E 139 9.44 12.49 45.70
N GLY E 140 10.40 12.44 44.76
CA GLY E 140 11.74 12.01 45.11
C GLY E 140 12.65 11.87 43.89
N LYS E 141 13.95 11.81 44.21
CA LYS E 141 15.02 11.68 43.24
C LYS E 141 16.04 10.68 43.76
N ILE E 142 16.39 9.72 42.91
CA ILE E 142 17.47 8.79 43.21
C ILE E 142 18.46 8.85 42.04
N ILE E 143 19.70 9.25 42.36
CA ILE E 143 20.77 9.37 41.39
C ILE E 143 21.82 8.32 41.73
N ASN E 144 22.07 7.43 40.76
CA ASN E 144 23.07 6.38 40.89
C ASN E 144 24.30 6.82 40.10
N ILE E 145 25.47 6.86 40.76
CA ILE E 145 26.70 7.19 40.04
C ILE E 145 27.19 5.91 39.37
N CYS E 146 27.05 5.88 38.04
CA CYS E 146 27.42 4.73 37.23
C CYS E 146 28.84 4.97 36.76
N SER E 147 29.12 4.66 35.49
CA SER E 147 30.48 4.61 34.97
C SER E 147 30.44 4.36 33.48
N MET E 148 31.56 4.62 32.79
CA MET E 148 31.71 4.16 31.43
C MET E 148 31.75 2.63 31.40
N MET E 149 32.10 2.03 32.55
CA MET E 149 32.12 0.57 32.70
C MET E 149 30.71 0.03 32.87
N SER E 150 29.70 0.91 32.82
CA SER E 150 28.33 0.50 32.57
C SER E 150 28.10 0.12 31.10
N GLU E 151 28.98 0.58 30.19
CA GLU E 151 28.83 0.33 28.76
C GLU E 151 30.00 -0.50 28.18
N LEU E 152 31.24 -0.25 28.65
CA LEU E 152 32.43 -0.80 28.04
C LEU E 152 33.25 -1.61 29.05
N GLY E 153 33.87 -2.70 28.58
CA GLY E 153 34.69 -3.58 29.40
C GLY E 153 36.18 -3.26 29.31
N ARG E 154 36.95 -3.82 30.25
CA ARG E 154 38.38 -3.62 30.30
C ARG E 154 39.03 -4.71 31.17
N GLU E 155 40.22 -5.15 30.76
CA GLU E 155 41.00 -6.11 31.54
C GLU E 155 41.18 -5.57 32.96
N THR E 156 41.14 -6.49 33.93
CA THR E 156 41.36 -6.30 35.36
C THR E 156 40.13 -5.72 36.07
N VAL E 157 39.08 -5.30 35.36
CA VAL E 157 37.97 -4.65 36.07
C VAL E 157 36.63 -5.38 35.87
N SER E 158 36.65 -6.70 35.70
CA SER E 158 35.45 -7.53 35.59
C SER E 158 34.39 -7.21 36.64
N ALA E 159 34.77 -7.21 37.93
CA ALA E 159 33.78 -7.08 38.99
C ALA E 159 33.11 -5.71 38.92
N TYR E 160 33.92 -4.67 38.67
CA TYR E 160 33.47 -3.31 38.63
C TYR E 160 32.48 -3.11 37.47
N ALA E 161 32.82 -3.66 36.31
CA ALA E 161 31.96 -3.60 35.12
C ALA E 161 30.62 -4.29 35.36
N ALA E 162 30.67 -5.48 35.98
CA ALA E 162 29.47 -6.23 36.29
C ALA E 162 28.62 -5.42 37.26
N ALA E 163 29.27 -4.85 38.27
CA ALA E 163 28.61 -4.02 39.26
C ALA E 163 27.89 -2.85 38.58
N LYS E 164 28.61 -2.14 37.70
CA LYS E 164 28.14 -0.89 37.14
C LYS E 164 27.12 -1.17 36.02
N GLY E 165 27.31 -2.29 35.32
CA GLY E 165 26.31 -2.77 34.37
C GLY E 165 24.99 -3.06 35.07
N GLY E 166 25.10 -3.66 36.26
CA GLY E 166 23.94 -4.00 37.06
C GLY E 166 23.26 -2.76 37.63
N LEU E 167 24.05 -1.75 37.98
CA LEU E 167 23.51 -0.53 38.59
C LEU E 167 22.72 0.26 37.54
N LYS E 168 23.20 0.21 36.30
CA LYS E 168 22.48 0.81 35.18
C LYS E 168 21.08 0.21 35.07
N MET E 169 20.98 -1.12 35.15
CA MET E 169 19.67 -1.75 35.01
C MET E 169 18.84 -1.52 36.26
N LEU E 170 19.49 -1.49 37.44
CA LEU E 170 18.79 -1.17 38.67
C LEU E 170 18.13 0.21 38.55
N THR E 171 18.84 1.19 37.95
CA THR E 171 18.33 2.53 37.72
C THR E 171 17.07 2.45 36.86
N ARG E 172 17.13 1.69 35.76
CA ARG E 172 16.01 1.60 34.85
C ARG E 172 14.82 0.95 35.55
N ASN E 173 15.09 -0.01 36.44
CA ASN E 173 14.05 -0.76 37.10
C ASN E 173 13.35 0.09 38.17
N ILE E 174 14.12 0.90 38.89
CA ILE E 174 13.58 1.76 39.93
C ILE E 174 12.70 2.83 39.26
N CYS E 175 13.12 3.32 38.08
CA CYS E 175 12.26 4.17 37.27
C CYS E 175 10.94 3.45 36.97
N SER E 176 11.06 2.22 36.45
CA SER E 176 9.92 1.41 36.03
C SER E 176 8.94 1.20 37.19
N GLU E 177 9.48 0.91 38.38
CA GLU E 177 8.68 0.44 39.49
C GLU E 177 8.16 1.58 40.35
N TYR E 178 8.83 2.75 40.35
CA TYR E 178 8.46 3.83 41.26
C TYR E 178 8.19 5.15 40.54
N GLY E 179 8.38 5.20 39.21
CA GLY E 179 8.14 6.39 38.44
C GLY E 179 6.70 6.90 38.56
N GLU E 180 5.76 5.98 38.80
CA GLU E 180 4.35 6.33 38.93
C GLU E 180 4.09 7.16 40.19
N TYR E 181 5.02 7.16 41.16
CA TYR E 181 4.85 7.93 42.38
C TYR E 181 5.55 9.28 42.27
N ASN E 182 5.77 9.74 41.02
CA ASN E 182 6.52 10.97 40.74
C ASN E 182 7.87 10.93 41.46
N ILE E 183 8.55 9.78 41.34
CA ILE E 183 9.93 9.61 41.76
C ILE E 183 10.77 9.35 40.51
N GLN E 184 11.88 10.08 40.38
CA GLN E 184 12.73 9.93 39.21
C GLN E 184 14.06 9.32 39.62
N CYS E 185 14.35 8.15 39.07
CA CYS E 185 15.63 7.51 39.29
C CYS E 185 16.41 7.52 38.00
N ASN E 186 17.59 8.17 38.04
CA ASN E 186 18.48 8.36 36.91
C ASN E 186 19.91 7.99 37.30
N GLY E 187 20.81 7.97 36.31
CA GLY E 187 22.23 7.74 36.56
C GLY E 187 23.07 8.91 36.06
N ILE E 188 24.26 9.05 36.65
CA ILE E 188 25.31 9.87 36.07
C ILE E 188 26.45 8.91 35.75
N GLY E 189 26.97 8.98 34.52
CA GLY E 189 28.07 8.12 34.11
C GLY E 189 29.33 8.92 33.83
N PRO E 190 30.21 9.12 34.84
CA PRO E 190 31.41 9.94 34.66
C PRO E 190 32.37 9.40 33.61
N GLY E 191 33.04 10.32 32.92
CA GLY E 191 34.17 9.96 32.08
C GLY E 191 35.46 9.88 32.89
N TYR E 192 36.56 10.38 32.30
CA TYR E 192 37.86 10.39 32.96
C TYR E 192 37.99 11.66 33.78
N ILE E 193 37.88 11.50 35.10
CA ILE E 193 37.89 12.61 36.03
C ILE E 193 39.31 12.77 36.57
N ALA E 194 39.83 14.01 36.48
CA ALA E 194 41.16 14.31 36.98
C ALA E 194 41.15 14.27 38.50
N THR E 195 41.31 13.05 39.07
CA THR E 195 41.24 12.82 40.50
C THR E 195 42.65 12.77 41.11
N PRO E 196 42.77 12.86 42.45
CA PRO E 196 44.06 12.68 43.13
C PRO E 196 44.77 11.36 42.80
N GLN E 197 43.99 10.27 42.66
CA GLN E 197 44.53 8.96 42.35
C GLN E 197 45.26 8.96 41.00
N THR E 198 44.86 9.85 40.09
CA THR E 198 45.29 9.80 38.71
C THR E 198 46.22 10.98 38.38
N ALA E 199 46.68 11.71 39.41
CA ALA E 199 47.47 12.92 39.22
C ALA E 199 48.85 12.61 38.66
N PRO E 200 49.50 11.47 39.03
CA PRO E 200 50.74 11.05 38.38
C PRO E 200 50.58 10.83 36.87
N LEU E 201 49.39 10.37 36.47
CA LEU E 201 49.11 10.02 35.09
C LEU E 201 48.98 11.29 34.23
N ARG E 202 49.05 12.47 34.86
CA ARG E 202 49.07 13.74 34.14
C ARG E 202 50.37 14.51 34.36
N GLU E 203 51.28 13.98 35.20
CA GLU E 203 52.53 14.66 35.48
C GLU E 203 53.39 14.67 34.21
N PRO E 204 53.81 15.86 33.72
CA PRO E 204 54.58 15.93 32.48
C PRO E 204 55.96 15.28 32.60
N GLN E 205 56.44 14.73 31.48
CA GLN E 205 57.74 14.07 31.44
C GLN E 205 58.82 15.11 31.66
N ALA E 206 60.06 14.65 31.88
CA ALA E 206 61.20 15.56 32.00
C ALA E 206 61.39 16.33 30.69
N ASP E 207 60.93 15.72 29.58
CA ASP E 207 60.84 16.36 28.27
C ASP E 207 60.07 17.68 28.34
N GLY E 208 58.99 17.69 29.14
CA GLY E 208 58.03 18.80 29.15
C GLY E 208 56.72 18.40 28.47
N SER E 209 56.77 17.32 27.67
CA SER E 209 55.61 16.78 26.99
C SER E 209 54.75 15.96 27.96
N ARG E 210 53.58 15.52 27.47
CA ARG E 210 52.56 14.89 28.28
C ARG E 210 52.98 13.49 28.71
N HIS E 211 52.50 13.08 29.89
CA HIS E 211 52.52 11.68 30.29
C HIS E 211 51.74 10.88 29.25
N PRO E 212 52.30 9.79 28.67
CA PRO E 212 51.62 9.09 27.59
C PRO E 212 50.16 8.75 27.88
N PHE E 213 49.85 8.54 29.17
CA PHE E 213 48.47 8.27 29.58
C PHE E 213 47.61 9.52 29.36
N ASP E 214 48.12 10.66 29.81
CA ASP E 214 47.48 11.93 29.56
C ASP E 214 47.24 12.09 28.04
N SER E 215 48.29 11.86 27.24
CA SER E 215 48.18 11.99 25.78
C SER E 215 47.04 11.12 25.24
N PHE E 216 47.06 9.83 25.62
CA PHE E 216 46.06 8.86 25.19
C PHE E 216 44.66 9.29 25.60
N ILE E 217 44.53 9.79 26.84
CA ILE E 217 43.24 10.22 27.35
C ILE E 217 42.74 11.42 26.56
N CYS E 218 43.63 12.39 26.30
CA CYS E 218 43.25 13.62 25.62
C CYS E 218 42.91 13.36 24.15
N ALA E 219 43.51 12.31 23.58
CA ALA E 219 43.31 11.94 22.19
C ALA E 219 41.94 11.26 22.03
N LYS E 220 41.68 10.33 22.95
CA LYS E 220 40.49 9.48 22.97
C LYS E 220 39.23 10.27 23.28
N THR E 221 39.37 11.41 23.98
CA THR E 221 38.23 12.23 24.40
C THR E 221 38.03 13.36 23.40
N PRO E 222 36.84 13.48 22.75
CA PRO E 222 36.56 14.61 21.86
C PRO E 222 36.83 15.97 22.48
N ALA E 223 36.43 16.15 23.74
CA ALA E 223 36.70 17.38 24.49
C ALA E 223 38.19 17.69 24.55
N GLY E 224 39.05 16.65 24.40
CA GLY E 224 40.49 16.83 24.35
C GLY E 224 41.11 17.11 25.72
N ARG E 225 40.45 16.65 26.79
CA ARG E 225 40.86 17.00 28.14
C ARG E 225 40.24 16.02 29.14
N TRP E 226 40.86 15.94 30.34
CA TRP E 226 40.24 15.29 31.48
C TRP E 226 39.13 16.20 32.00
N LEU E 227 38.12 15.61 32.66
CA LEU E 227 37.04 16.40 33.24
C LEU E 227 37.40 16.75 34.68
N ASP E 228 37.12 18.00 35.09
CA ASP E 228 37.21 18.38 36.49
C ASP E 228 36.06 17.72 37.25
N PRO E 229 36.25 17.26 38.51
CA PRO E 229 35.15 16.71 39.30
C PRO E 229 33.90 17.60 39.36
N GLU E 230 34.10 18.93 39.36
CA GLU E 230 33.00 19.87 39.46
C GLU E 230 32.09 19.79 38.22
N GLU E 231 32.61 19.27 37.11
CA GLU E 231 31.81 19.17 35.89
C GLU E 231 30.70 18.13 36.04
N LEU E 232 30.70 17.37 37.15
CA LEU E 232 29.63 16.44 37.44
C LEU E 232 28.50 17.13 38.23
N THR E 233 28.73 18.37 38.70
CA THR E 233 27.82 18.94 39.69
C THR E 233 26.61 19.58 38.99
N GLY E 234 26.84 20.20 37.84
CA GLY E 234 25.74 20.70 37.01
C GLY E 234 24.75 19.58 36.67
N PRO E 235 25.23 18.48 36.04
CA PRO E 235 24.39 17.31 35.81
C PRO E 235 23.68 16.77 37.04
N ALA E 236 24.34 16.74 38.20
CA ALA E 236 23.74 16.19 39.41
C ALA E 236 22.60 17.07 39.89
N VAL E 237 22.85 18.39 39.93
CA VAL E 237 21.86 19.35 40.33
C VAL E 237 20.65 19.24 39.41
N PHE E 238 20.90 19.25 38.09
CA PHE E 238 19.83 19.10 37.11
C PHE E 238 18.95 17.89 37.43
N LEU E 239 19.57 16.71 37.59
CA LEU E 239 18.84 15.47 37.82
C LEU E 239 18.12 15.48 39.16
N ALA E 240 18.60 16.28 40.11
CA ALA E 240 18.04 16.32 41.46
C ALA E 240 16.95 17.38 41.57
N SER E 241 16.81 18.24 40.54
CA SER E 241 15.90 19.37 40.54
C SER E 241 14.61 19.05 39.80
N GLU E 242 13.61 19.90 40.05
CA GLU E 242 12.29 19.85 39.42
C GLU E 242 12.37 20.07 37.90
N ALA E 243 13.49 20.61 37.41
CA ALA E 243 13.66 20.85 35.98
C ALA E 243 13.79 19.54 35.20
N SER E 244 14.11 18.43 35.90
CA SER E 244 14.31 17.16 35.23
C SER E 244 13.23 16.12 35.58
N ASN E 245 12.04 16.57 36.01
CA ASN E 245 11.01 15.65 36.49
C ASN E 245 10.56 14.67 35.41
N ALA E 246 10.68 15.03 34.13
CA ALA E 246 10.29 14.14 33.04
C ALA E 246 11.45 13.24 32.58
N VAL E 247 12.66 13.45 33.10
CA VAL E 247 13.78 12.54 32.86
C VAL E 247 13.73 11.40 33.89
N ASN E 248 13.51 10.17 33.41
CA ASN E 248 13.36 9.04 34.30
C ASN E 248 14.01 7.80 33.67
N GLY E 249 14.78 7.06 34.48
CA GLY E 249 15.35 5.79 34.05
C GLY E 249 16.46 6.00 33.02
N HIS E 250 17.10 7.17 33.08
CA HIS E 250 18.06 7.62 32.10
C HIS E 250 19.46 7.66 32.72
N ILE E 251 20.45 7.15 31.97
CA ILE E 251 21.86 7.25 32.34
C ILE E 251 22.45 8.47 31.63
N LEU E 252 22.69 9.55 32.39
CA LEU E 252 23.31 10.75 31.86
C LEU E 252 24.82 10.62 31.90
N TYR E 253 25.41 10.29 30.75
CA TYR E 253 26.86 10.17 30.60
C TYR E 253 27.48 11.58 30.52
N VAL E 254 28.48 11.81 31.39
CA VAL E 254 29.20 13.06 31.43
C VAL E 254 30.66 12.73 31.17
N ASP E 255 31.05 12.70 29.90
CA ASP E 255 32.30 12.05 29.53
C ASP E 255 33.07 12.81 28.45
N GLY E 256 32.65 14.06 28.14
CA GLY E 256 33.32 14.84 27.12
C GLY E 256 33.34 14.17 25.74
N GLY E 257 32.45 13.18 25.54
CA GLY E 257 32.22 12.63 24.21
C GLY E 257 32.81 11.24 24.00
N ILE E 258 33.45 10.67 25.04
CA ILE E 258 34.13 9.37 24.94
C ILE E 258 33.22 8.32 24.29
N LEU E 259 32.02 8.12 24.84
CA LEU E 259 31.17 7.00 24.46
C LEU E 259 30.58 7.20 23.06
N ALA E 260 30.76 8.39 22.48
CA ALA E 260 30.21 8.70 21.17
C ALA E 260 31.25 8.52 20.05
N TYR E 261 32.51 8.26 20.41
CA TYR E 261 33.64 8.44 19.50
C TYR E 261 34.37 7.12 19.28
N ILE E 262 34.61 6.76 18.01
CA ILE E 262 35.33 5.53 17.70
C ILE E 262 36.79 5.62 18.19
N GLY E 263 37.39 6.81 18.16
CA GLY E 263 38.72 7.02 18.70
C GLY E 263 39.65 7.68 17.67
N LYS E 264 40.76 8.23 18.16
CA LYS E 264 41.71 8.97 17.33
C LYS E 264 42.65 7.98 16.66
N GLN E 265 42.49 7.81 15.34
CA GLN E 265 43.35 6.93 14.55
C GLN E 265 44.54 7.74 14.01
N PRO E 266 45.69 7.10 13.72
CA PRO E 266 46.75 7.75 12.95
C PRO E 266 46.30 8.17 11.55
N ASN F 2 30.31 30.65 39.90
CA ASN F 2 30.42 29.17 39.80
C ASN F 2 29.90 28.72 38.43
N GLN F 3 30.81 28.74 37.45
CA GLN F 3 30.55 28.31 36.08
C GLN F 3 29.90 26.92 36.01
N PHE F 4 30.16 26.08 37.01
CA PHE F 4 29.75 24.68 36.95
C PHE F 4 28.25 24.52 37.23
N LEU F 5 27.65 25.52 37.91
CA LEU F 5 26.22 25.52 38.21
C LEU F 5 25.51 26.68 37.50
N ASN F 6 26.08 27.13 36.38
CA ASN F 6 25.52 28.23 35.61
C ASN F 6 24.51 27.69 34.59
N PHE F 7 23.21 27.88 34.87
CA PHE F 7 22.16 27.45 33.96
C PHE F 7 21.59 28.65 33.20
N SER F 8 22.23 29.82 33.36
CA SER F 8 21.84 31.04 32.67
C SER F 8 22.37 31.01 31.24
N LEU F 9 21.59 31.58 30.31
CA LEU F 9 22.01 31.74 28.93
C LEU F 9 22.23 33.21 28.59
N GLU F 10 22.46 34.04 29.63
CA GLU F 10 22.42 35.49 29.49
C GLU F 10 23.39 35.94 28.40
N GLY F 11 22.87 36.68 27.42
CA GLY F 11 23.68 37.26 26.36
C GLY F 11 23.92 36.31 25.18
N LYS F 12 23.54 35.02 25.31
CA LYS F 12 23.79 34.05 24.26
C LYS F 12 22.79 34.25 23.11
N VAL F 13 23.26 34.08 21.87
CA VAL F 13 22.38 34.11 20.71
C VAL F 13 21.98 32.67 20.37
N ALA F 14 20.66 32.46 20.28
CA ALA F 14 20.06 31.15 20.06
C ALA F 14 19.19 31.16 18.80
N LEU F 15 19.39 30.15 17.94
CA LEU F 15 18.53 29.91 16.79
C LEU F 15 17.86 28.56 17.00
N VAL F 16 16.52 28.58 17.02
CA VAL F 16 15.71 27.37 17.09
C VAL F 16 14.92 27.29 15.78
N THR F 17 15.17 26.25 14.98
CA THR F 17 14.52 26.13 13.69
C THR F 17 13.07 25.72 13.91
N GLY F 18 12.17 26.25 13.06
CA GLY F 18 10.79 25.83 13.00
C GLY F 18 9.99 26.20 14.26
N ALA F 19 10.38 27.28 14.95
CA ALA F 19 9.88 27.56 16.28
C ALA F 19 8.87 28.71 16.29
N SER F 20 7.96 28.73 15.31
CA SER F 20 6.83 29.64 15.34
C SER F 20 5.76 29.12 16.31
N TYR F 21 5.76 27.81 16.56
CA TYR F 21 4.86 27.22 17.54
C TYR F 21 5.44 25.90 18.06
N GLY F 22 4.69 25.27 18.96
CA GLY F 22 4.96 23.91 19.41
C GLY F 22 6.15 23.85 20.36
N ILE F 23 6.92 22.75 20.25
CA ILE F 23 8.04 22.47 21.15
C ILE F 23 9.15 23.50 20.93
N GLY F 24 9.43 23.86 19.68
CA GLY F 24 10.45 24.86 19.38
C GLY F 24 10.14 26.19 20.04
N PHE F 25 8.87 26.63 19.94
CA PHE F 25 8.44 27.88 20.55
C PHE F 25 8.60 27.81 22.08
N ALA F 26 8.33 26.63 22.64
CA ALA F 26 8.44 26.43 24.08
C ALA F 26 9.91 26.50 24.51
N ILE F 27 10.80 25.91 23.72
CA ILE F 27 12.22 25.88 24.01
C ILE F 27 12.82 27.28 23.86
N ALA F 28 12.43 27.99 22.79
CA ALA F 28 12.93 29.34 22.55
C ALA F 28 12.45 30.29 23.65
N SER F 29 11.16 30.23 24.02
CA SER F 29 10.64 31.06 25.10
C SER F 29 11.42 30.84 26.39
N ALA F 30 11.83 29.60 26.63
CA ALA F 30 12.55 29.24 27.84
C ALA F 30 13.95 29.84 27.79
N PHE F 31 14.55 29.87 26.60
CA PHE F 31 15.88 30.45 26.41
C PHE F 31 15.80 31.97 26.68
N ALA F 32 14.72 32.60 26.23
CA ALA F 32 14.53 34.03 26.45
C ALA F 32 14.40 34.32 27.94
N GLU F 33 13.65 33.46 28.64
CA GLU F 33 13.48 33.56 30.08
C GLU F 33 14.82 33.46 30.82
N GLN F 34 15.80 32.78 30.20
CA GLN F 34 17.12 32.59 30.79
C GLN F 34 18.12 33.63 30.31
N GLY F 35 17.69 34.60 29.50
CA GLY F 35 18.54 35.73 29.13
C GLY F 35 19.07 35.65 27.70
N ALA F 36 18.68 34.61 26.96
CA ALA F 36 19.15 34.43 25.59
C ALA F 36 18.46 35.42 24.65
N LYS F 37 19.18 35.77 23.58
CA LYS F 37 18.60 36.48 22.44
C LYS F 37 18.17 35.43 21.43
N VAL F 38 16.87 35.35 21.15
CA VAL F 38 16.32 34.18 20.48
C VAL F 38 15.93 34.54 19.04
N CYS F 39 16.31 33.62 18.13
CA CYS F 39 15.97 33.71 16.72
C CYS F 39 15.27 32.42 16.31
N PHE F 40 14.39 32.52 15.29
CA PHE F 40 13.72 31.37 14.73
C PHE F 40 13.40 31.58 13.25
N ASN F 41 13.09 30.49 12.56
CA ASN F 41 12.62 30.55 11.18
C ASN F 41 11.27 29.82 11.06
N ASP F 42 10.54 30.14 9.99
CA ASP F 42 9.49 29.26 9.47
C ASP F 42 9.38 29.47 7.96
N ILE F 43 8.43 28.78 7.33
CA ILE F 43 8.51 28.52 5.89
C ILE F 43 7.85 29.65 5.10
N ASN F 44 7.05 30.50 5.76
CA ASN F 44 6.38 31.58 5.07
C ASN F 44 6.20 32.76 6.03
N GLN F 45 5.85 33.92 5.47
CA GLN F 45 5.76 35.17 6.22
C GLN F 45 4.65 35.10 7.28
N GLU F 46 3.53 34.44 6.94
CA GLU F 46 2.37 34.38 7.85
C GLU F 46 2.73 33.63 9.14
N LEU F 47 3.44 32.49 9.01
CA LEU F 47 3.85 31.71 10.16
C LEU F 47 4.84 32.50 11.01
N VAL F 48 5.79 33.18 10.35
CA VAL F 48 6.80 33.94 11.07
C VAL F 48 6.13 35.12 11.77
N ASP F 49 5.19 35.79 11.08
CA ASP F 49 4.42 36.88 11.67
C ASP F 49 3.69 36.39 12.91
N LYS F 50 2.97 35.27 12.77
CA LYS F 50 2.26 34.64 13.86
C LYS F 50 3.22 34.32 15.01
N GLY F 51 4.38 33.73 14.69
CA GLY F 51 5.41 33.46 15.68
C GLY F 51 5.83 34.73 16.44
N MET F 52 6.20 35.78 15.69
CA MET F 52 6.70 37.02 16.25
C MET F 52 5.72 37.63 17.26
N ALA F 53 4.43 37.61 16.92
CA ALA F 53 3.40 38.20 17.77
C ALA F 53 3.24 37.38 19.04
N ALA F 54 3.27 36.05 18.90
CA ALA F 54 3.15 35.15 20.04
C ALA F 54 4.32 35.35 21.00
N TYR F 55 5.54 35.49 20.48
CA TYR F 55 6.68 35.81 21.32
C TYR F 55 6.46 37.17 21.99
N ALA F 56 5.96 38.16 21.22
CA ALA F 56 5.80 39.53 21.71
C ALA F 56 4.75 39.61 22.81
N ALA F 57 3.68 38.80 22.69
CA ALA F 57 2.66 38.68 23.72
C ALA F 57 3.22 38.11 25.02
N LYS F 58 4.37 37.40 24.95
CA LYS F 58 5.02 36.85 26.12
C LYS F 58 6.16 37.75 26.60
N GLY F 59 6.25 38.96 26.04
CA GLY F 59 7.28 39.91 26.42
C GLY F 59 8.66 39.56 25.86
N ILE F 60 8.70 38.85 24.72
CA ILE F 60 9.95 38.44 24.10
C ILE F 60 10.10 39.13 22.76
N LYS F 61 11.15 39.94 22.59
CA LYS F 61 11.47 40.51 21.29
C LYS F 61 12.34 39.49 20.54
N ALA F 62 11.70 38.61 19.76
CA ALA F 62 12.42 37.59 19.02
C ALA F 62 12.77 38.13 17.64
N HIS F 63 13.63 37.40 16.94
CA HIS F 63 14.01 37.71 15.58
C HIS F 63 13.52 36.58 14.69
N GLY F 64 12.60 36.89 13.77
CA GLY F 64 11.98 35.88 12.93
C GLY F 64 12.40 36.03 11.47
N TYR F 65 12.69 34.90 10.83
CA TYR F 65 13.14 34.88 9.44
C TYR F 65 12.30 33.88 8.65
N VAL F 66 12.04 34.22 7.38
CA VAL F 66 11.50 33.26 6.42
C VAL F 66 12.69 32.47 5.85
N CYS F 67 12.65 31.13 6.01
CA CYS F 67 13.74 30.28 5.58
C CYS F 67 13.30 28.82 5.51
N ASP F 68 13.67 28.18 4.38
CA ASP F 68 13.57 26.74 4.17
C ASP F 68 14.92 26.14 4.57
N VAL F 69 14.92 25.24 5.55
CA VAL F 69 16.15 24.76 6.15
C VAL F 69 16.85 23.73 5.26
N THR F 70 16.20 23.30 4.16
CA THR F 70 16.81 22.39 3.20
C THR F 70 17.54 23.16 2.08
N ASP F 71 17.41 24.49 2.07
CA ASP F 71 18.08 25.27 1.04
C ASP F 71 19.30 25.98 1.64
N GLU F 72 20.48 25.44 1.34
CA GLU F 72 21.70 25.85 2.01
C GLU F 72 22.00 27.33 1.76
N PRO F 73 21.90 27.87 0.53
CA PRO F 73 22.06 29.30 0.30
C PRO F 73 21.20 30.18 1.21
N ALA F 74 19.93 29.80 1.40
CA ALA F 74 19.01 30.57 2.23
C ALA F 74 19.39 30.45 3.71
N VAL F 75 19.83 29.26 4.14
CA VAL F 75 20.22 29.03 5.52
C VAL F 75 21.45 29.91 5.81
N GLN F 76 22.45 29.85 4.94
CA GLN F 76 23.68 30.59 5.17
C GLN F 76 23.38 32.08 5.27
N ALA F 77 22.52 32.61 4.38
CA ALA F 77 22.15 34.02 4.41
C ALA F 77 21.43 34.35 5.71
N MET F 78 20.58 33.44 6.21
CA MET F 78 19.89 33.67 7.47
C MET F 78 20.90 33.80 8.61
N VAL F 79 21.89 32.90 8.64
CA VAL F 79 22.88 32.90 9.71
C VAL F 79 23.75 34.15 9.61
N ALA F 80 24.01 34.60 8.36
CA ALA F 80 24.84 35.77 8.09
C ALA F 80 24.19 37.01 8.70
N THR F 81 22.90 37.18 8.41
CA THR F 81 22.10 38.27 8.94
C THR F 81 22.13 38.26 10.47
N ILE F 82 21.71 37.13 11.06
CA ILE F 82 21.67 36.99 12.50
C ILE F 82 23.00 37.45 13.11
N ALA F 83 24.11 37.00 12.52
CA ALA F 83 25.43 37.31 13.04
C ALA F 83 25.67 38.82 13.07
N LYS F 84 25.16 39.51 12.05
CA LYS F 84 25.39 40.95 11.90
C LYS F 84 24.43 41.73 12.80
N GLU F 85 23.15 41.35 12.83
CA GLU F 85 22.10 42.10 13.52
C GLU F 85 22.03 41.74 15.00
N VAL F 86 22.28 40.46 15.34
CA VAL F 86 22.10 39.99 16.71
C VAL F 86 23.46 39.68 17.34
N GLY F 87 24.27 38.89 16.62
CA GLY F 87 25.46 38.25 17.17
C GLY F 87 25.61 36.84 16.57
N THR F 88 26.84 36.33 16.51
CA THR F 88 27.06 35.00 15.98
C THR F 88 26.34 33.99 16.87
N ILE F 89 25.78 32.95 16.26
CA ILE F 89 24.93 32.02 16.97
C ILE F 89 25.77 31.23 17.97
N ASP F 90 25.32 31.22 19.23
CA ASP F 90 25.99 30.49 20.30
C ASP F 90 25.32 29.13 20.49
N ILE F 91 23.99 29.08 20.26
CA ILE F 91 23.15 27.92 20.52
C ILE F 91 22.28 27.64 19.29
N LEU F 92 22.41 26.45 18.72
CA LEU F 92 21.54 26.02 17.63
C LEU F 92 20.66 24.89 18.15
N VAL F 93 19.35 25.01 17.98
CA VAL F 93 18.45 23.88 18.17
C VAL F 93 17.83 23.51 16.82
N ASN F 94 18.20 22.32 16.35
CA ASN F 94 17.59 21.73 15.17
C ASN F 94 16.25 21.13 15.58
N ASN F 95 15.18 21.88 15.32
CA ASN F 95 13.85 21.51 15.77
C ASN F 95 12.90 21.30 14.59
N ALA F 96 13.11 22.04 13.49
CA ALA F 96 12.20 21.97 12.36
C ALA F 96 12.13 20.53 11.84
N GLY F 97 10.93 20.04 11.55
CA GLY F 97 10.78 18.63 11.21
C GLY F 97 9.40 18.31 10.65
N ILE F 98 9.30 17.17 9.96
CA ILE F 98 8.02 16.67 9.50
C ILE F 98 7.91 15.19 9.82
N ILE F 99 6.67 14.71 9.82
CA ILE F 99 6.38 13.30 9.90
C ILE F 99 5.43 12.93 8.77
N ARG F 100 5.63 11.73 8.22
CA ARG F 100 4.66 11.09 7.36
C ARG F 100 4.34 9.73 7.96
N ARG F 101 3.11 9.27 7.73
CA ARG F 101 2.67 7.95 8.18
C ARG F 101 2.13 7.20 6.96
N VAL F 102 2.95 6.28 6.43
CA VAL F 102 2.62 5.51 5.25
C VAL F 102 3.40 4.20 5.32
N PRO F 103 2.73 3.03 5.10
CA PRO F 103 3.46 1.77 5.06
C PRO F 103 4.67 1.85 4.13
N MET F 104 5.80 1.28 4.56
CA MET F 104 7.04 1.54 3.84
C MET F 104 6.92 1.10 2.39
N HIS F 105 6.31 -0.07 2.17
CA HIS F 105 6.25 -0.68 0.85
C HIS F 105 5.33 0.11 -0.09
N GLU F 106 4.48 1.00 0.47
CA GLU F 106 3.59 1.83 -0.32
C GLU F 106 4.12 3.25 -0.48
N MET F 107 5.23 3.61 0.19
CA MET F 107 5.66 5.01 0.26
C MET F 107 6.41 5.41 -1.01
N ASP F 108 6.02 6.56 -1.59
CA ASP F 108 6.71 7.08 -2.75
C ASP F 108 8.15 7.41 -2.38
N ALA F 109 9.10 7.04 -3.26
CA ALA F 109 10.51 7.35 -3.10
C ALA F 109 10.72 8.83 -2.79
N ALA F 110 9.96 9.72 -3.45
CA ALA F 110 10.11 11.16 -3.29
C ALA F 110 9.74 11.60 -1.87
N ASP F 111 8.74 10.93 -1.28
CA ASP F 111 8.21 11.27 0.04
C ASP F 111 9.18 10.83 1.13
N PHE F 112 9.70 9.59 1.01
CA PHE F 112 10.75 9.09 1.90
C PHE F 112 11.94 10.04 1.88
N ARG F 113 12.38 10.46 0.68
CA ARG F 113 13.55 11.31 0.54
C ARG F 113 13.31 12.71 1.10
N ARG F 114 12.07 13.21 1.00
CA ARG F 114 11.71 14.52 1.54
C ARG F 114 11.72 14.49 3.08
N VAL F 115 11.34 13.35 3.67
CA VAL F 115 11.40 13.20 5.12
C VAL F 115 12.85 13.22 5.57
N ILE F 116 13.71 12.46 4.86
CA ILE F 116 15.14 12.42 5.18
C ILE F 116 15.74 13.82 5.02
N ASP F 117 15.29 14.56 3.99
CA ASP F 117 15.90 15.84 3.63
C ASP F 117 15.60 16.88 4.72
N ILE F 118 14.34 16.93 5.19
CA ILE F 118 13.96 17.87 6.24
C ILE F 118 14.50 17.40 7.60
N ASP F 119 14.51 16.08 7.87
CA ASP F 119 14.71 15.61 9.24
C ASP F 119 16.16 15.22 9.55
N LEU F 120 17.00 15.09 8.52
CA LEU F 120 18.38 14.66 8.68
C LEU F 120 19.36 15.57 7.91
N ASN F 121 19.14 15.77 6.61
CA ASN F 121 20.02 16.59 5.80
C ASN F 121 19.99 18.04 6.29
N ALA F 122 18.80 18.57 6.61
CA ALA F 122 18.71 19.98 6.98
C ALA F 122 19.46 20.26 8.29
N PRO F 123 19.29 19.46 9.36
CA PRO F 123 20.10 19.64 10.57
C PRO F 123 21.60 19.74 10.26
N PHE F 124 22.10 18.90 9.33
CA PHE F 124 23.50 18.97 8.92
C PHE F 124 23.79 20.35 8.31
N ILE F 125 22.88 20.85 7.48
CA ILE F 125 23.10 22.09 6.77
C ILE F 125 23.18 23.27 7.76
N VAL F 126 22.25 23.32 8.71
CA VAL F 126 22.19 24.45 9.66
C VAL F 126 23.39 24.35 10.59
N ALA F 127 23.72 23.13 11.04
CA ALA F 127 24.90 22.90 11.83
C ALA F 127 26.14 23.43 11.11
N LYS F 128 26.31 23.01 9.84
CA LYS F 128 27.46 23.39 9.03
C LYS F 128 27.57 24.91 8.93
N ALA F 129 26.43 25.59 8.86
CA ALA F 129 26.38 27.04 8.72
C ALA F 129 26.88 27.76 9.98
N VAL F 130 26.64 27.18 11.16
CA VAL F 130 26.92 27.87 12.42
C VAL F 130 28.30 27.50 12.98
N LEU F 131 28.91 26.41 12.48
CA LEU F 131 30.09 25.83 13.09
C LEU F 131 31.35 26.70 12.90
N PRO F 132 31.61 27.35 11.73
CA PRO F 132 32.78 28.22 11.61
C PRO F 132 32.93 29.24 12.74
N ALA F 133 31.85 29.98 13.07
CA ALA F 133 31.91 31.01 14.09
C ALA F 133 32.06 30.42 15.50
N MET F 134 31.54 29.21 15.74
CA MET F 134 31.67 28.54 17.03
C MET F 134 33.10 28.05 17.21
N MET F 135 33.66 27.45 16.15
CA MET F 135 35.06 27.04 16.16
C MET F 135 35.95 28.24 16.48
N GLU F 136 35.61 29.39 15.88
CA GLU F 136 36.40 30.60 16.01
C GLU F 136 36.38 31.09 17.46
N LYS F 137 35.19 31.11 18.07
CA LYS F 137 35.03 31.55 19.46
C LYS F 137 35.44 30.46 20.46
N ARG F 138 35.64 29.22 19.97
CA ARG F 138 35.90 28.06 20.82
C ARG F 138 34.80 27.93 21.88
N ALA F 139 33.54 28.00 21.42
CA ALA F 139 32.36 27.85 22.28
C ALA F 139 31.12 27.69 21.41
N GLY F 140 30.25 26.76 21.78
CA GLY F 140 29.03 26.55 21.01
C GLY F 140 28.24 25.36 21.54
N LYS F 141 26.93 25.39 21.30
CA LYS F 141 26.02 24.33 21.65
C LYS F 141 25.16 24.03 20.44
N ILE F 142 25.08 22.75 20.05
CA ILE F 142 24.13 22.30 19.05
C ILE F 142 23.26 21.20 19.67
N ILE F 143 21.94 21.43 19.65
CA ILE F 143 20.96 20.51 20.21
C ILE F 143 20.07 20.01 19.07
N ASN F 144 20.10 18.70 18.85
CA ASN F 144 19.27 18.07 17.84
C ASN F 144 18.06 17.46 18.53
N ILE F 145 16.86 17.88 18.10
CA ILE F 145 15.63 17.29 18.60
C ILE F 145 15.45 15.93 17.94
N CYS F 146 15.76 14.86 18.70
CA CYS F 146 15.64 13.50 18.21
C CYS F 146 14.24 12.99 18.52
N SER F 147 14.13 11.71 18.86
CA SER F 147 12.84 11.06 18.96
C SER F 147 13.04 9.72 19.64
N MET F 148 11.97 9.17 20.21
CA MET F 148 11.95 7.76 20.59
C MET F 148 12.16 6.88 19.36
N MET F 149 11.81 7.40 18.17
CA MET F 149 12.04 6.71 16.93
C MET F 149 13.52 6.79 16.54
N SER F 150 14.34 7.45 17.36
CA SER F 150 15.79 7.30 17.27
C SER F 150 16.26 5.93 17.76
N GLU F 151 15.39 5.19 18.49
CA GLU F 151 15.73 3.91 19.11
C GLU F 151 14.78 2.78 18.69
N LEU F 152 13.50 3.10 18.50
CA LEU F 152 12.46 2.11 18.29
C LEU F 152 11.71 2.42 17.01
N GLY F 153 11.33 1.36 16.29
CA GLY F 153 10.56 1.47 15.07
C GLY F 153 9.06 1.33 15.36
N ARG F 154 8.25 1.58 14.33
CA ARG F 154 6.81 1.40 14.35
C ARG F 154 6.32 1.38 12.91
N GLU F 155 5.22 0.67 12.68
CA GLU F 155 4.60 0.67 11.36
C GLU F 155 4.23 2.10 10.98
N THR F 156 4.45 2.39 9.68
CA THR F 156 4.01 3.58 8.95
C THR F 156 5.03 4.71 9.06
N VAL F 157 6.09 4.57 9.87
CA VAL F 157 6.99 5.70 10.07
C VAL F 157 8.45 5.29 9.78
N SER F 158 8.68 4.50 8.74
CA SER F 158 10.01 4.07 8.35
C SER F 158 10.93 5.26 8.05
N ALA F 159 10.44 6.22 7.26
CA ALA F 159 11.26 7.35 6.83
C ALA F 159 11.64 8.23 8.03
N TYR F 160 10.69 8.47 8.93
CA TYR F 160 10.95 9.26 10.12
C TYR F 160 11.95 8.55 11.03
N ALA F 161 11.78 7.24 11.24
CA ALA F 161 12.68 6.49 12.10
C ALA F 161 14.10 6.48 11.56
N ALA F 162 14.23 6.24 10.24
CA ALA F 162 15.52 6.30 9.57
C ALA F 162 16.16 7.67 9.77
N ALA F 163 15.39 8.74 9.57
CA ALA F 163 15.87 10.10 9.74
C ALA F 163 16.38 10.32 11.17
N LYS F 164 15.58 9.89 12.15
CA LYS F 164 15.84 10.15 13.55
C LYS F 164 17.00 9.33 14.08
N GLY F 165 17.16 8.10 13.56
CA GLY F 165 18.31 7.28 13.87
C GLY F 165 19.56 7.90 13.27
N GLY F 166 19.39 8.43 12.06
CA GLY F 166 20.40 9.25 11.39
C GLY F 166 20.81 10.45 12.24
N LEU F 167 19.83 11.21 12.76
CA LEU F 167 20.14 12.44 13.48
C LEU F 167 20.96 12.11 14.74
N LYS F 168 20.59 11.03 15.44
CA LYS F 168 21.34 10.56 16.59
C LYS F 168 22.83 10.36 16.26
N MET F 169 23.17 9.69 15.15
CA MET F 169 24.57 9.47 14.83
C MET F 169 25.20 10.78 14.37
N LEU F 170 24.43 11.65 13.74
CA LEU F 170 24.92 12.98 13.39
C LEU F 170 25.34 13.74 14.65
N THR F 171 24.53 13.66 15.72
CA THR F 171 24.86 14.25 17.00
C THR F 171 26.20 13.69 17.50
N ARG F 172 26.34 12.37 17.51
CA ARG F 172 27.57 11.75 18.00
C ARG F 172 28.78 12.13 17.14
N ASN F 173 28.59 12.27 15.82
CA ASN F 173 29.68 12.65 14.94
C ASN F 173 30.09 14.10 15.13
N ILE F 174 29.12 15.02 15.26
CA ILE F 174 29.46 16.42 15.49
C ILE F 174 30.22 16.53 16.81
N CYS F 175 29.81 15.76 17.82
CA CYS F 175 30.53 15.73 19.09
C CYS F 175 31.98 15.34 18.83
N SER F 176 32.19 14.21 18.15
CA SER F 176 33.51 13.66 17.90
C SER F 176 34.39 14.63 17.12
N GLU F 177 33.80 15.33 16.14
CA GLU F 177 34.55 16.10 15.17
C GLU F 177 34.80 17.52 15.68
N TYR F 178 33.89 18.08 16.48
CA TYR F 178 33.98 19.49 16.86
C TYR F 178 34.07 19.68 18.38
N GLY F 179 34.14 18.56 19.12
CA GLY F 179 34.29 18.62 20.56
C GLY F 179 35.54 19.39 21.00
N GLU F 180 36.63 19.25 20.23
CA GLU F 180 37.91 19.82 20.64
C GLU F 180 37.87 21.35 20.65
N TYR F 181 36.86 21.97 20.02
CA TYR F 181 36.71 23.41 20.00
C TYR F 181 35.85 23.94 21.16
N ASN F 182 35.62 23.12 22.21
CA ASN F 182 34.70 23.46 23.29
C ASN F 182 33.27 23.66 22.73
N ILE F 183 32.93 22.86 21.71
CA ILE F 183 31.57 22.78 21.19
C ILE F 183 30.96 21.47 21.66
N GLN F 184 29.74 21.55 22.22
CA GLN F 184 29.00 20.37 22.64
C GLN F 184 27.74 20.21 21.78
N CYS F 185 27.65 19.05 21.12
CA CYS F 185 26.48 18.68 20.34
C CYS F 185 25.79 17.51 21.02
N ASN F 186 24.52 17.71 21.43
CA ASN F 186 23.75 16.72 22.15
C ASN F 186 22.34 16.61 21.54
N GLY F 187 21.57 15.62 22.04
CA GLY F 187 20.22 15.37 21.56
C GLY F 187 19.20 15.48 22.69
N ILE F 188 17.97 15.89 22.34
CA ILE F 188 16.81 15.65 23.20
C ILE F 188 15.91 14.67 22.45
N GLY F 189 15.57 13.55 23.11
CA GLY F 189 14.57 12.62 22.61
C GLY F 189 13.27 12.74 23.39
N PRO F 190 12.27 13.49 22.89
CA PRO F 190 10.99 13.64 23.60
C PRO F 190 10.19 12.35 23.66
N GLY F 191 9.46 12.17 24.76
CA GLY F 191 8.48 11.11 24.89
C GLY F 191 7.17 11.51 24.21
N TYR F 192 6.05 11.13 24.82
CA TYR F 192 4.74 11.46 24.28
C TYR F 192 4.31 12.81 24.88
N ILE F 193 4.24 13.82 24.02
CA ILE F 193 3.95 15.18 24.44
C ILE F 193 2.46 15.46 24.21
N ALA F 194 1.80 16.03 25.22
CA ALA F 194 0.39 16.39 25.13
C ALA F 194 0.23 17.70 24.37
N THR F 195 0.05 17.58 23.04
CA THR F 195 -0.16 18.73 22.17
C THR F 195 -1.66 18.94 21.97
N PRO F 196 -2.12 20.19 21.67
CA PRO F 196 -3.53 20.45 21.44
C PRO F 196 -4.20 19.47 20.48
N GLN F 197 -3.48 19.06 19.42
CA GLN F 197 -4.02 18.22 18.37
C GLN F 197 -4.39 16.83 18.89
N THR F 198 -3.68 16.34 19.93
CA THR F 198 -3.94 15.00 20.45
C THR F 198 -4.95 15.02 21.60
N ALA F 199 -5.47 16.21 21.94
CA ALA F 199 -6.43 16.35 23.03
C ALA F 199 -7.57 15.34 22.94
N PRO F 200 -8.14 15.06 21.74
CA PRO F 200 -9.21 14.08 21.63
C PRO F 200 -8.81 12.65 21.97
N LEU F 201 -7.50 12.39 22.01
CA LEU F 201 -6.98 11.08 22.40
C LEU F 201 -6.87 10.99 23.92
N ARG F 202 -7.19 12.07 24.63
CA ARG F 202 -7.19 12.08 26.09
C ARG F 202 -8.57 12.41 26.66
N GLU F 203 -9.58 12.50 25.79
CA GLU F 203 -10.90 13.00 26.16
C GLU F 203 -11.59 12.00 27.11
N HIS F 211 -9.78 7.02 27.61
CA HIS F 211 -9.62 6.78 26.15
C HIS F 211 -8.64 5.64 25.92
N PRO F 212 -8.93 4.68 25.00
CA PRO F 212 -8.01 3.60 24.68
C PRO F 212 -6.58 4.02 24.36
N PHE F 213 -6.41 5.10 23.57
CA PHE F 213 -5.08 5.57 23.22
C PHE F 213 -4.39 6.11 24.47
N ASP F 214 -5.15 6.89 25.26
CA ASP F 214 -4.67 7.46 26.50
C ASP F 214 -4.21 6.35 27.46
N SER F 215 -5.03 5.29 27.60
CA SER F 215 -4.71 4.16 28.45
C SER F 215 -3.39 3.53 28.03
N PHE F 216 -3.19 3.36 26.72
CA PHE F 216 -2.00 2.72 26.17
C PHE F 216 -0.76 3.54 26.50
N ILE F 217 -0.86 4.87 26.36
CA ILE F 217 0.25 5.77 26.66
C ILE F 217 0.56 5.72 28.15
N CYS F 218 -0.49 5.82 28.97
CA CYS F 218 -0.33 5.91 30.42
C CYS F 218 0.26 4.60 30.97
N ALA F 219 -0.11 3.47 30.37
CA ALA F 219 0.38 2.17 30.81
C ALA F 219 1.85 2.01 30.42
N LYS F 220 2.20 2.56 29.25
CA LYS F 220 3.53 2.48 28.67
C LYS F 220 4.54 3.38 29.39
N THR F 221 4.04 4.43 30.06
CA THR F 221 4.90 5.44 30.67
C THR F 221 4.95 5.18 32.18
N PRO F 222 6.12 4.81 32.77
CA PRO F 222 6.24 4.74 34.22
C PRO F 222 5.61 5.91 34.96
N ALA F 223 5.83 7.13 34.47
CA ALA F 223 5.27 8.34 35.07
C ALA F 223 3.74 8.34 34.98
N GLY F 224 3.19 7.52 34.09
CA GLY F 224 1.75 7.28 34.07
C GLY F 224 0.96 8.45 33.50
N ARG F 225 1.64 9.28 32.69
CA ARG F 225 1.04 10.49 32.16
C ARG F 225 1.72 10.84 30.83
N TRP F 226 1.06 11.70 30.06
CA TRP F 226 1.67 12.40 28.96
C TRP F 226 2.59 13.46 29.54
N LEU F 227 3.52 13.98 28.73
CA LEU F 227 4.37 15.08 29.17
C LEU F 227 3.79 16.39 28.64
N ASP F 228 3.91 17.46 29.43
CA ASP F 228 3.65 18.81 28.94
C ASP F 228 4.88 19.24 28.13
N PRO F 229 4.70 19.94 26.97
CA PRO F 229 5.83 20.44 26.18
C PRO F 229 6.90 21.19 26.99
N GLU F 230 6.49 21.84 28.07
CA GLU F 230 7.35 22.65 28.92
C GLU F 230 8.32 21.78 29.73
N GLU F 231 8.05 20.49 29.84
CA GLU F 231 8.91 19.58 30.57
C GLU F 231 10.17 19.27 29.77
N LEU F 232 10.21 19.70 28.50
CA LEU F 232 11.40 19.61 27.68
C LEU F 232 12.30 20.84 27.83
N THR F 233 11.79 21.94 28.42
CA THR F 233 12.52 23.20 28.44
C THR F 233 13.64 23.15 29.48
N GLY F 234 13.42 22.45 30.59
CA GLY F 234 14.46 22.26 31.59
C GLY F 234 15.65 21.53 30.98
N PRO F 235 15.46 20.31 30.42
CA PRO F 235 16.50 19.62 29.67
C PRO F 235 17.17 20.48 28.60
N ALA F 236 16.38 21.31 27.90
CA ALA F 236 16.91 22.12 26.80
C ALA F 236 17.82 23.22 27.34
N VAL F 237 17.39 23.89 28.41
CA VAL F 237 18.18 24.93 29.04
C VAL F 237 19.49 24.33 29.56
N PHE F 238 19.42 23.15 30.18
CA PHE F 238 20.58 22.49 30.73
C PHE F 238 21.64 22.22 29.66
N LEU F 239 21.23 21.66 28.52
CA LEU F 239 22.17 21.27 27.46
C LEU F 239 22.74 22.53 26.80
N ALA F 240 22.00 23.65 26.88
CA ALA F 240 22.42 24.89 26.23
C ALA F 240 23.33 25.72 27.13
N SER F 241 23.49 25.32 28.41
CA SER F 241 24.18 26.13 29.40
C SER F 241 25.56 25.57 29.71
N GLU F 242 26.37 26.40 30.39
CA GLU F 242 27.73 26.06 30.79
C GLU F 242 27.75 24.87 31.75
N ALA F 243 26.64 24.65 32.46
CA ALA F 243 26.54 23.58 33.44
C ALA F 243 26.72 22.20 32.79
N SER F 244 26.46 22.08 31.49
CA SER F 244 26.49 20.79 30.80
C SER F 244 27.71 20.67 29.89
N ASN F 245 28.74 21.49 30.12
CA ASN F 245 29.87 21.59 29.20
C ASN F 245 30.60 20.25 29.01
N ALA F 246 30.57 19.34 30.01
CA ALA F 246 31.21 18.03 29.85
C ALA F 246 30.26 16.99 29.24
N VAL F 247 28.99 17.35 29.05
CA VAL F 247 28.03 16.47 28.37
C VAL F 247 28.15 16.74 26.87
N ASN F 248 28.45 15.67 26.09
CA ASN F 248 28.78 15.82 24.68
C ASN F 248 28.50 14.49 23.96
N GLY F 249 27.83 14.58 22.80
CA GLY F 249 27.54 13.42 21.97
C GLY F 249 26.51 12.49 22.61
N HIS F 250 25.65 13.07 23.45
CA HIS F 250 24.72 12.31 24.27
C HIS F 250 23.29 12.61 23.84
N ILE F 251 22.44 11.58 23.73
CA ILE F 251 21.02 11.80 23.53
C ILE F 251 20.33 11.79 24.90
N LEU F 252 19.77 12.94 25.29
CA LEU F 252 19.06 13.06 26.55
C LEU F 252 17.58 12.79 26.32
N TYR F 253 17.14 11.57 26.63
CA TYR F 253 15.75 11.17 26.50
C TYR F 253 14.95 11.81 27.63
N VAL F 254 13.81 12.41 27.27
CA VAL F 254 12.91 13.04 28.23
C VAL F 254 11.51 12.44 28.04
N ASP F 255 11.31 11.26 28.65
CA ASP F 255 10.24 10.38 28.22
C ASP F 255 9.41 9.84 29.38
N GLY F 256 9.66 10.32 30.60
CA GLY F 256 8.97 9.83 31.78
C GLY F 256 9.21 8.34 32.03
N GLY F 257 10.29 7.79 31.44
CA GLY F 257 10.72 6.42 31.75
C GLY F 257 10.41 5.39 30.66
N ILE F 258 9.84 5.82 29.52
CA ILE F 258 9.31 4.88 28.52
C ILE F 258 10.38 3.92 28.03
N LEU F 259 11.53 4.45 27.60
CA LEU F 259 12.60 3.64 27.01
C LEU F 259 13.28 2.75 28.05
N ALA F 260 13.02 2.99 29.34
CA ALA F 260 13.64 2.20 30.40
C ALA F 260 12.74 1.03 30.79
N TYR F 261 11.52 0.96 30.25
CA TYR F 261 10.47 0.12 30.83
C TYR F 261 9.98 -0.89 29.80
N ILE F 262 9.79 -2.15 30.22
CA ILE F 262 9.28 -3.18 29.32
C ILE F 262 7.78 -3.01 29.09
N GLY F 263 7.07 -2.31 29.99
CA GLY F 263 5.66 -2.02 29.82
C GLY F 263 4.79 -2.69 30.90
N LYS F 264 3.59 -2.10 31.11
CA LYS F 264 2.62 -2.62 32.06
C LYS F 264 1.87 -3.78 31.41
N GLN F 265 1.97 -4.97 32.01
CA GLN F 265 1.34 -6.16 31.48
C GLN F 265 0.00 -6.39 32.17
N PRO F 266 -0.98 -7.06 31.50
CA PRO F 266 -2.23 -7.43 32.14
C PRO F 266 -2.08 -8.61 33.09
N GLN G 3 -36.98 25.93 -15.49
CA GLN G 3 -36.92 25.31 -14.14
C GLN G 3 -36.48 23.86 -14.27
N PHE G 4 -36.15 23.25 -13.13
CA PHE G 4 -35.66 21.89 -13.11
C PHE G 4 -36.80 20.91 -13.36
N LEU G 5 -38.05 21.31 -13.04
CA LEU G 5 -39.20 20.43 -13.22
C LEU G 5 -40.12 20.94 -14.32
N ASN G 6 -39.56 21.62 -15.33
CA ASN G 6 -40.38 22.19 -16.40
C ASN G 6 -40.41 21.24 -17.60
N PHE G 7 -41.60 20.70 -17.88
CA PHE G 7 -41.81 19.78 -18.99
C PHE G 7 -42.60 20.46 -20.12
N SER G 8 -42.81 21.79 -20.02
CA SER G 8 -43.51 22.52 -21.06
C SER G 8 -42.58 22.85 -22.22
N LEU G 9 -43.13 22.84 -23.45
CA LEU G 9 -42.39 23.28 -24.62
C LEU G 9 -43.07 24.51 -25.23
N GLU G 10 -43.75 25.29 -24.38
CA GLU G 10 -44.53 26.44 -24.78
C GLU G 10 -43.65 27.44 -25.55
N GLY G 11 -44.00 27.69 -26.81
CA GLY G 11 -43.35 28.72 -27.62
C GLY G 11 -42.21 28.18 -28.47
N LYS G 12 -41.82 26.91 -28.26
CA LYS G 12 -40.64 26.35 -28.88
C LYS G 12 -41.00 25.85 -30.28
N VAL G 13 -40.14 26.15 -31.26
CA VAL G 13 -40.34 25.71 -32.63
C VAL G 13 -39.72 24.32 -32.81
N ALA G 14 -40.55 23.31 -33.11
CA ALA G 14 -40.10 21.92 -33.18
C ALA G 14 -40.33 21.36 -34.57
N LEU G 15 -39.27 20.80 -35.18
CA LEU G 15 -39.35 20.15 -36.48
C LEU G 15 -39.16 18.64 -36.33
N VAL G 16 -40.18 17.87 -36.72
CA VAL G 16 -40.14 16.42 -36.69
C VAL G 16 -40.18 15.92 -38.13
N THR G 17 -39.09 15.31 -38.59
CA THR G 17 -38.97 14.94 -39.98
C THR G 17 -39.80 13.69 -40.25
N GLY G 18 -40.46 13.66 -41.41
CA GLY G 18 -41.27 12.53 -41.86
C GLY G 18 -42.41 12.22 -40.88
N ALA G 19 -43.11 13.26 -40.42
CA ALA G 19 -44.14 13.11 -39.40
C ALA G 19 -45.53 13.43 -39.97
N SER G 20 -45.84 12.89 -41.15
CA SER G 20 -47.19 12.93 -41.68
C SER G 20 -48.00 11.75 -41.15
N TYR G 21 -47.31 10.68 -40.74
CA TYR G 21 -47.95 9.59 -40.01
C TYR G 21 -46.96 8.94 -39.05
N GLY G 22 -47.46 7.96 -38.29
CA GLY G 22 -46.62 7.06 -37.51
C GLY G 22 -46.16 7.68 -36.19
N ILE G 23 -44.99 7.22 -35.72
CA ILE G 23 -44.41 7.63 -34.46
C ILE G 23 -44.11 9.14 -34.48
N GLY G 24 -43.64 9.65 -35.63
CA GLY G 24 -43.31 11.06 -35.77
C GLY G 24 -44.51 11.97 -35.50
N PHE G 25 -45.69 11.55 -35.99
CA PHE G 25 -46.94 12.29 -35.88
C PHE G 25 -47.43 12.30 -34.43
N ALA G 26 -47.26 11.19 -33.71
CA ALA G 26 -47.56 11.15 -32.28
C ALA G 26 -46.61 12.09 -31.53
N ILE G 27 -45.32 12.04 -31.82
CA ILE G 27 -44.35 12.89 -31.13
C ILE G 27 -44.68 14.36 -31.40
N ALA G 28 -44.91 14.72 -32.66
CA ALA G 28 -45.26 16.09 -33.01
C ALA G 28 -46.54 16.52 -32.29
N SER G 29 -47.52 15.61 -32.22
CA SER G 29 -48.80 15.85 -31.56
C SER G 29 -48.60 16.17 -30.08
N ALA G 30 -47.70 15.41 -29.41
CA ALA G 30 -47.44 15.61 -28.00
C ALA G 30 -46.74 16.93 -27.75
N PHE G 31 -45.79 17.29 -28.64
CA PHE G 31 -45.11 18.58 -28.59
C PHE G 31 -46.13 19.72 -28.67
N ALA G 32 -47.08 19.65 -29.63
CA ALA G 32 -48.08 20.68 -29.82
C ALA G 32 -48.96 20.81 -28.57
N GLU G 33 -49.32 19.67 -27.98
CA GLU G 33 -50.10 19.62 -26.76
C GLU G 33 -49.34 20.32 -25.64
N GLN G 34 -48.00 20.18 -25.61
CA GLN G 34 -47.16 20.82 -24.60
C GLN G 34 -46.82 22.27 -24.99
N GLY G 35 -47.43 22.79 -26.05
CA GLY G 35 -47.44 24.23 -26.32
C GLY G 35 -46.40 24.66 -27.36
N ALA G 36 -45.96 23.73 -28.21
CA ALA G 36 -44.91 24.00 -29.19
C ALA G 36 -45.52 24.28 -30.56
N LYS G 37 -44.83 25.07 -31.37
CA LYS G 37 -45.19 25.26 -32.78
C LYS G 37 -44.49 24.17 -33.60
N VAL G 38 -45.28 23.30 -34.24
CA VAL G 38 -44.73 22.06 -34.77
C VAL G 38 -44.63 22.14 -36.30
N CYS G 39 -43.50 21.65 -36.80
CA CYS G 39 -43.21 21.59 -38.23
C CYS G 39 -42.85 20.16 -38.61
N PHE G 40 -43.17 19.77 -39.86
CA PHE G 40 -42.81 18.46 -40.34
C PHE G 40 -42.61 18.54 -41.86
N ASN G 41 -42.09 17.44 -42.42
CA ASN G 41 -41.92 17.31 -43.86
C ASN G 41 -42.32 15.91 -44.31
N ASP G 42 -42.47 15.74 -45.62
CA ASP G 42 -42.50 14.43 -46.26
C ASP G 42 -42.09 14.61 -47.71
N ILE G 43 -42.06 13.52 -48.49
CA ILE G 43 -41.34 13.49 -49.75
C ILE G 43 -42.20 14.03 -50.90
N ASN G 44 -43.51 14.27 -50.69
CA ASN G 44 -44.32 14.84 -51.76
C ASN G 44 -45.52 15.58 -51.18
N GLN G 45 -46.24 16.28 -52.07
CA GLN G 45 -47.26 17.25 -51.70
C GLN G 45 -48.50 16.58 -51.14
N GLU G 46 -48.83 15.38 -51.66
CA GLU G 46 -50.02 14.67 -51.22
C GLU G 46 -49.83 14.20 -49.78
N LEU G 47 -48.66 13.64 -49.47
CA LEU G 47 -48.36 13.17 -48.12
C LEU G 47 -48.36 14.33 -47.13
N VAL G 48 -47.92 15.52 -47.57
CA VAL G 48 -47.90 16.71 -46.72
C VAL G 48 -49.33 17.22 -46.53
N ASP G 49 -50.09 17.27 -47.63
CA ASP G 49 -51.52 17.58 -47.57
C ASP G 49 -52.17 16.63 -46.57
N LYS G 50 -51.97 15.31 -46.74
CA LYS G 50 -52.55 14.29 -45.89
C LYS G 50 -52.18 14.53 -44.42
N GLY G 51 -50.90 14.85 -44.17
CA GLY G 51 -50.44 15.13 -42.82
C GLY G 51 -51.12 16.36 -42.24
N MET G 52 -51.23 17.41 -43.06
CA MET G 52 -51.80 18.69 -42.66
C MET G 52 -53.24 18.51 -42.15
N ALA G 53 -54.06 17.81 -42.93
CA ALA G 53 -55.43 17.52 -42.54
C ALA G 53 -55.44 16.71 -41.25
N ALA G 54 -54.55 15.72 -41.16
CA ALA G 54 -54.45 14.86 -39.99
C ALA G 54 -54.27 15.70 -38.73
N TYR G 55 -53.27 16.59 -38.73
CA TYR G 55 -53.01 17.47 -37.60
C TYR G 55 -54.23 18.39 -37.38
N ALA G 56 -54.71 19.01 -38.47
CA ALA G 56 -55.84 19.92 -38.41
C ALA G 56 -57.05 19.26 -37.74
N ALA G 57 -57.28 17.98 -38.06
CA ALA G 57 -58.39 17.24 -37.49
C ALA G 57 -58.25 17.10 -35.97
N LYS G 58 -57.02 17.24 -35.46
CA LYS G 58 -56.75 17.13 -34.03
C LYS G 58 -56.70 18.51 -33.37
N GLY G 59 -57.07 19.55 -34.12
CA GLY G 59 -57.05 20.91 -33.60
C GLY G 59 -55.64 21.52 -33.58
N ILE G 60 -54.70 20.91 -34.33
CA ILE G 60 -53.33 21.40 -34.38
C ILE G 60 -53.07 22.06 -35.73
N LYS G 61 -52.66 23.33 -35.68
CA LYS G 61 -52.25 24.07 -36.86
C LYS G 61 -50.74 23.93 -36.99
N ALA G 62 -50.33 23.01 -37.86
CA ALA G 62 -48.93 22.68 -38.06
C ALA G 62 -48.43 23.41 -39.31
N HIS G 63 -47.12 23.32 -39.53
CA HIS G 63 -46.51 23.79 -40.77
C HIS G 63 -45.82 22.61 -41.46
N GLY G 64 -46.21 22.34 -42.71
CA GLY G 64 -45.74 21.19 -43.46
C GLY G 64 -45.01 21.62 -44.73
N TYR G 65 -44.00 20.83 -45.12
CA TYR G 65 -43.09 21.20 -46.21
C TYR G 65 -42.69 19.96 -47.01
N VAL G 66 -42.69 20.09 -48.34
CA VAL G 66 -42.14 19.06 -49.19
C VAL G 66 -40.62 19.19 -49.13
N CYS G 67 -39.94 18.10 -48.73
CA CYS G 67 -38.50 18.11 -48.57
C CYS G 67 -37.96 16.68 -48.52
N ASP G 68 -37.00 16.39 -49.41
CA ASP G 68 -36.21 15.17 -49.33
C ASP G 68 -35.01 15.43 -48.44
N VAL G 69 -34.94 14.75 -47.29
CA VAL G 69 -34.00 15.07 -46.23
C VAL G 69 -32.57 14.72 -46.61
N THR G 70 -32.35 13.89 -47.65
CA THR G 70 -31.02 13.61 -48.16
C THR G 70 -30.50 14.77 -49.02
N ASP G 71 -31.37 15.71 -49.40
CA ASP G 71 -31.07 16.76 -50.35
C ASP G 71 -30.68 18.03 -49.59
N GLU G 72 -29.38 18.22 -49.36
CA GLU G 72 -28.91 19.26 -48.45
C GLU G 72 -29.48 20.61 -48.85
N PRO G 73 -29.37 21.04 -50.14
CA PRO G 73 -29.87 22.35 -50.52
C PRO G 73 -31.33 22.57 -50.17
N ALA G 74 -32.14 21.50 -50.32
CA ALA G 74 -33.55 21.56 -49.99
C ALA G 74 -33.77 21.69 -48.48
N VAL G 75 -32.92 21.02 -47.68
CA VAL G 75 -33.06 21.06 -46.23
C VAL G 75 -32.82 22.48 -45.73
N GLN G 76 -31.79 23.14 -46.28
CA GLN G 76 -31.44 24.49 -45.90
C GLN G 76 -32.57 25.46 -46.27
N ALA G 77 -33.14 25.27 -47.46
CA ALA G 77 -34.29 26.05 -47.90
C ALA G 77 -35.47 25.85 -46.95
N MET G 78 -35.68 24.61 -46.51
CA MET G 78 -36.77 24.31 -45.59
C MET G 78 -36.55 25.03 -44.27
N VAL G 79 -35.30 24.98 -43.76
CA VAL G 79 -34.98 25.50 -42.45
C VAL G 79 -35.06 27.03 -42.46
N ALA G 80 -34.67 27.65 -43.59
CA ALA G 80 -34.80 29.09 -43.75
C ALA G 80 -36.26 29.51 -43.86
N THR G 81 -37.10 28.69 -44.51
CA THR G 81 -38.52 29.01 -44.63
C THR G 81 -39.15 28.96 -43.25
N ILE G 82 -38.89 27.87 -42.50
CA ILE G 82 -39.43 27.71 -41.16
C ILE G 82 -38.97 28.88 -40.28
N ALA G 83 -37.71 29.32 -40.46
CA ALA G 83 -37.16 30.44 -39.73
C ALA G 83 -37.95 31.71 -40.01
N LYS G 84 -38.48 31.80 -41.24
CA LYS G 84 -39.21 32.97 -41.70
C LYS G 84 -40.68 32.86 -41.27
N GLU G 85 -41.30 31.72 -41.59
CA GLU G 85 -42.73 31.53 -41.38
C GLU G 85 -43.06 31.34 -39.91
N VAL G 86 -42.20 30.66 -39.14
CA VAL G 86 -42.55 30.24 -37.79
C VAL G 86 -41.52 30.71 -36.77
N GLY G 87 -40.24 30.41 -37.01
CA GLY G 87 -39.16 30.83 -36.12
C GLY G 87 -37.97 29.89 -36.23
N THR G 88 -36.82 30.29 -35.67
CA THR G 88 -35.66 29.40 -35.63
C THR G 88 -36.03 28.16 -34.83
N ILE G 89 -35.68 26.99 -35.38
CA ILE G 89 -35.99 25.70 -34.78
C ILE G 89 -35.23 25.54 -33.47
N ASP G 90 -35.95 25.18 -32.40
CA ASP G 90 -35.36 24.99 -31.09
C ASP G 90 -35.25 23.49 -30.79
N ILE G 91 -36.13 22.68 -31.41
CA ILE G 91 -36.14 21.25 -31.24
C ILE G 91 -36.15 20.59 -32.62
N LEU G 92 -35.16 19.73 -32.88
CA LEU G 92 -35.16 18.88 -34.04
C LEU G 92 -35.39 17.43 -33.60
N VAL G 93 -36.33 16.74 -34.25
CA VAL G 93 -36.48 15.29 -34.13
C VAL G 93 -36.21 14.67 -35.50
N ASN G 94 -35.09 13.95 -35.60
CA ASN G 94 -34.75 13.14 -36.76
C ASN G 94 -35.49 11.82 -36.69
N ASN G 95 -36.60 11.72 -37.43
CA ASN G 95 -37.56 10.63 -37.32
C ASN G 95 -37.73 9.95 -38.68
N ALA G 96 -37.65 10.72 -39.78
CA ALA G 96 -37.82 10.18 -41.12
C ALA G 96 -36.84 9.02 -41.36
N GLY G 97 -37.35 7.92 -41.90
CA GLY G 97 -36.51 6.77 -42.13
C GLY G 97 -37.19 5.73 -43.01
N ILE G 98 -36.37 4.80 -43.55
CA ILE G 98 -36.89 3.64 -44.24
C ILE G 98 -36.22 2.39 -43.66
N ILE G 99 -36.90 1.25 -43.80
CA ILE G 99 -36.29 -0.04 -43.54
C ILE G 99 -36.36 -0.85 -44.83
N ARG G 100 -35.34 -1.70 -45.03
CA ARG G 100 -35.29 -2.65 -46.13
C ARG G 100 -34.93 -4.03 -45.57
N ARG G 101 -35.54 -5.07 -46.14
CA ARG G 101 -35.35 -6.43 -45.68
C ARG G 101 -34.82 -7.26 -46.85
N VAL G 102 -33.50 -7.40 -46.91
CA VAL G 102 -32.80 -8.10 -47.98
C VAL G 102 -31.61 -8.82 -47.33
N PRO G 103 -31.38 -10.13 -47.58
CA PRO G 103 -30.15 -10.76 -47.11
C PRO G 103 -28.94 -9.99 -47.62
N MET G 104 -27.90 -9.87 -46.78
CA MET G 104 -26.86 -8.88 -47.01
C MET G 104 -26.08 -9.20 -48.29
N HIS G 105 -25.77 -10.48 -48.50
CA HIS G 105 -24.95 -10.86 -49.64
C HIS G 105 -25.72 -10.71 -50.97
N GLU G 106 -27.04 -10.52 -50.89
CA GLU G 106 -27.88 -10.36 -52.06
C GLU G 106 -28.30 -8.90 -52.26
N MET G 107 -27.90 -7.98 -51.37
CA MET G 107 -28.44 -6.63 -51.40
C MET G 107 -27.62 -5.77 -52.35
N ASP G 108 -28.29 -5.07 -53.27
CA ASP G 108 -27.62 -4.16 -54.19
C ASP G 108 -26.90 -3.08 -53.38
N ALA G 109 -25.71 -2.69 -53.83
CA ALA G 109 -24.92 -1.66 -53.16
C ALA G 109 -25.71 -0.36 -53.09
N ALA G 110 -26.46 -0.05 -54.17
CA ALA G 110 -27.28 1.14 -54.25
C ALA G 110 -28.40 1.13 -53.20
N ASP G 111 -28.94 -0.05 -52.92
CA ASP G 111 -29.99 -0.20 -51.91
C ASP G 111 -29.40 0.05 -50.53
N PHE G 112 -28.30 -0.63 -50.21
CA PHE G 112 -27.62 -0.44 -48.94
C PHE G 112 -27.31 1.04 -48.74
N ARG G 113 -26.73 1.67 -49.77
CA ARG G 113 -26.31 3.07 -49.71
C ARG G 113 -27.49 3.99 -49.42
N ARG G 114 -28.67 3.69 -50.00
CA ARG G 114 -29.84 4.54 -49.84
C ARG G 114 -30.38 4.47 -48.41
N VAL G 115 -30.30 3.28 -47.79
CA VAL G 115 -30.72 3.11 -46.40
C VAL G 115 -29.82 3.99 -45.53
N ILE G 116 -28.52 3.80 -45.67
CA ILE G 116 -27.52 4.58 -44.94
C ILE G 116 -27.80 6.08 -45.12
N ASP G 117 -28.08 6.50 -46.36
CA ASP G 117 -28.13 7.92 -46.70
C ASP G 117 -29.34 8.57 -46.03
N ILE G 118 -30.48 7.85 -45.98
CA ILE G 118 -31.68 8.40 -45.38
C ILE G 118 -31.61 8.25 -43.85
N ASP G 119 -31.08 7.13 -43.36
CA ASP G 119 -31.18 6.82 -41.95
C ASP G 119 -30.00 7.39 -41.16
N LEU G 120 -28.89 7.73 -41.84
CA LEU G 120 -27.69 8.18 -41.14
C LEU G 120 -27.21 9.53 -41.66
N ASN G 121 -27.06 9.67 -42.99
CA ASN G 121 -26.54 10.90 -43.55
C ASN G 121 -27.55 12.03 -43.37
N ALA G 122 -28.85 11.76 -43.60
CA ALA G 122 -29.85 12.82 -43.55
C ALA G 122 -29.91 13.43 -42.16
N PRO G 123 -29.96 12.63 -41.05
CA PRO G 123 -29.86 13.18 -39.70
C PRO G 123 -28.71 14.16 -39.51
N PHE G 124 -27.55 13.90 -40.15
CA PHE G 124 -26.42 14.81 -40.08
C PHE G 124 -26.78 16.11 -40.81
N ILE G 125 -27.35 15.99 -42.01
CA ILE G 125 -27.67 17.12 -42.85
C ILE G 125 -28.65 18.05 -42.13
N VAL G 126 -29.69 17.50 -41.47
CA VAL G 126 -30.70 18.32 -40.82
C VAL G 126 -30.13 18.94 -39.56
N ALA G 127 -29.32 18.17 -38.80
CA ALA G 127 -28.65 18.70 -37.61
C ALA G 127 -27.73 19.86 -38.00
N LYS G 128 -26.97 19.66 -39.08
CA LYS G 128 -26.07 20.69 -39.57
C LYS G 128 -26.83 21.99 -39.84
N ALA G 129 -28.06 21.86 -40.33
CA ALA G 129 -28.84 23.01 -40.77
C ALA G 129 -29.42 23.79 -39.58
N VAL G 130 -29.78 23.09 -38.50
CA VAL G 130 -30.45 23.73 -37.37
C VAL G 130 -29.41 24.20 -36.33
N LEU G 131 -28.21 23.63 -36.35
CA LEU G 131 -27.25 23.84 -35.27
C LEU G 131 -26.82 25.31 -35.17
N PRO G 132 -26.48 26.02 -36.27
CA PRO G 132 -25.99 27.39 -36.16
C PRO G 132 -26.91 28.31 -35.36
N ALA G 133 -28.23 28.26 -35.62
CA ALA G 133 -29.15 29.12 -34.91
C ALA G 133 -29.17 28.76 -33.41
N MET G 134 -29.09 27.46 -33.12
CA MET G 134 -29.11 26.95 -31.75
C MET G 134 -27.89 27.42 -30.98
N MET G 135 -26.72 27.37 -31.64
CA MET G 135 -25.47 27.83 -31.08
C MET G 135 -25.61 29.30 -30.64
N GLU G 136 -26.11 30.16 -31.54
CA GLU G 136 -26.18 31.58 -31.24
C GLU G 136 -27.19 31.85 -30.12
N LYS G 137 -28.22 31.00 -29.99
CA LYS G 137 -29.18 31.12 -28.90
C LYS G 137 -28.67 30.50 -27.61
N ARG G 138 -27.61 29.69 -27.68
CA ARG G 138 -27.11 28.90 -26.55
C ARG G 138 -28.22 28.04 -25.95
N ALA G 139 -29.01 27.39 -26.81
CA ALA G 139 -30.10 26.53 -26.40
C ALA G 139 -30.59 25.74 -27.61
N GLY G 140 -30.93 24.47 -27.39
CA GLY G 140 -31.46 23.63 -28.46
C GLY G 140 -31.48 22.16 -28.07
N LYS G 141 -32.30 21.40 -28.81
CA LYS G 141 -32.45 19.97 -28.58
C LYS G 141 -32.41 19.25 -29.93
N ILE G 142 -31.58 18.21 -30.03
CA ILE G 142 -31.68 17.28 -31.15
C ILE G 142 -31.96 15.87 -30.62
N ILE G 143 -33.09 15.29 -31.03
CA ILE G 143 -33.49 13.95 -30.62
C ILE G 143 -33.48 13.03 -31.84
N ASN G 144 -32.57 12.05 -31.82
CA ASN G 144 -32.45 11.11 -32.92
C ASN G 144 -33.29 9.89 -32.58
N ILE G 145 -34.15 9.47 -33.53
CA ILE G 145 -34.94 8.27 -33.32
C ILE G 145 -34.11 7.07 -33.78
N CYS G 146 -33.60 6.35 -32.77
CA CYS G 146 -32.73 5.20 -32.96
C CYS G 146 -33.61 3.96 -33.00
N SER G 147 -33.09 2.85 -32.49
CA SER G 147 -33.76 1.57 -32.62
C SER G 147 -33.09 0.59 -31.67
N MET G 148 -33.75 -0.55 -31.44
CA MET G 148 -33.08 -1.66 -30.79
C MET G 148 -31.95 -2.18 -31.68
N MET G 149 -32.06 -1.92 -32.99
CA MET G 149 -31.03 -2.29 -33.95
C MET G 149 -29.82 -1.35 -33.89
N SER G 150 -29.85 -0.36 -32.99
CA SER G 150 -28.63 0.35 -32.59
C SER G 150 -27.75 -0.55 -31.73
N GLU G 151 -28.32 -1.66 -31.23
CA GLU G 151 -27.68 -2.54 -30.27
C GLU G 151 -27.62 -3.97 -30.79
N LEU G 152 -28.70 -4.46 -31.42
CA LEU G 152 -28.81 -5.87 -31.75
C LEU G 152 -29.03 -6.05 -33.25
N GLY G 153 -28.41 -7.09 -33.83
CA GLY G 153 -28.51 -7.38 -35.26
C GLY G 153 -29.63 -8.38 -35.53
N ARG G 154 -29.95 -8.56 -36.83
CA ARG G 154 -30.98 -9.51 -37.26
C ARG G 154 -30.83 -9.79 -38.75
N GLU G 155 -31.16 -11.02 -39.17
CA GLU G 155 -31.13 -11.36 -40.59
C GLU G 155 -32.00 -10.37 -41.36
N THR G 156 -31.52 -9.95 -42.55
CA THR G 156 -32.24 -9.19 -43.57
C THR G 156 -32.13 -7.67 -43.36
N VAL G 157 -31.67 -7.20 -42.18
CA VAL G 157 -31.71 -5.78 -41.87
C VAL G 157 -30.30 -5.23 -41.59
N SER G 158 -29.32 -5.68 -42.37
CA SER G 158 -27.94 -5.25 -42.22
C SER G 158 -27.80 -3.74 -42.39
N ALA G 159 -28.29 -3.21 -43.53
CA ALA G 159 -28.17 -1.79 -43.81
C ALA G 159 -28.80 -0.97 -42.69
N TYR G 160 -29.98 -1.42 -42.23
CA TYR G 160 -30.75 -0.69 -41.23
C TYR G 160 -29.98 -0.59 -39.92
N ALA G 161 -29.50 -1.73 -39.43
CA ALA G 161 -28.78 -1.78 -38.16
C ALA G 161 -27.50 -0.95 -38.22
N ALA G 162 -26.80 -1.04 -39.36
CA ALA G 162 -25.58 -0.29 -39.59
C ALA G 162 -25.84 1.20 -39.46
N ALA G 163 -26.95 1.67 -40.03
CA ALA G 163 -27.33 3.07 -39.96
C ALA G 163 -27.71 3.46 -38.53
N LYS G 164 -28.43 2.58 -37.82
CA LYS G 164 -28.94 2.91 -36.49
C LYS G 164 -27.78 2.88 -35.48
N GLY G 165 -26.81 1.98 -35.68
CA GLY G 165 -25.58 1.99 -34.91
C GLY G 165 -24.80 3.28 -35.15
N GLY G 166 -24.76 3.72 -36.42
CA GLY G 166 -24.15 4.97 -36.81
C GLY G 166 -24.85 6.15 -36.16
N LEU G 167 -26.20 6.11 -36.11
CA LEU G 167 -26.98 7.23 -35.61
C LEU G 167 -26.79 7.36 -34.11
N LYS G 168 -26.68 6.23 -33.39
CA LYS G 168 -26.31 6.24 -31.98
C LYS G 168 -25.01 7.01 -31.77
N MET G 169 -23.93 6.68 -32.51
CA MET G 169 -22.66 7.36 -32.32
C MET G 169 -22.73 8.83 -32.78
N LEU G 170 -23.53 9.13 -33.82
CA LEU G 170 -23.69 10.50 -34.24
C LEU G 170 -24.25 11.32 -33.08
N THR G 171 -25.25 10.77 -32.38
CA THR G 171 -25.86 11.40 -31.23
C THR G 171 -24.79 11.72 -30.18
N ARG G 172 -23.94 10.73 -29.89
CA ARG G 172 -22.90 10.88 -28.89
C ARG G 172 -21.89 11.95 -29.32
N ASN G 173 -21.63 12.03 -30.63
CA ASN G 173 -20.66 12.99 -31.15
C ASN G 173 -21.23 14.41 -31.09
N ILE G 174 -22.52 14.56 -31.40
CA ILE G 174 -23.15 15.88 -31.39
C ILE G 174 -23.17 16.42 -29.97
N CYS G 175 -23.52 15.58 -29.00
CA CYS G 175 -23.37 15.90 -27.59
C CYS G 175 -21.95 16.39 -27.32
N SER G 176 -20.95 15.62 -27.79
CA SER G 176 -19.55 15.89 -27.50
C SER G 176 -19.17 17.25 -28.05
N GLU G 177 -19.65 17.54 -29.27
CA GLU G 177 -19.16 18.65 -30.05
C GLU G 177 -19.93 19.94 -29.75
N TYR G 178 -21.21 19.84 -29.39
CA TYR G 178 -22.03 21.04 -29.23
C TYR G 178 -22.60 21.16 -27.82
N GLY G 179 -22.27 20.21 -26.92
CA GLY G 179 -22.75 20.25 -25.54
C GLY G 179 -22.51 21.59 -24.86
N GLU G 180 -21.36 22.21 -25.16
CA GLU G 180 -20.88 23.41 -24.49
C GLU G 180 -21.71 24.64 -24.87
N TYR G 181 -22.53 24.55 -25.92
CA TYR G 181 -23.42 25.62 -26.32
C TYR G 181 -24.79 25.47 -25.65
N ASN G 182 -24.88 24.57 -24.67
CA ASN G 182 -26.12 24.25 -23.99
C ASN G 182 -27.09 23.65 -25.02
N ILE G 183 -26.55 22.78 -25.88
CA ILE G 183 -27.32 21.96 -26.81
C ILE G 183 -27.28 20.53 -26.31
N GLN G 184 -28.45 19.89 -26.22
CA GLN G 184 -28.50 18.50 -25.82
C GLN G 184 -28.97 17.67 -27.00
N CYS G 185 -28.11 16.71 -27.39
CA CYS G 185 -28.46 15.75 -28.42
C CYS G 185 -28.58 14.38 -27.77
N ASN G 186 -29.78 13.79 -27.87
CA ASN G 186 -30.12 12.53 -27.23
C ASN G 186 -30.90 11.64 -28.20
N GLY G 187 -30.97 10.35 -27.84
CA GLY G 187 -31.65 9.34 -28.64
C GLY G 187 -32.89 8.78 -27.95
N ILE G 188 -33.85 8.34 -28.75
CA ILE G 188 -34.94 7.47 -28.30
C ILE G 188 -34.88 6.20 -29.14
N GLY G 189 -34.75 5.08 -28.45
CA GLY G 189 -34.77 3.76 -29.06
C GLY G 189 -36.06 3.03 -28.71
N PRO G 190 -37.06 2.99 -29.63
CA PRO G 190 -38.30 2.28 -29.37
C PRO G 190 -38.13 0.76 -29.35
N GLY G 191 -38.92 0.09 -28.50
CA GLY G 191 -39.04 -1.35 -28.54
C GLY G 191 -40.01 -1.76 -29.66
N TYR G 192 -40.89 -2.73 -29.37
CA TYR G 192 -41.83 -3.20 -30.36
C TYR G 192 -43.12 -2.39 -30.22
N ILE G 193 -43.39 -1.54 -31.22
CA ILE G 193 -44.52 -0.62 -31.22
C ILE G 193 -45.70 -1.27 -31.94
N ALA G 194 -46.87 -1.24 -31.28
CA ALA G 194 -48.11 -1.79 -31.84
C ALA G 194 -48.59 -0.88 -32.97
N THR G 195 -48.24 -1.23 -34.20
CA THR G 195 -48.58 -0.41 -35.34
C THR G 195 -49.67 -1.11 -36.16
N PRO G 196 -50.37 -0.35 -37.05
CA PRO G 196 -51.29 -0.95 -38.02
C PRO G 196 -50.68 -2.06 -38.88
N GLN G 197 -49.45 -1.85 -39.38
CA GLN G 197 -48.86 -2.77 -40.34
C GLN G 197 -48.49 -4.10 -39.67
N THR G 198 -48.35 -4.11 -38.34
CA THR G 198 -48.02 -5.33 -37.62
C THR G 198 -49.26 -5.92 -36.95
N ALA G 199 -50.45 -5.43 -37.31
CA ALA G 199 -51.72 -5.89 -36.76
C ALA G 199 -51.93 -7.38 -37.05
N PRO G 200 -51.57 -7.90 -38.25
CA PRO G 200 -51.66 -9.33 -38.52
C PRO G 200 -50.80 -10.21 -37.60
N LEU G 201 -49.80 -9.62 -36.94
CA LEU G 201 -48.89 -10.40 -36.11
C LEU G 201 -49.45 -10.57 -34.71
N ARG G 202 -50.57 -9.88 -34.41
CA ARG G 202 -51.23 -9.99 -33.12
C ARG G 202 -52.61 -10.63 -33.25
N GLU G 203 -52.94 -11.16 -34.43
CA GLU G 203 -54.23 -11.79 -34.65
C GLU G 203 -54.21 -13.20 -34.08
N PRO G 204 -55.10 -13.54 -33.11
CA PRO G 204 -55.14 -14.88 -32.54
C PRO G 204 -55.24 -16.00 -33.58
N GLN G 205 -54.77 -17.20 -33.21
CA GLN G 205 -54.83 -18.35 -34.09
C GLN G 205 -56.25 -18.96 -34.02
N ARG G 210 -52.37 -17.03 -28.67
CA ARG G 210 -51.77 -15.84 -29.31
C ARG G 210 -51.17 -16.21 -30.66
N HIS G 211 -51.03 -15.23 -31.56
CA HIS G 211 -50.24 -15.40 -32.76
C HIS G 211 -48.82 -15.77 -32.33
N PRO G 212 -48.12 -16.72 -33.00
CA PRO G 212 -46.76 -17.08 -32.60
C PRO G 212 -45.82 -15.90 -32.48
N PHE G 213 -46.01 -14.88 -33.34
CA PHE G 213 -45.19 -13.68 -33.31
C PHE G 213 -45.49 -12.90 -32.03
N ASP G 214 -46.78 -12.67 -31.77
CA ASP G 214 -47.23 -11.95 -30.59
C ASP G 214 -46.73 -12.64 -29.31
N SER G 215 -46.71 -13.98 -29.33
CA SER G 215 -46.25 -14.81 -28.23
C SER G 215 -44.76 -14.59 -27.96
N PHE G 216 -43.97 -14.54 -29.03
CA PHE G 216 -42.53 -14.33 -28.97
C PHE G 216 -42.19 -12.94 -28.43
N ILE G 217 -42.96 -11.93 -28.85
CA ILE G 217 -42.68 -10.57 -28.44
C ILE G 217 -43.05 -10.41 -26.97
N CYS G 218 -44.23 -10.90 -26.57
CA CYS G 218 -44.72 -10.72 -25.21
C CYS G 218 -43.82 -11.46 -24.21
N ALA G 219 -43.22 -12.57 -24.64
CA ALA G 219 -42.31 -13.35 -23.81
C ALA G 219 -40.99 -12.57 -23.62
N LYS G 220 -40.53 -11.93 -24.70
CA LYS G 220 -39.26 -11.21 -24.76
C LYS G 220 -39.31 -9.88 -24.00
N THR G 221 -40.51 -9.39 -23.71
CA THR G 221 -40.70 -8.09 -23.10
C THR G 221 -41.17 -8.26 -21.67
N PRO G 222 -40.37 -7.87 -20.64
CA PRO G 222 -40.84 -7.93 -19.26
C PRO G 222 -42.26 -7.37 -19.07
N ALA G 223 -42.54 -6.24 -19.73
CA ALA G 223 -43.84 -5.58 -19.63
C ALA G 223 -44.95 -6.50 -20.16
N GLY G 224 -44.58 -7.50 -20.96
CA GLY G 224 -45.50 -8.54 -21.40
C GLY G 224 -46.47 -8.06 -22.47
N ARG G 225 -46.02 -7.15 -23.36
CA ARG G 225 -46.92 -6.49 -24.30
C ARG G 225 -46.12 -5.66 -25.30
N TRP G 226 -46.76 -5.35 -26.43
CA TRP G 226 -46.27 -4.36 -27.36
C TRP G 226 -46.51 -2.98 -26.75
N LEU G 227 -45.73 -1.99 -27.20
CA LEU G 227 -45.91 -0.62 -26.73
C LEU G 227 -46.86 0.13 -27.66
N ASP G 228 -47.67 1.01 -27.06
CA ASP G 228 -48.47 1.99 -27.78
C ASP G 228 -47.51 3.05 -28.32
N PRO G 229 -47.68 3.54 -29.57
CA PRO G 229 -46.84 4.63 -30.06
C PRO G 229 -46.79 5.84 -29.13
N GLU G 230 -47.89 6.08 -28.40
CA GLU G 230 -48.00 7.22 -27.50
C GLU G 230 -47.09 7.07 -26.29
N GLU G 231 -46.59 5.85 -26.05
CA GLU G 231 -45.65 5.60 -24.94
C GLU G 231 -44.27 6.17 -25.26
N LEU G 232 -44.05 6.62 -26.50
CA LEU G 232 -42.81 7.28 -26.90
C LEU G 232 -42.88 8.79 -26.67
N THR G 233 -44.09 9.33 -26.42
CA THR G 233 -44.30 10.78 -26.38
C THR G 233 -43.82 11.38 -25.06
N GLY G 234 -44.12 10.72 -23.94
CA GLY G 234 -43.64 11.18 -22.65
C GLY G 234 -42.11 11.34 -22.64
N PRO G 235 -41.36 10.27 -22.99
CA PRO G 235 -39.90 10.35 -23.17
C PRO G 235 -39.42 11.43 -24.13
N ALA G 236 -40.16 11.67 -25.22
CA ALA G 236 -39.79 12.71 -26.17
C ALA G 236 -39.94 14.08 -25.50
N VAL G 237 -41.10 14.32 -24.88
CA VAL G 237 -41.36 15.59 -24.24
C VAL G 237 -40.27 15.85 -23.21
N PHE G 238 -39.95 14.84 -22.39
CA PHE G 238 -38.89 14.95 -21.38
C PHE G 238 -37.57 15.38 -22.01
N LEU G 239 -37.13 14.68 -23.05
CA LEU G 239 -35.83 14.93 -23.66
C LEU G 239 -35.84 16.28 -24.39
N ALA G 240 -37.03 16.77 -24.75
CA ALA G 240 -37.18 18.02 -25.49
C ALA G 240 -37.29 19.22 -24.55
N SER G 241 -37.54 18.96 -23.27
CA SER G 241 -37.86 20.00 -22.31
C SER G 241 -36.61 20.35 -21.49
N GLU G 242 -36.72 21.44 -20.73
CA GLU G 242 -35.62 21.97 -19.92
C GLU G 242 -35.34 21.07 -18.72
N ALA G 243 -36.32 20.25 -18.34
CA ALA G 243 -36.16 19.32 -17.23
C ALA G 243 -35.02 18.31 -17.46
N SER G 244 -34.61 18.12 -18.74
CA SER G 244 -33.59 17.14 -19.11
C SER G 244 -32.30 17.79 -19.61
N ASN G 245 -31.97 19.00 -19.13
CA ASN G 245 -30.86 19.75 -19.69
C ASN G 245 -29.52 19.07 -19.40
N ALA G 246 -29.46 18.28 -18.31
CA ALA G 246 -28.23 17.60 -17.92
C ALA G 246 -28.09 16.23 -18.57
N VAL G 247 -29.11 15.81 -19.34
CA VAL G 247 -29.05 14.56 -20.08
C VAL G 247 -28.53 14.93 -21.46
N ASN G 248 -27.43 14.31 -21.88
CA ASN G 248 -26.80 14.62 -23.16
C ASN G 248 -26.01 13.41 -23.65
N GLY G 249 -26.11 13.12 -24.95
CA GLY G 249 -25.38 12.05 -25.58
C GLY G 249 -25.84 10.69 -25.05
N HIS G 250 -27.13 10.58 -24.76
CA HIS G 250 -27.71 9.41 -24.13
C HIS G 250 -28.84 8.84 -24.99
N ILE G 251 -28.85 7.51 -25.11
CA ILE G 251 -29.90 6.79 -25.82
C ILE G 251 -30.92 6.33 -24.78
N LEU G 252 -32.11 6.96 -24.81
CA LEU G 252 -33.19 6.55 -23.93
C LEU G 252 -33.99 5.45 -24.62
N TYR G 253 -33.69 4.20 -24.28
CA TYR G 253 -34.48 3.06 -24.77
C TYR G 253 -35.83 3.04 -24.06
N VAL G 254 -36.90 2.98 -24.87
CA VAL G 254 -38.27 2.83 -24.42
C VAL G 254 -38.81 1.53 -24.99
N ASP G 255 -38.64 0.43 -24.24
CA ASP G 255 -38.78 -0.91 -24.79
C ASP G 255 -39.48 -1.88 -23.83
N GLY G 256 -39.98 -1.38 -22.70
CA GLY G 256 -40.66 -2.24 -21.74
C GLY G 256 -39.78 -3.39 -21.23
N GLY G 257 -38.45 -3.19 -21.26
CA GLY G 257 -37.52 -4.07 -20.56
C GLY G 257 -36.70 -4.95 -21.49
N ILE G 258 -36.96 -4.94 -22.80
CA ILE G 258 -36.39 -5.95 -23.69
C ILE G 258 -34.88 -6.03 -23.52
N LEU G 259 -34.20 -4.89 -23.60
CA LEU G 259 -32.75 -4.87 -23.68
C LEU G 259 -32.13 -5.22 -22.33
N ALA G 260 -32.93 -5.28 -21.26
CA ALA G 260 -32.40 -5.62 -19.95
C ALA G 260 -32.62 -7.09 -19.61
N TYR G 261 -33.27 -7.85 -20.51
CA TYR G 261 -33.82 -9.17 -20.17
C TYR G 261 -33.28 -10.25 -21.10
N ILE G 262 -32.92 -11.40 -20.51
CA ILE G 262 -32.35 -12.51 -21.26
C ILE G 262 -33.45 -13.26 -22.03
N GLY G 263 -34.71 -13.11 -21.61
CA GLY G 263 -35.84 -13.72 -22.29
C GLY G 263 -36.54 -14.78 -21.44
N LYS G 264 -37.79 -15.09 -21.81
CA LYS G 264 -38.60 -16.11 -21.17
C LYS G 264 -38.24 -17.46 -21.79
N GLN G 265 -37.64 -18.35 -20.98
CA GLN G 265 -37.31 -19.69 -21.43
C GLN G 265 -38.49 -20.61 -21.09
N PRO G 266 -38.60 -21.80 -21.74
CA PRO G 266 -39.66 -22.75 -21.43
C PRO G 266 -39.37 -23.55 -20.15
N GLN H 3 -52.33 11.29 -19.78
CA GLN H 3 -51.87 9.94 -19.38
C GLN H 3 -50.42 9.74 -19.79
N PHE H 4 -50.16 9.78 -21.11
CA PHE H 4 -48.82 9.57 -21.64
C PHE H 4 -47.92 10.78 -21.36
N LEU H 5 -48.53 11.94 -21.09
CA LEU H 5 -47.80 13.16 -20.78
C LEU H 5 -47.96 13.57 -19.31
N ASN H 6 -48.31 12.61 -18.44
CA ASN H 6 -48.52 12.93 -17.04
C ASN H 6 -47.21 12.78 -16.27
N PHE H 7 -46.64 13.92 -15.85
CA PHE H 7 -45.40 13.94 -15.08
C PHE H 7 -45.69 14.13 -13.59
N SER H 8 -46.98 14.17 -13.22
CA SER H 8 -47.40 14.49 -11.87
C SER H 8 -47.39 13.24 -11.00
N LEU H 9 -47.08 13.42 -9.71
CA LEU H 9 -46.98 12.31 -8.76
C LEU H 9 -48.05 12.43 -7.67
N GLU H 10 -49.16 13.13 -7.97
CA GLU H 10 -50.15 13.47 -6.97
C GLU H 10 -50.63 12.20 -6.26
N GLY H 11 -50.57 12.22 -4.93
CA GLY H 11 -51.15 11.16 -4.11
C GLY H 11 -50.23 9.95 -3.95
N LYS H 12 -49.07 9.96 -4.63
CA LYS H 12 -48.16 8.83 -4.61
C LYS H 12 -47.31 8.88 -3.35
N VAL H 13 -47.09 7.72 -2.72
CA VAL H 13 -46.25 7.65 -1.54
C VAL H 13 -44.85 7.27 -1.99
N ALA H 14 -43.84 8.05 -1.56
CA ALA H 14 -42.47 7.88 -2.03
C ALA H 14 -41.51 7.75 -0.84
N LEU H 15 -40.68 6.70 -0.90
CA LEU H 15 -39.57 6.53 0.04
C LEU H 15 -38.27 6.81 -0.70
N VAL H 16 -37.51 7.81 -0.23
CA VAL H 16 -36.15 8.06 -0.69
C VAL H 16 -35.23 7.78 0.50
N THR H 17 -34.34 6.79 0.36
CA THR H 17 -33.50 6.35 1.47
C THR H 17 -32.36 7.35 1.64
N GLY H 18 -32.04 7.64 2.92
CA GLY H 18 -30.90 8.48 3.27
C GLY H 18 -31.03 9.89 2.69
N ALA H 19 -32.26 10.47 2.74
CA ALA H 19 -32.52 11.74 2.09
C ALA H 19 -32.73 12.86 3.11
N SER H 20 -31.85 12.95 4.12
CA SER H 20 -31.88 14.06 5.05
C SER H 20 -31.18 15.28 4.44
N TYR H 21 -30.29 15.02 3.47
CA TYR H 21 -29.62 16.07 2.72
C TYR H 21 -29.24 15.55 1.34
N GLY H 22 -28.60 16.41 0.55
CA GLY H 22 -27.95 16.01 -0.69
C GLY H 22 -28.95 15.65 -1.79
N ILE H 23 -28.52 14.77 -2.69
CA ILE H 23 -29.25 14.46 -3.91
C ILE H 23 -30.59 13.81 -3.55
N GLY H 24 -30.62 12.99 -2.48
CA GLY H 24 -31.84 12.35 -2.03
C GLY H 24 -32.87 13.38 -1.57
N PHE H 25 -32.41 14.37 -0.79
CA PHE H 25 -33.25 15.47 -0.34
C PHE H 25 -33.80 16.22 -1.55
N ALA H 26 -32.95 16.50 -2.53
CA ALA H 26 -33.37 17.20 -3.73
C ALA H 26 -34.47 16.43 -4.47
N ILE H 27 -34.29 15.11 -4.61
CA ILE H 27 -35.25 14.26 -5.31
C ILE H 27 -36.57 14.18 -4.51
N ALA H 28 -36.48 14.02 -3.19
CA ALA H 28 -37.66 13.94 -2.35
C ALA H 28 -38.46 15.26 -2.40
N SER H 29 -37.74 16.39 -2.34
CA SER H 29 -38.35 17.70 -2.43
C SER H 29 -39.12 17.82 -3.75
N ALA H 30 -38.44 17.46 -4.85
CA ALA H 30 -39.07 17.54 -6.16
C ALA H 30 -40.31 16.64 -6.20
N PHE H 31 -40.23 15.49 -5.53
CA PHE H 31 -41.38 14.59 -5.47
C PHE H 31 -42.53 15.33 -4.79
N ALA H 32 -42.26 15.99 -3.65
CA ALA H 32 -43.28 16.74 -2.93
C ALA H 32 -43.91 17.82 -3.81
N GLU H 33 -43.07 18.58 -4.51
CA GLU H 33 -43.51 19.64 -5.41
C GLU H 33 -44.45 19.11 -6.49
N GLN H 34 -44.33 17.82 -6.84
CA GLN H 34 -45.20 17.19 -7.83
C GLN H 34 -46.35 16.43 -7.14
N GLY H 35 -46.50 16.60 -5.83
CA GLY H 35 -47.71 16.19 -5.12
C GLY H 35 -47.61 14.80 -4.52
N ALA H 36 -46.38 14.28 -4.36
CA ALA H 36 -46.17 13.00 -3.69
C ALA H 36 -46.10 13.21 -2.18
N LYS H 37 -46.50 12.17 -1.44
CA LYS H 37 -46.32 12.10 0.00
C LYS H 37 -44.98 11.45 0.31
N VAL H 38 -44.02 12.23 0.83
CA VAL H 38 -42.63 11.82 0.83
C VAL H 38 -42.22 11.27 2.20
N CYS H 39 -41.49 10.16 2.15
CA CYS H 39 -40.86 9.56 3.32
C CYS H 39 -39.35 9.47 3.09
N PHE H 40 -38.57 9.50 4.18
CA PHE H 40 -37.14 9.31 4.12
C PHE H 40 -36.66 8.64 5.42
N ASN H 41 -35.46 8.05 5.35
CA ASN H 41 -34.80 7.50 6.53
C ASN H 41 -33.39 8.06 6.65
N ASP H 42 -32.78 7.85 7.83
CA ASP H 42 -31.34 8.03 8.02
C ASP H 42 -30.93 7.24 9.26
N ILE H 43 -29.66 7.32 9.66
CA ILE H 43 -29.05 6.30 10.50
C ILE H 43 -29.20 6.62 11.98
N ASN H 44 -29.55 7.86 12.33
CA ASN H 44 -29.78 8.21 13.73
C ASN H 44 -30.79 9.34 13.82
N GLN H 45 -31.25 9.64 15.04
CA GLN H 45 -32.35 10.55 15.30
C GLN H 45 -31.98 11.99 14.93
N GLU H 46 -30.72 12.36 15.19
CA GLU H 46 -30.25 13.72 14.94
C GLU H 46 -30.40 14.05 13.46
N LEU H 47 -29.94 13.12 12.61
CA LEU H 47 -29.95 13.34 11.16
C LEU H 47 -31.39 13.37 10.64
N VAL H 48 -32.26 12.55 11.23
CA VAL H 48 -33.67 12.54 10.85
C VAL H 48 -34.32 13.86 11.26
N ASP H 49 -34.05 14.33 12.49
CA ASP H 49 -34.61 15.58 12.98
C ASP H 49 -34.23 16.73 12.03
N LYS H 50 -32.93 16.82 11.69
CA LYS H 50 -32.44 17.88 10.83
C LYS H 50 -33.09 17.78 9.45
N GLY H 51 -33.20 16.57 8.91
CA GLY H 51 -33.84 16.36 7.62
C GLY H 51 -35.31 16.77 7.65
N MET H 52 -35.99 16.47 8.76
CA MET H 52 -37.38 16.83 8.95
C MET H 52 -37.56 18.36 8.97
N ALA H 53 -36.65 19.07 9.64
CA ALA H 53 -36.69 20.52 9.70
C ALA H 53 -36.41 21.11 8.33
N ALA H 54 -35.53 20.44 7.56
CA ALA H 54 -35.13 20.92 6.24
C ALA H 54 -36.32 20.92 5.28
N TYR H 55 -37.12 19.85 5.30
CA TYR H 55 -38.30 19.75 4.45
C TYR H 55 -39.33 20.79 4.89
N ALA H 56 -39.48 20.96 6.22
CA ALA H 56 -40.44 21.90 6.76
C ALA H 56 -40.11 23.33 6.35
N ALA H 57 -38.81 23.65 6.20
CA ALA H 57 -38.37 24.98 5.81
C ALA H 57 -38.78 25.30 4.38
N LYS H 58 -39.02 24.27 3.55
CA LYS H 58 -39.48 24.46 2.18
C LYS H 58 -41.00 24.27 2.08
N GLY H 59 -41.66 24.06 3.22
CA GLY H 59 -43.11 23.96 3.28
C GLY H 59 -43.59 22.53 2.99
N ILE H 60 -42.74 21.54 3.26
CA ILE H 60 -43.04 20.14 3.00
C ILE H 60 -43.11 19.42 4.34
N LYS H 61 -44.24 18.72 4.57
CA LYS H 61 -44.41 17.89 5.75
C LYS H 61 -44.04 16.45 5.38
N ALA H 62 -42.84 16.04 5.78
CA ALA H 62 -42.27 14.76 5.39
C ALA H 62 -42.41 13.77 6.53
N HIS H 63 -42.16 12.49 6.22
CA HIS H 63 -42.19 11.42 7.21
C HIS H 63 -40.79 10.81 7.29
N GLY H 64 -40.15 10.98 8.45
CA GLY H 64 -38.78 10.55 8.69
C GLY H 64 -38.72 9.37 9.66
N TYR H 65 -37.79 8.44 9.42
CA TYR H 65 -37.61 7.27 10.26
C TYR H 65 -36.12 7.00 10.45
N VAL H 66 -35.75 6.63 11.68
CA VAL H 66 -34.42 6.11 11.97
C VAL H 66 -34.38 4.63 11.56
N CYS H 67 -33.55 4.32 10.56
CA CYS H 67 -33.49 2.97 10.03
C CYS H 67 -32.12 2.73 9.38
N ASP H 68 -31.60 1.52 9.64
CA ASP H 68 -30.40 1.03 9.01
C ASP H 68 -30.84 0.06 7.92
N VAL H 69 -30.59 0.44 6.66
CA VAL H 69 -31.20 -0.21 5.51
C VAL H 69 -30.61 -1.60 5.27
N THR H 70 -29.47 -1.92 5.92
CA THR H 70 -28.89 -3.25 5.84
C THR H 70 -29.55 -4.17 6.86
N ASP H 71 -30.32 -3.59 7.79
CA ASP H 71 -30.99 -4.36 8.83
C ASP H 71 -32.40 -4.70 8.36
N GLU H 72 -32.59 -5.93 7.87
CA GLU H 72 -33.82 -6.31 7.17
C GLU H 72 -35.02 -6.18 8.10
N PRO H 73 -34.99 -6.74 9.34
CA PRO H 73 -36.04 -6.48 10.32
C PRO H 73 -36.44 -5.02 10.47
N ALA H 74 -35.44 -4.13 10.58
CA ALA H 74 -35.70 -2.70 10.68
C ALA H 74 -36.43 -2.18 9.44
N VAL H 75 -35.98 -2.61 8.25
CA VAL H 75 -36.54 -2.13 7.00
C VAL H 75 -37.98 -2.61 6.88
N GLN H 76 -38.22 -3.89 7.20
CA GLN H 76 -39.55 -4.45 7.22
C GLN H 76 -40.48 -3.61 8.11
N ALA H 77 -39.99 -3.23 9.30
CA ALA H 77 -40.79 -2.47 10.25
C ALA H 77 -41.07 -1.07 9.71
N MET H 78 -40.04 -0.41 9.16
CA MET H 78 -40.20 0.93 8.62
C MET H 78 -41.28 0.93 7.56
N VAL H 79 -41.23 -0.04 6.63
CA VAL H 79 -42.14 -0.09 5.50
C VAL H 79 -43.58 -0.24 6.01
N ALA H 80 -43.75 -1.08 7.05
CA ALA H 80 -45.05 -1.39 7.62
C ALA H 80 -45.63 -0.18 8.36
N THR H 81 -44.76 0.61 9.00
CA THR H 81 -45.19 1.84 9.66
C THR H 81 -45.61 2.86 8.60
N ILE H 82 -44.93 2.85 7.45
CA ILE H 82 -45.21 3.79 6.39
C ILE H 82 -46.57 3.47 5.78
N ALA H 83 -46.81 2.17 5.53
CA ALA H 83 -48.09 1.70 5.02
C ALA H 83 -49.22 2.12 5.95
N LYS H 84 -48.93 2.20 7.25
CA LYS H 84 -49.89 2.58 8.26
C LYS H 84 -50.14 4.09 8.24
N GLU H 85 -49.06 4.87 8.40
CA GLU H 85 -49.17 6.30 8.69
C GLU H 85 -49.40 7.14 7.44
N VAL H 86 -49.07 6.59 6.26
CA VAL H 86 -49.06 7.35 5.03
C VAL H 86 -49.83 6.61 3.93
N GLY H 87 -49.44 5.36 3.68
CA GLY H 87 -49.96 4.58 2.57
C GLY H 87 -48.86 3.68 2.02
N THR H 88 -49.24 2.61 1.30
CA THR H 88 -48.28 1.67 0.76
C THR H 88 -47.40 2.42 -0.24
N ILE H 89 -46.10 2.08 -0.24
CA ILE H 89 -45.10 2.83 -1.00
C ILE H 89 -45.35 2.61 -2.49
N ASP H 90 -45.42 3.72 -3.24
CA ASP H 90 -45.64 3.70 -4.68
C ASP H 90 -44.32 3.87 -5.42
N ILE H 91 -43.40 4.65 -4.83
CA ILE H 91 -42.13 5.01 -5.44
C ILE H 91 -41.01 4.77 -4.43
N LEU H 92 -40.12 3.79 -4.70
CA LEU H 92 -38.91 3.63 -3.90
C LEU H 92 -37.74 4.25 -4.68
N VAL H 93 -36.88 4.99 -3.96
CA VAL H 93 -35.62 5.49 -4.49
C VAL H 93 -34.51 4.99 -3.57
N ASN H 94 -33.72 4.01 -4.06
CA ASN H 94 -32.57 3.51 -3.34
C ASN H 94 -31.39 4.45 -3.54
N ASN H 95 -31.18 5.31 -2.54
CA ASN H 95 -30.28 6.45 -2.62
C ASN H 95 -29.20 6.35 -1.54
N ALA H 96 -29.56 5.83 -0.35
CA ALA H 96 -28.63 5.72 0.75
C ALA H 96 -27.43 4.87 0.35
N GLY H 97 -26.22 5.36 0.64
CA GLY H 97 -24.99 4.68 0.26
C GLY H 97 -23.75 5.36 0.83
N ILE H 98 -22.62 4.65 0.76
CA ILE H 98 -21.35 5.15 1.27
C ILE H 98 -20.29 4.96 0.19
N ILE H 99 -19.21 5.75 0.27
CA ILE H 99 -18.04 5.53 -0.56
C ILE H 99 -16.82 5.39 0.35
N ARG H 100 -15.94 4.46 -0.02
CA ARG H 100 -14.61 4.36 0.56
C ARG H 100 -13.59 4.53 -0.55
N ARG H 101 -12.41 5.03 -0.18
CA ARG H 101 -11.29 5.11 -1.10
C ARG H 101 -10.08 4.41 -0.46
N VAL H 102 -9.69 3.26 -1.02
CA VAL H 102 -8.48 2.58 -0.58
C VAL H 102 -7.97 1.68 -1.70
N PRO H 103 -6.64 1.65 -1.97
CA PRO H 103 -6.08 0.68 -2.91
C PRO H 103 -6.56 -0.75 -2.63
N MET H 104 -6.97 -1.47 -3.68
CA MET H 104 -7.76 -2.68 -3.52
C MET H 104 -6.96 -3.71 -2.73
N HIS H 105 -5.68 -3.85 -3.05
CA HIS H 105 -4.86 -4.88 -2.43
C HIS H 105 -4.64 -4.56 -0.94
N GLU H 106 -4.84 -3.30 -0.53
CA GLU H 106 -4.71 -2.89 0.86
C GLU H 106 -6.03 -2.95 1.62
N MET H 107 -7.16 -3.18 0.93
CA MET H 107 -8.47 -2.97 1.55
C MET H 107 -8.81 -4.15 2.45
N ASP H 108 -9.23 -3.86 3.69
CA ASP H 108 -9.76 -4.85 4.60
C ASP H 108 -10.96 -5.55 3.99
N ALA H 109 -11.04 -6.87 4.16
CA ALA H 109 -12.14 -7.65 3.61
C ALA H 109 -13.47 -7.17 4.20
N ALA H 110 -13.46 -6.83 5.50
CA ALA H 110 -14.65 -6.32 6.17
C ALA H 110 -15.08 -4.95 5.61
N ASP H 111 -14.11 -4.12 5.21
CA ASP H 111 -14.37 -2.81 4.62
C ASP H 111 -15.00 -2.98 3.22
N PHE H 112 -14.38 -3.82 2.38
CA PHE H 112 -14.92 -4.15 1.07
C PHE H 112 -16.38 -4.58 1.22
N ARG H 113 -16.63 -5.50 2.19
CA ARG H 113 -17.93 -6.10 2.39
C ARG H 113 -18.97 -5.06 2.84
N ARG H 114 -18.57 -4.10 3.68
CA ARG H 114 -19.49 -3.11 4.20
C ARG H 114 -20.04 -2.24 3.07
N VAL H 115 -19.17 -1.86 2.13
CA VAL H 115 -19.58 -1.07 0.98
C VAL H 115 -20.60 -1.86 0.14
N ILE H 116 -20.33 -3.13 -0.11
CA ILE H 116 -21.23 -3.97 -0.90
C ILE H 116 -22.59 -4.05 -0.21
N ASP H 117 -22.59 -4.21 1.12
CA ASP H 117 -23.80 -4.44 1.89
C ASP H 117 -24.71 -3.20 1.86
N ILE H 118 -24.12 -2.01 1.94
CA ILE H 118 -24.90 -0.77 1.96
C ILE H 118 -25.30 -0.38 0.54
N ASP H 119 -24.41 -0.63 -0.43
CA ASP H 119 -24.58 -0.07 -1.78
C ASP H 119 -25.22 -1.06 -2.73
N LEU H 120 -25.22 -2.36 -2.42
CA LEU H 120 -25.83 -3.36 -3.28
C LEU H 120 -26.88 -4.20 -2.54
N ASN H 121 -26.51 -4.77 -1.40
CA ASN H 121 -27.40 -5.67 -0.67
C ASN H 121 -28.61 -4.90 -0.14
N ALA H 122 -28.38 -3.69 0.40
CA ALA H 122 -29.44 -2.93 1.02
C ALA H 122 -30.50 -2.52 0.00
N PRO H 123 -30.15 -1.96 -1.17
CA PRO H 123 -31.14 -1.78 -2.25
C PRO H 123 -32.01 -3.00 -2.54
N PHE H 124 -31.44 -4.21 -2.44
CA PHE H 124 -32.21 -5.43 -2.59
C PHE H 124 -33.19 -5.57 -1.42
N ILE H 125 -32.68 -5.36 -0.19
CA ILE H 125 -33.49 -5.53 1.00
C ILE H 125 -34.73 -4.66 0.93
N VAL H 126 -34.55 -3.37 0.61
CA VAL H 126 -35.65 -2.41 0.63
C VAL H 126 -36.60 -2.75 -0.51
N ALA H 127 -36.05 -2.96 -1.72
CA ALA H 127 -36.84 -3.37 -2.88
C ALA H 127 -37.69 -4.58 -2.53
N LYS H 128 -37.07 -5.61 -1.93
CA LYS H 128 -37.76 -6.82 -1.53
C LYS H 128 -38.97 -6.49 -0.65
N ALA H 129 -38.83 -5.51 0.25
CA ALA H 129 -39.86 -5.22 1.24
C ALA H 129 -41.03 -4.43 0.65
N VAL H 130 -40.82 -3.65 -0.42
CA VAL H 130 -41.87 -2.81 -0.99
C VAL H 130 -42.61 -3.51 -2.14
N LEU H 131 -42.05 -4.59 -2.69
CA LEU H 131 -42.55 -5.19 -3.92
C LEU H 131 -43.91 -5.87 -3.74
N PRO H 132 -44.22 -6.57 -2.63
CA PRO H 132 -45.52 -7.22 -2.48
C PRO H 132 -46.71 -6.29 -2.72
N ALA H 133 -46.74 -5.14 -2.03
CA ALA H 133 -47.82 -4.17 -2.17
C ALA H 133 -47.89 -3.62 -3.60
N MET H 134 -46.73 -3.42 -4.24
CA MET H 134 -46.69 -2.96 -5.62
C MET H 134 -47.26 -4.00 -6.57
N MET H 135 -46.97 -5.28 -6.31
CA MET H 135 -47.47 -6.38 -7.12
C MET H 135 -48.99 -6.47 -7.00
N GLU H 136 -49.51 -6.21 -5.79
CA GLU H 136 -50.93 -6.30 -5.51
C GLU H 136 -51.69 -5.19 -6.25
N LYS H 137 -51.16 -3.97 -6.27
CA LYS H 137 -51.85 -2.86 -6.92
C LYS H 137 -51.50 -2.80 -8.42
N ARG H 138 -50.56 -3.64 -8.86
CA ARG H 138 -50.15 -3.69 -10.26
C ARG H 138 -49.64 -2.32 -10.68
N ALA H 139 -48.80 -1.70 -9.83
CA ALA H 139 -48.22 -0.40 -10.11
C ALA H 139 -47.11 -0.11 -9.11
N GLY H 140 -45.97 0.37 -9.62
CA GLY H 140 -44.85 0.75 -8.75
C GLY H 140 -43.68 1.30 -9.56
N LYS H 141 -42.81 2.05 -8.87
CA LYS H 141 -41.55 2.53 -9.44
C LYS H 141 -40.44 2.28 -8.43
N ILE H 142 -39.37 1.62 -8.88
CA ILE H 142 -38.14 1.50 -8.12
C ILE H 142 -37.04 2.18 -8.92
N ILE H 143 -36.37 3.16 -8.31
CA ILE H 143 -35.34 3.96 -8.96
C ILE H 143 -34.04 3.82 -8.15
N ASN H 144 -33.02 3.22 -8.77
CA ASN H 144 -31.76 2.97 -8.08
C ASN H 144 -30.73 4.03 -8.50
N ILE H 145 -30.13 4.68 -7.50
CA ILE H 145 -29.11 5.69 -7.76
C ILE H 145 -27.79 4.99 -8.02
N CYS H 146 -27.44 4.90 -9.31
CA CYS H 146 -26.21 4.24 -9.73
C CYS H 146 -25.07 5.25 -9.74
N SER H 147 -24.17 5.15 -10.71
CA SER H 147 -22.92 5.88 -10.69
C SER H 147 -22.32 5.81 -12.09
N MET H 148 -21.37 6.70 -12.37
CA MET H 148 -20.50 6.49 -13.50
C MET H 148 -19.63 5.27 -13.23
N MET H 149 -19.46 4.94 -11.93
CA MET H 149 -18.78 3.74 -11.51
C MET H 149 -19.63 2.49 -11.74
N SER H 150 -20.84 2.64 -12.30
CA SER H 150 -21.56 1.51 -12.90
C SER H 150 -20.94 1.11 -14.22
N GLU H 151 -20.18 2.03 -14.87
CA GLU H 151 -19.61 1.79 -16.19
C GLU H 151 -18.08 1.81 -16.17
N LEU H 152 -17.48 2.71 -15.37
CA LEU H 152 -16.05 2.97 -15.44
C LEU H 152 -15.40 2.80 -14.06
N GLY H 153 -14.17 2.28 -14.03
CA GLY H 153 -13.44 2.07 -12.79
C GLY H 153 -12.42 3.17 -12.50
N ARG H 154 -11.82 3.12 -11.30
CA ARG H 154 -10.77 4.05 -10.91
C ARG H 154 -10.06 3.51 -9.67
N GLU H 155 -8.78 3.85 -9.55
CA GLU H 155 -8.00 3.47 -8.37
C GLU H 155 -8.73 3.91 -7.11
N THR H 156 -8.63 3.07 -6.07
CA THR H 156 -9.13 3.29 -4.72
C THR H 156 -10.63 3.00 -4.56
N VAL H 157 -11.40 2.87 -5.65
CA VAL H 157 -12.85 2.72 -5.49
C VAL H 157 -13.34 1.38 -6.04
N SER H 158 -12.57 0.31 -5.80
CA SER H 158 -12.95 -1.02 -6.29
C SER H 158 -14.29 -1.46 -5.70
N ALA H 159 -14.44 -1.31 -4.37
CA ALA H 159 -15.63 -1.77 -3.70
C ALA H 159 -16.85 -1.01 -4.23
N TYR H 160 -16.68 0.31 -4.42
CA TYR H 160 -17.74 1.20 -4.90
C TYR H 160 -18.17 0.82 -6.31
N ALA H 161 -17.20 0.55 -7.19
CA ALA H 161 -17.47 0.20 -8.57
C ALA H 161 -18.19 -1.16 -8.64
N ALA H 162 -17.70 -2.13 -7.87
CA ALA H 162 -18.31 -3.45 -7.78
C ALA H 162 -19.78 -3.33 -7.37
N ALA H 163 -20.04 -2.52 -6.34
CA ALA H 163 -21.38 -2.31 -5.83
C ALA H 163 -22.27 -1.70 -6.92
N LYS H 164 -21.81 -0.61 -7.53
CA LYS H 164 -22.62 0.13 -8.48
C LYS H 164 -22.85 -0.66 -9.77
N GLY H 165 -21.84 -1.44 -10.21
CA GLY H 165 -22.00 -2.37 -11.31
C GLY H 165 -23.04 -3.45 -10.99
N GLY H 166 -23.08 -3.88 -9.73
CA GLY H 166 -24.09 -4.81 -9.25
C GLY H 166 -25.49 -4.19 -9.23
N LEU H 167 -25.58 -2.94 -8.75
CA LEU H 167 -26.86 -2.25 -8.66
C LEU H 167 -27.43 -2.09 -10.07
N LYS H 168 -26.57 -1.78 -11.05
CA LYS H 168 -26.98 -1.68 -12.44
C LYS H 168 -27.69 -2.97 -12.88
N MET H 169 -27.10 -4.14 -12.57
CA MET H 169 -27.66 -5.41 -13.00
C MET H 169 -28.85 -5.82 -12.13
N LEU H 170 -28.88 -5.38 -10.87
CA LEU H 170 -30.03 -5.59 -10.01
C LEU H 170 -31.26 -4.87 -10.57
N THR H 171 -31.04 -3.62 -11.04
CA THR H 171 -32.07 -2.79 -11.69
C THR H 171 -32.67 -3.52 -12.88
N ARG H 172 -31.79 -4.04 -13.75
CA ARG H 172 -32.21 -4.78 -14.94
C ARG H 172 -32.96 -6.05 -14.54
N ASN H 173 -32.54 -6.69 -13.44
CA ASN H 173 -33.13 -7.96 -13.05
C ASN H 173 -34.52 -7.74 -12.49
N ILE H 174 -34.70 -6.69 -11.67
CA ILE H 174 -35.99 -6.37 -11.11
C ILE H 174 -36.96 -6.02 -12.23
N CYS H 175 -36.47 -5.30 -13.24
CA CYS H 175 -37.25 -5.04 -14.45
C CYS H 175 -37.70 -6.37 -15.05
N SER H 176 -36.73 -7.27 -15.28
CA SER H 176 -36.98 -8.57 -15.86
C SER H 176 -38.05 -9.32 -15.09
N GLU H 177 -37.95 -9.30 -13.75
CA GLU H 177 -38.71 -10.19 -12.89
C GLU H 177 -40.10 -9.62 -12.55
N TYR H 178 -40.23 -8.28 -12.51
CA TYR H 178 -41.45 -7.65 -11.99
C TYR H 178 -42.11 -6.71 -12.99
N GLY H 179 -41.56 -6.62 -14.21
CA GLY H 179 -42.11 -5.74 -15.23
C GLY H 179 -43.56 -6.12 -15.57
N GLU H 180 -43.87 -7.40 -15.51
CA GLU H 180 -45.17 -7.91 -15.92
C GLU H 180 -46.28 -7.41 -14.99
N TYR H 181 -45.94 -6.98 -13.77
CA TYR H 181 -46.92 -6.48 -12.81
C TYR H 181 -47.13 -4.98 -12.98
N ASN H 182 -46.66 -4.42 -14.11
CA ASN H 182 -46.66 -2.99 -14.33
C ASN H 182 -45.81 -2.29 -13.26
N ILE H 183 -44.63 -2.85 -12.99
CA ILE H 183 -43.64 -2.18 -12.15
C ILE H 183 -42.45 -1.84 -13.03
N GLN H 184 -41.94 -0.62 -12.88
CA GLN H 184 -40.78 -0.20 -13.65
C GLN H 184 -39.61 0.00 -12.68
N CYS H 185 -38.51 -0.71 -12.95
CA CYS H 185 -37.29 -0.48 -12.21
C CYS H 185 -36.23 0.11 -13.13
N ASN H 186 -35.76 1.32 -12.76
CA ASN H 186 -34.81 2.06 -13.56
C ASN H 186 -33.71 2.63 -12.66
N GLY H 187 -32.66 3.14 -13.30
CA GLY H 187 -31.53 3.73 -12.60
C GLY H 187 -31.30 5.18 -13.03
N ILE H 188 -30.75 5.96 -12.10
CA ILE H 188 -30.15 7.26 -12.40
C ILE H 188 -28.66 7.20 -12.10
N GLY H 189 -27.86 7.49 -13.12
CA GLY H 189 -26.42 7.59 -12.99
C GLY H 189 -25.97 9.05 -13.04
N PRO H 190 -25.69 9.71 -11.89
CA PRO H 190 -25.22 11.08 -11.89
C PRO H 190 -23.82 11.23 -12.46
N GLY H 191 -23.57 12.38 -13.10
CA GLY H 191 -22.22 12.82 -13.43
C GLY H 191 -21.59 13.50 -12.21
N TYR H 192 -20.84 14.59 -12.46
CA TYR H 192 -20.18 15.28 -11.37
C TYR H 192 -21.14 16.34 -10.83
N ILE H 193 -21.49 16.18 -9.53
CA ILE H 193 -22.52 16.97 -8.88
C ILE H 193 -21.86 18.00 -7.96
N ALA H 194 -22.21 19.27 -8.16
CA ALA H 194 -21.69 20.36 -7.34
C ALA H 194 -22.38 20.34 -5.97
N THR H 195 -21.82 19.55 -5.05
CA THR H 195 -22.35 19.42 -3.70
C THR H 195 -21.58 20.33 -2.75
N PRO H 196 -22.08 20.54 -1.50
CA PRO H 196 -21.27 21.16 -0.45
C PRO H 196 -19.95 20.45 -0.18
N GLN H 197 -19.95 19.11 -0.26
CA GLN H 197 -18.81 18.30 0.15
C GLN H 197 -17.65 18.44 -0.85
N THR H 198 -17.95 18.85 -2.10
CA THR H 198 -16.95 18.94 -3.15
C THR H 198 -16.74 20.41 -3.57
N ALA H 199 -17.17 21.36 -2.73
CA ALA H 199 -16.91 22.77 -2.92
C ALA H 199 -15.42 23.10 -2.89
N PRO H 200 -14.58 22.41 -2.07
CA PRO H 200 -13.14 22.66 -2.05
C PRO H 200 -12.39 22.36 -3.35
N LEU H 201 -13.00 21.54 -4.22
CA LEU H 201 -12.40 21.17 -5.48
C LEU H 201 -12.77 22.19 -6.56
N ARG H 202 -13.64 23.15 -6.21
CA ARG H 202 -14.02 24.22 -7.14
C ARG H 202 -13.47 25.56 -6.67
N GLU H 203 -12.61 25.55 -5.64
CA GLU H 203 -12.05 26.78 -5.10
C GLU H 203 -11.03 27.35 -6.07
N PRO H 204 -11.22 28.59 -6.57
CA PRO H 204 -10.16 29.28 -7.30
C PRO H 204 -9.02 29.73 -6.39
N ARG H 210 -8.80 28.54 -12.12
CA ARG H 210 -9.64 27.36 -11.75
C ARG H 210 -8.80 26.37 -10.95
N HIS H 211 -9.43 25.77 -9.93
CA HIS H 211 -8.87 24.61 -9.25
C HIS H 211 -8.52 23.56 -10.32
N PRO H 212 -7.33 22.90 -10.26
CA PRO H 212 -6.95 21.98 -11.33
C PRO H 212 -7.92 20.81 -11.50
N PHE H 213 -8.59 20.41 -10.40
CA PHE H 213 -9.60 19.38 -10.44
C PHE H 213 -10.87 19.90 -11.13
N ASP H 214 -11.21 21.17 -10.89
CA ASP H 214 -12.39 21.79 -11.49
C ASP H 214 -12.20 21.97 -13.00
N SER H 215 -10.98 22.34 -13.40
CA SER H 215 -10.58 22.39 -14.80
C SER H 215 -10.72 21.01 -15.44
N PHE H 216 -10.31 19.98 -14.70
CA PHE H 216 -10.37 18.62 -15.18
C PHE H 216 -11.82 18.24 -15.47
N ILE H 217 -12.72 18.47 -14.51
CA ILE H 217 -14.11 18.06 -14.61
C ILE H 217 -14.77 18.79 -15.78
N CYS H 218 -14.55 20.11 -15.86
CA CYS H 218 -15.08 20.93 -16.93
C CYS H 218 -14.51 20.48 -18.28
N ALA H 219 -13.22 20.11 -18.32
CA ALA H 219 -12.63 19.64 -19.57
C ALA H 219 -13.35 18.39 -20.06
N LYS H 220 -13.63 17.45 -19.13
CA LYS H 220 -14.19 16.15 -19.44
C LYS H 220 -15.66 16.22 -19.86
N THR H 221 -16.39 17.22 -19.34
CA THR H 221 -17.83 17.30 -19.53
C THR H 221 -18.12 18.14 -20.79
N PRO H 222 -18.87 17.61 -21.78
CA PRO H 222 -19.40 18.43 -22.87
C PRO H 222 -20.17 19.68 -22.42
N ALA H 223 -20.91 19.57 -21.32
CA ALA H 223 -21.68 20.70 -20.79
C ALA H 223 -20.78 21.80 -20.24
N GLY H 224 -19.52 21.45 -19.95
CA GLY H 224 -18.48 22.41 -19.60
C GLY H 224 -18.57 22.87 -18.15
N ARG H 225 -19.33 22.16 -17.31
CA ARG H 225 -19.63 22.60 -15.96
C ARG H 225 -19.95 21.39 -15.09
N TRP H 226 -20.01 21.61 -13.77
CA TRP H 226 -20.59 20.66 -12.83
C TRP H 226 -22.10 20.74 -12.94
N LEU H 227 -22.78 19.66 -12.55
CA LEU H 227 -24.24 19.63 -12.54
C LEU H 227 -24.74 20.03 -11.15
N ASP H 228 -25.73 20.92 -11.12
CA ASP H 228 -26.46 21.20 -9.88
C ASP H 228 -27.22 19.93 -9.50
N PRO H 229 -27.28 19.57 -8.19
CA PRO H 229 -28.10 18.46 -7.73
C PRO H 229 -29.55 18.43 -8.23
N GLU H 230 -30.16 19.62 -8.40
CA GLU H 230 -31.55 19.73 -8.81
C GLU H 230 -31.71 19.27 -10.27
N GLU H 231 -30.60 19.20 -11.01
CA GLU H 231 -30.61 18.76 -12.40
C GLU H 231 -30.92 17.27 -12.51
N LEU H 232 -30.87 16.54 -11.38
CA LEU H 232 -31.23 15.13 -11.32
C LEU H 232 -32.72 14.93 -11.07
N THR H 233 -33.46 15.99 -10.69
CA THR H 233 -34.82 15.86 -10.19
C THR H 233 -35.81 15.73 -11.35
N GLY H 234 -35.56 16.50 -12.42
CA GLY H 234 -36.34 16.33 -13.64
C GLY H 234 -36.37 14.88 -14.10
N PRO H 235 -35.20 14.22 -14.30
CA PRO H 235 -35.13 12.80 -14.63
C PRO H 235 -35.78 11.87 -13.61
N ALA H 236 -35.65 12.19 -12.32
CA ALA H 236 -36.21 11.38 -11.26
C ALA H 236 -37.74 11.40 -11.31
N VAL H 237 -38.32 12.59 -11.43
CA VAL H 237 -39.75 12.76 -11.58
C VAL H 237 -40.25 12.02 -12.82
N PHE H 238 -39.51 12.14 -13.92
CA PHE H 238 -39.88 11.46 -15.17
C PHE H 238 -40.00 9.97 -14.89
N LEU H 239 -38.94 9.37 -14.34
CA LEU H 239 -38.88 7.93 -14.12
C LEU H 239 -39.91 7.48 -13.09
N ALA H 240 -40.33 8.38 -12.19
CA ALA H 240 -41.33 8.09 -11.17
C ALA H 240 -42.76 8.29 -11.67
N SER H 241 -42.94 8.93 -12.84
CA SER H 241 -44.27 9.30 -13.33
C SER H 241 -44.74 8.32 -14.40
N GLU H 242 -46.05 8.44 -14.72
CA GLU H 242 -46.71 7.59 -15.69
C GLU H 242 -46.17 7.84 -17.10
N ALA H 243 -45.55 9.00 -17.32
CA ALA H 243 -44.97 9.35 -18.61
C ALA H 243 -43.93 8.31 -19.07
N SER H 244 -43.28 7.61 -18.12
CA SER H 244 -42.16 6.73 -18.42
C SER H 244 -42.51 5.27 -18.16
N ASN H 245 -43.78 4.88 -18.29
CA ASN H 245 -44.20 3.54 -17.91
C ASN H 245 -43.60 2.49 -18.84
N ALA H 246 -43.23 2.90 -20.07
CA ALA H 246 -42.65 1.98 -21.04
C ALA H 246 -41.13 1.87 -20.87
N VAL H 247 -40.55 2.72 -20.02
CA VAL H 247 -39.12 2.71 -19.74
C VAL H 247 -38.91 1.82 -18.53
N ASN H 248 -38.05 0.80 -18.69
CA ASN H 248 -37.90 -0.25 -17.69
C ASN H 248 -36.56 -0.95 -17.89
N GLY H 249 -35.85 -1.21 -16.78
CA GLY H 249 -34.54 -1.86 -16.80
C GLY H 249 -33.47 -0.96 -17.41
N HIS H 250 -33.66 0.35 -17.30
CA HIS H 250 -32.87 1.33 -18.02
C HIS H 250 -32.11 2.22 -17.06
N ILE H 251 -30.83 2.45 -17.35
CA ILE H 251 -29.99 3.35 -16.57
C ILE H 251 -29.93 4.70 -17.28
N LEU H 252 -30.63 5.69 -16.72
CA LEU H 252 -30.66 7.03 -17.27
C LEU H 252 -29.47 7.81 -16.70
N TYR H 253 -28.39 7.91 -17.47
CA TYR H 253 -27.22 8.68 -17.09
C TYR H 253 -27.52 10.17 -17.24
N VAL H 254 -27.28 10.93 -16.17
CA VAL H 254 -27.45 12.38 -16.18
C VAL H 254 -26.09 13.00 -15.86
N ASP H 255 -25.24 13.17 -16.88
CA ASP H 255 -23.83 13.43 -16.66
C ASP H 255 -23.29 14.58 -17.52
N GLY H 256 -24.19 15.36 -18.13
CA GLY H 256 -23.76 16.45 -19.00
C GLY H 256 -22.94 15.98 -20.21
N GLY H 257 -22.95 14.67 -20.47
CA GLY H 257 -22.36 14.13 -21.69
C GLY H 257 -21.08 13.30 -21.46
N ILE H 258 -20.63 13.17 -20.20
CA ILE H 258 -19.32 12.59 -19.90
C ILE H 258 -19.16 11.21 -20.54
N LEU H 259 -20.14 10.33 -20.38
CA LEU H 259 -19.98 8.95 -20.82
C LEU H 259 -19.99 8.86 -22.34
N ALA H 260 -20.45 9.91 -23.04
CA ALA H 260 -20.50 9.91 -24.49
C ALA H 260 -19.21 10.46 -25.12
N TYR H 261 -18.32 11.04 -24.31
CA TYR H 261 -17.25 11.88 -24.82
C TYR H 261 -15.88 11.32 -24.47
N ILE H 262 -14.98 11.26 -25.45
CA ILE H 262 -13.68 10.65 -25.25
C ILE H 262 -12.80 11.58 -24.40
N GLY H 263 -13.08 12.89 -24.44
CA GLY H 263 -12.37 13.85 -23.60
C GLY H 263 -11.76 14.98 -24.44
N LYS H 264 -11.36 16.05 -23.75
CA LYS H 264 -10.74 17.21 -24.39
C LYS H 264 -9.23 16.97 -24.47
N GLN H 265 -8.73 16.73 -25.69
CA GLN H 265 -7.32 16.46 -25.87
C GLN H 265 -6.61 17.78 -26.22
N PRO H 266 -5.34 17.95 -25.80
CA PRO H 266 -4.56 19.14 -26.15
C PRO H 266 -4.09 19.15 -27.61
#